data_1Z6N
# 
_entry.id   1Z6N 
# 
_audit_conform.dict_name       mmcif_pdbx.dic 
_audit_conform.dict_version    5.387 
_audit_conform.dict_location   http://mmcif.pdb.org/dictionaries/ascii/mmcif_pdbx.dic 
# 
loop_
_database_2.database_id 
_database_2.database_code 
_database_2.pdbx_database_accession 
_database_2.pdbx_DOI 
PDB   1Z6N         pdb_00001z6n 10.2210/pdb1z6n/pdb 
RCSB  RCSB032364   ?            ?                   
WWPDB D_1000032364 ?            ?                   
# 
loop_
_pdbx_audit_revision_history.ordinal 
_pdbx_audit_revision_history.data_content_type 
_pdbx_audit_revision_history.major_revision 
_pdbx_audit_revision_history.minor_revision 
_pdbx_audit_revision_history.revision_date 
1 'Structure model' 1 0 2005-05-03 
2 'Structure model' 1 1 2008-04-30 
3 'Structure model' 1 2 2011-07-13 
4 'Structure model' 1 3 2024-02-14 
# 
_pdbx_audit_revision_details.ordinal             1 
_pdbx_audit_revision_details.revision_ordinal    1 
_pdbx_audit_revision_details.data_content_type   'Structure model' 
_pdbx_audit_revision_details.provider            repository 
_pdbx_audit_revision_details.type                'Initial release' 
_pdbx_audit_revision_details.description         ? 
_pdbx_audit_revision_details.details             ? 
# 
loop_
_pdbx_audit_revision_group.ordinal 
_pdbx_audit_revision_group.revision_ordinal 
_pdbx_audit_revision_group.data_content_type 
_pdbx_audit_revision_group.group 
1 2 'Structure model' 'Version format compliance' 
2 3 'Structure model' Advisory                    
3 3 'Structure model' 'Source and taxonomy'       
4 3 'Structure model' 'Version format compliance' 
5 4 'Structure model' 'Data collection'           
6 4 'Structure model' 'Database references'       
7 4 'Structure model' 'Derived calculations'      
# 
loop_
_pdbx_audit_revision_category.ordinal 
_pdbx_audit_revision_category.revision_ordinal 
_pdbx_audit_revision_category.data_content_type 
_pdbx_audit_revision_category.category 
1 4 'Structure model' chem_comp_atom         
2 4 'Structure model' chem_comp_bond         
3 4 'Structure model' database_2             
4 4 'Structure model' pdbx_struct_conn_angle 
5 4 'Structure model' struct_conn            
6 4 'Structure model' struct_site            
# 
loop_
_pdbx_audit_revision_item.ordinal 
_pdbx_audit_revision_item.revision_ordinal 
_pdbx_audit_revision_item.data_content_type 
_pdbx_audit_revision_item.item 
1  4 'Structure model' '_database_2.pdbx_DOI'                      
2  4 'Structure model' '_database_2.pdbx_database_accession'       
3  4 'Structure model' '_pdbx_struct_conn_angle.ptnr1_auth_seq_id' 
4  4 'Structure model' '_pdbx_struct_conn_angle.ptnr3_auth_seq_id' 
5  4 'Structure model' '_pdbx_struct_conn_angle.value'             
6  4 'Structure model' '_struct_conn.pdbx_dist_value'              
7  4 'Structure model' '_struct_conn.ptnr1_auth_comp_id'           
8  4 'Structure model' '_struct_conn.ptnr1_auth_seq_id'            
9  4 'Structure model' '_struct_conn.ptnr1_label_asym_id'          
10 4 'Structure model' '_struct_conn.ptnr1_label_atom_id'          
11 4 'Structure model' '_struct_conn.ptnr1_label_comp_id'          
12 4 'Structure model' '_struct_conn.ptnr1_label_seq_id'           
13 4 'Structure model' '_struct_conn.ptnr2_auth_comp_id'           
14 4 'Structure model' '_struct_conn.ptnr2_auth_seq_id'            
15 4 'Structure model' '_struct_conn.ptnr2_label_asym_id'          
16 4 'Structure model' '_struct_conn.ptnr2_label_atom_id'          
17 4 'Structure model' '_struct_conn.ptnr2_label_comp_id'          
18 4 'Structure model' '_struct_conn.ptnr2_label_seq_id'           
19 4 'Structure model' '_struct_site.pdbx_auth_asym_id'            
20 4 'Structure model' '_struct_site.pdbx_auth_comp_id'            
21 4 'Structure model' '_struct_site.pdbx_auth_seq_id'             
# 
_pdbx_database_status.status_code                     REL 
_pdbx_database_status.entry_id                        1Z6N 
_pdbx_database_status.recvd_initial_deposition_date   2005-03-22 
_pdbx_database_status.deposit_site                    RCSB 
_pdbx_database_status.process_site                    RCSB 
_pdbx_database_status.status_code_sf                  REL 
_pdbx_database_status.status_code_mr                  ? 
_pdbx_database_status.SG_entry                        Y 
_pdbx_database_status.pdb_format_compatible           Y 
_pdbx_database_status.status_code_cs                  ? 
_pdbx_database_status.status_code_nmr_data            ? 
_pdbx_database_status.methods_development_category    ? 
# 
_pdbx_database_related.db_name        TargetDB 
_pdbx_database_related.db_id          APC5575 
_pdbx_database_related.details        . 
_pdbx_database_related.content_type   unspecified 
# 
loop_
_audit_author.name 
_audit_author.pdbx_ordinal 
'Zhang, R.'                                     1 
'Xu, L.'                                        2 
'Savchenko, A.'                                 3 
'Edwards, A.'                                   4 
'Joachimiak, A.'                                5 
'Midwest Center for Structural Genomics (MCSG)' 6 
# 
_citation.id                        primary 
_citation.title                     '1.5A crystal structure of a hypothetical protein PA1234 from Pseudomonas aeruginosa' 
_citation.journal_abbrev            'To be Published' 
_citation.journal_volume            ? 
_citation.page_first                ? 
_citation.page_last                 ? 
_citation.year                      ? 
_citation.journal_id_ASTM           ? 
_citation.country                   ? 
_citation.journal_id_ISSN           ? 
_citation.journal_id_CSD            0353 
_citation.book_publisher            ? 
_citation.pdbx_database_id_PubMed   ? 
_citation.pdbx_database_id_DOI      ? 
# 
loop_
_citation_author.citation_id 
_citation_author.name 
_citation_author.ordinal 
_citation_author.identifier_ORCID 
primary 'Zhang, R.'      1 ? 
primary 'Xu, L.'         2 ? 
primary 'Savchenko, A.'  3 ? 
primary 'Edwards, A.'    4 ? 
primary 'Joachimiak, A.' 5 ? 
# 
loop_
_entity.id 
_entity.type 
_entity.src_method 
_entity.pdbx_description 
_entity.formula_weight 
_entity.pdbx_number_of_molecules 
_entity.pdbx_ec 
_entity.pdbx_mutation 
_entity.pdbx_fragment 
_entity.details 
1 polymer     man 'hypothetical protein PA1234' 18480.113 1   ? ? ? ? 
2 non-polymer syn 'MAGNESIUM ION'               24.305    1   ? ? ? ? 
3 water       nat water                         18.015    257 ? ? ? ? 
# 
_entity_poly.entity_id                      1 
_entity_poly.type                           'polypeptide(L)' 
_entity_poly.nstd_linkage                   no 
_entity_poly.nstd_monomer                   no 
_entity_poly.pdbx_seq_one_letter_code       
;MASYAELFDIGEDFAAFVGHGLATEQGAVARFRQKLESNGLPSALTERLQRIERRYRLLVAGEMWCPDCQINLAALDFAQ
RLQPNIELAIISKGRAEDDLRQRLALERIAIPLVLVLDEEFNLLGRFVERPQAVLDGGPQALAAYKAGDYLEHAIGDVLA
IIEGAAR
;
_entity_poly.pdbx_seq_one_letter_code_can   
;MASYAELFDIGEDFAAFVGHGLATEQGAVARFRQKLESNGLPSALTERLQRIERRYRLLVAGEMWCPDCQINLAALDFAQ
RLQPNIELAIISKGRAEDDLRQRLALERIAIPLVLVLDEEFNLLGRFVERPQAVLDGGPQALAAYKAGDYLEHAIGDVLA
IIEGAAR
;
_entity_poly.pdbx_strand_id                 A 
_entity_poly.pdbx_target_identifier         APC5575 
# 
loop_
_pdbx_entity_nonpoly.entity_id 
_pdbx_entity_nonpoly.name 
_pdbx_entity_nonpoly.comp_id 
2 'MAGNESIUM ION' MG  
3 water           HOH 
# 
loop_
_entity_poly_seq.entity_id 
_entity_poly_seq.num 
_entity_poly_seq.mon_id 
_entity_poly_seq.hetero 
1 1   MET n 
1 2   ALA n 
1 3   SER n 
1 4   TYR n 
1 5   ALA n 
1 6   GLU n 
1 7   LEU n 
1 8   PHE n 
1 9   ASP n 
1 10  ILE n 
1 11  GLY n 
1 12  GLU n 
1 13  ASP n 
1 14  PHE n 
1 15  ALA n 
1 16  ALA n 
1 17  PHE n 
1 18  VAL n 
1 19  GLY n 
1 20  HIS n 
1 21  GLY n 
1 22  LEU n 
1 23  ALA n 
1 24  THR n 
1 25  GLU n 
1 26  GLN n 
1 27  GLY n 
1 28  ALA n 
1 29  VAL n 
1 30  ALA n 
1 31  ARG n 
1 32  PHE n 
1 33  ARG n 
1 34  GLN n 
1 35  LYS n 
1 36  LEU n 
1 37  GLU n 
1 38  SER n 
1 39  ASN n 
1 40  GLY n 
1 41  LEU n 
1 42  PRO n 
1 43  SER n 
1 44  ALA n 
1 45  LEU n 
1 46  THR n 
1 47  GLU n 
1 48  ARG n 
1 49  LEU n 
1 50  GLN n 
1 51  ARG n 
1 52  ILE n 
1 53  GLU n 
1 54  ARG n 
1 55  ARG n 
1 56  TYR n 
1 57  ARG n 
1 58  LEU n 
1 59  LEU n 
1 60  VAL n 
1 61  ALA n 
1 62  GLY n 
1 63  GLU n 
1 64  MET n 
1 65  TRP n 
1 66  CYS n 
1 67  PRO n 
1 68  ASP n 
1 69  CYS n 
1 70  GLN n 
1 71  ILE n 
1 72  ASN n 
1 73  LEU n 
1 74  ALA n 
1 75  ALA n 
1 76  LEU n 
1 77  ASP n 
1 78  PHE n 
1 79  ALA n 
1 80  GLN n 
1 81  ARG n 
1 82  LEU n 
1 83  GLN n 
1 84  PRO n 
1 85  ASN n 
1 86  ILE n 
1 87  GLU n 
1 88  LEU n 
1 89  ALA n 
1 90  ILE n 
1 91  ILE n 
1 92  SER n 
1 93  LYS n 
1 94  GLY n 
1 95  ARG n 
1 96  ALA n 
1 97  GLU n 
1 98  ASP n 
1 99  ASP n 
1 100 LEU n 
1 101 ARG n 
1 102 GLN n 
1 103 ARG n 
1 104 LEU n 
1 105 ALA n 
1 106 LEU n 
1 107 GLU n 
1 108 ARG n 
1 109 ILE n 
1 110 ALA n 
1 111 ILE n 
1 112 PRO n 
1 113 LEU n 
1 114 VAL n 
1 115 LEU n 
1 116 VAL n 
1 117 LEU n 
1 118 ASP n 
1 119 GLU n 
1 120 GLU n 
1 121 PHE n 
1 122 ASN n 
1 123 LEU n 
1 124 LEU n 
1 125 GLY n 
1 126 ARG n 
1 127 PHE n 
1 128 VAL n 
1 129 GLU n 
1 130 ARG n 
1 131 PRO n 
1 132 GLN n 
1 133 ALA n 
1 134 VAL n 
1 135 LEU n 
1 136 ASP n 
1 137 GLY n 
1 138 GLY n 
1 139 PRO n 
1 140 GLN n 
1 141 ALA n 
1 142 LEU n 
1 143 ALA n 
1 144 ALA n 
1 145 TYR n 
1 146 LYS n 
1 147 ALA n 
1 148 GLY n 
1 149 ASP n 
1 150 TYR n 
1 151 LEU n 
1 152 GLU n 
1 153 HIS n 
1 154 ALA n 
1 155 ILE n 
1 156 GLY n 
1 157 ASP n 
1 158 VAL n 
1 159 LEU n 
1 160 ALA n 
1 161 ILE n 
1 162 ILE n 
1 163 GLU n 
1 164 GLY n 
1 165 ALA n 
1 166 ALA n 
1 167 ARG n 
# 
_entity_src_gen.entity_id                          1 
_entity_src_gen.pdbx_src_id                        1 
_entity_src_gen.pdbx_alt_source_flag               sample 
_entity_src_gen.pdbx_seq_type                      ? 
_entity_src_gen.pdbx_beg_seq_num                   ? 
_entity_src_gen.pdbx_end_seq_num                   ? 
_entity_src_gen.gene_src_common_name               ? 
_entity_src_gen.gene_src_genus                     Pseudomonas 
_entity_src_gen.pdbx_gene_src_gene                 gi:15596431 
_entity_src_gen.gene_src_species                   'Pseudomonas aeruginosa' 
_entity_src_gen.gene_src_strain                    PAO1 
_entity_src_gen.gene_src_tissue                    ? 
_entity_src_gen.gene_src_tissue_fraction           ? 
_entity_src_gen.gene_src_details                   ? 
_entity_src_gen.pdbx_gene_src_fragment             ? 
_entity_src_gen.pdbx_gene_src_scientific_name      'Pseudomonas aeruginosa' 
_entity_src_gen.pdbx_gene_src_ncbi_taxonomy_id     208964 
_entity_src_gen.pdbx_gene_src_variant              ? 
_entity_src_gen.pdbx_gene_src_cell_line            ? 
_entity_src_gen.pdbx_gene_src_atcc                 ? 
_entity_src_gen.pdbx_gene_src_organ                ? 
_entity_src_gen.pdbx_gene_src_organelle            ? 
_entity_src_gen.pdbx_gene_src_cell                 ? 
_entity_src_gen.pdbx_gene_src_cellular_location    ? 
_entity_src_gen.host_org_common_name               ? 
_entity_src_gen.pdbx_host_org_scientific_name      'Escherichia coli BL21(DE3)' 
_entity_src_gen.pdbx_host_org_ncbi_taxonomy_id     469008 
_entity_src_gen.host_org_genus                     Escherichia 
_entity_src_gen.pdbx_host_org_gene                 ? 
_entity_src_gen.pdbx_host_org_organ                ? 
_entity_src_gen.host_org_species                   'Escherichia coli' 
_entity_src_gen.pdbx_host_org_tissue               ? 
_entity_src_gen.pdbx_host_org_tissue_fraction      ? 
_entity_src_gen.pdbx_host_org_strain               'BL21(DE3)' 
_entity_src_gen.pdbx_host_org_variant              ? 
_entity_src_gen.pdbx_host_org_cell_line            ? 
_entity_src_gen.pdbx_host_org_atcc                 ? 
_entity_src_gen.pdbx_host_org_culture_collection   ? 
_entity_src_gen.pdbx_host_org_cell                 ? 
_entity_src_gen.pdbx_host_org_organelle            ? 
_entity_src_gen.pdbx_host_org_cellular_location    ? 
_entity_src_gen.pdbx_host_org_vector_type          plasmid 
_entity_src_gen.pdbx_host_org_vector               ? 
_entity_src_gen.host_org_details                   ? 
_entity_src_gen.expression_system_id               ? 
_entity_src_gen.plasmid_name                       pET15b 
_entity_src_gen.plasmid_details                    ? 
_entity_src_gen.pdbx_description                   ? 
# 
loop_
_chem_comp.id 
_chem_comp.type 
_chem_comp.mon_nstd_flag 
_chem_comp.name 
_chem_comp.pdbx_synonyms 
_chem_comp.formula 
_chem_comp.formula_weight 
ALA 'L-peptide linking' y ALANINE         ? 'C3 H7 N O2'     89.093  
ARG 'L-peptide linking' y ARGININE        ? 'C6 H15 N4 O2 1' 175.209 
ASN 'L-peptide linking' y ASPARAGINE      ? 'C4 H8 N2 O3'    132.118 
ASP 'L-peptide linking' y 'ASPARTIC ACID' ? 'C4 H7 N O4'     133.103 
CYS 'L-peptide linking' y CYSTEINE        ? 'C3 H7 N O2 S'   121.158 
GLN 'L-peptide linking' y GLUTAMINE       ? 'C5 H10 N2 O3'   146.144 
GLU 'L-peptide linking' y 'GLUTAMIC ACID' ? 'C5 H9 N O4'     147.129 
GLY 'peptide linking'   y GLYCINE         ? 'C2 H5 N O2'     75.067  
HIS 'L-peptide linking' y HISTIDINE       ? 'C6 H10 N3 O2 1' 156.162 
HOH non-polymer         . WATER           ? 'H2 O'           18.015  
ILE 'L-peptide linking' y ISOLEUCINE      ? 'C6 H13 N O2'    131.173 
LEU 'L-peptide linking' y LEUCINE         ? 'C6 H13 N O2'    131.173 
LYS 'L-peptide linking' y LYSINE          ? 'C6 H15 N2 O2 1' 147.195 
MET 'L-peptide linking' y METHIONINE      ? 'C5 H11 N O2 S'  149.211 
MG  non-polymer         . 'MAGNESIUM ION' ? 'Mg 2'           24.305  
PHE 'L-peptide linking' y PHENYLALANINE   ? 'C9 H11 N O2'    165.189 
PRO 'L-peptide linking' y PROLINE         ? 'C5 H9 N O2'     115.130 
SER 'L-peptide linking' y SERINE          ? 'C3 H7 N O3'     105.093 
THR 'L-peptide linking' y THREONINE       ? 'C4 H9 N O3'     119.119 
TRP 'L-peptide linking' y TRYPTOPHAN      ? 'C11 H12 N2 O2'  204.225 
TYR 'L-peptide linking' y TYROSINE        ? 'C9 H11 N O3'    181.189 
VAL 'L-peptide linking' y VALINE          ? 'C5 H11 N O2'    117.146 
# 
loop_
_pdbx_poly_seq_scheme.asym_id 
_pdbx_poly_seq_scheme.entity_id 
_pdbx_poly_seq_scheme.seq_id 
_pdbx_poly_seq_scheme.mon_id 
_pdbx_poly_seq_scheme.ndb_seq_num 
_pdbx_poly_seq_scheme.pdb_seq_num 
_pdbx_poly_seq_scheme.auth_seq_num 
_pdbx_poly_seq_scheme.pdb_mon_id 
_pdbx_poly_seq_scheme.auth_mon_id 
_pdbx_poly_seq_scheme.pdb_strand_id 
_pdbx_poly_seq_scheme.pdb_ins_code 
_pdbx_poly_seq_scheme.hetero 
A 1 1   MET 1   1   1   MET MET A . n 
A 1 2   ALA 2   2   2   ALA ALA A . n 
A 1 3   SER 3   3   3   SER SER A . n 
A 1 4   TYR 4   4   4   TYR TYR A . n 
A 1 5   ALA 5   5   5   ALA ALA A . n 
A 1 6   GLU 6   6   6   GLU GLU A . n 
A 1 7   LEU 7   7   7   LEU LEU A . n 
A 1 8   PHE 8   8   8   PHE PHE A . n 
A 1 9   ASP 9   9   9   ASP ASP A . n 
A 1 10  ILE 10  10  10  ILE ILE A . n 
A 1 11  GLY 11  11  11  GLY GLY A . n 
A 1 12  GLU 12  12  12  GLU GLU A . n 
A 1 13  ASP 13  13  13  ASP ASP A . n 
A 1 14  PHE 14  14  14  PHE PHE A . n 
A 1 15  ALA 15  15  15  ALA ALA A . n 
A 1 16  ALA 16  16  16  ALA ALA A . n 
A 1 17  PHE 17  17  17  PHE PHE A . n 
A 1 18  VAL 18  18  18  VAL VAL A . n 
A 1 19  GLY 19  19  19  GLY GLY A . n 
A 1 20  HIS 20  20  20  HIS HIS A . n 
A 1 21  GLY 21  21  21  GLY GLY A . n 
A 1 22  LEU 22  22  22  LEU LEU A . n 
A 1 23  ALA 23  23  23  ALA ALA A . n 
A 1 24  THR 24  24  24  THR THR A . n 
A 1 25  GLU 25  25  25  GLU GLU A . n 
A 1 26  GLN 26  26  26  GLN GLN A . n 
A 1 27  GLY 27  27  27  GLY GLY A . n 
A 1 28  ALA 28  28  28  ALA ALA A . n 
A 1 29  VAL 29  29  29  VAL VAL A . n 
A 1 30  ALA 30  30  30  ALA ALA A . n 
A 1 31  ARG 31  31  31  ARG ARG A . n 
A 1 32  PHE 32  32  32  PHE PHE A . n 
A 1 33  ARG 33  33  33  ARG ARG A . n 
A 1 34  GLN 34  34  34  GLN GLN A . n 
A 1 35  LYS 35  35  35  LYS LYS A . n 
A 1 36  LEU 36  36  36  LEU LEU A . n 
A 1 37  GLU 37  37  37  GLU GLU A . n 
A 1 38  SER 38  38  38  SER SER A . n 
A 1 39  ASN 39  39  39  ASN ASN A . n 
A 1 40  GLY 40  40  40  GLY GLY A . n 
A 1 41  LEU 41  41  41  LEU LEU A . n 
A 1 42  PRO 42  42  42  PRO PRO A . n 
A 1 43  SER 43  43  43  SER SER A . n 
A 1 44  ALA 44  44  44  ALA ALA A . n 
A 1 45  LEU 45  45  45  LEU LEU A . n 
A 1 46  THR 46  46  46  THR THR A . n 
A 1 47  GLU 47  47  47  GLU GLU A . n 
A 1 48  ARG 48  48  48  ARG ARG A . n 
A 1 49  LEU 49  49  49  LEU LEU A . n 
A 1 50  GLN 50  50  50  GLN GLN A . n 
A 1 51  ARG 51  51  51  ARG ARG A . n 
A 1 52  ILE 52  52  52  ILE ILE A . n 
A 1 53  GLU 53  53  53  GLU GLU A . n 
A 1 54  ARG 54  54  54  ARG ARG A . n 
A 1 55  ARG 55  55  55  ARG ARG A . n 
A 1 56  TYR 56  56  56  TYR TYR A . n 
A 1 57  ARG 57  57  57  ARG ARG A . n 
A 1 58  LEU 58  58  58  LEU LEU A . n 
A 1 59  LEU 59  59  59  LEU LEU A . n 
A 1 60  VAL 60  60  60  VAL VAL A . n 
A 1 61  ALA 61  61  61  ALA ALA A . n 
A 1 62  GLY 62  62  62  GLY GLY A . n 
A 1 63  GLU 63  63  63  GLU GLU A . n 
A 1 64  MET 64  64  64  MET MET A . n 
A 1 65  TRP 65  65  65  TRP TRP A . n 
A 1 66  CYS 66  66  66  CYS CYS A . n 
A 1 67  PRO 67  67  67  PRO PRO A . n 
A 1 68  ASP 68  68  68  ASP ASP A . n 
A 1 69  CYS 69  69  69  CYS CYS A . n 
A 1 70  GLN 70  70  70  GLN GLN A . n 
A 1 71  ILE 71  71  71  ILE ILE A . n 
A 1 72  ASN 72  72  72  ASN ASN A . n 
A 1 73  LEU 73  73  73  LEU LEU A . n 
A 1 74  ALA 74  74  74  ALA ALA A . n 
A 1 75  ALA 75  75  75  ALA ALA A . n 
A 1 76  LEU 76  76  76  LEU LEU A . n 
A 1 77  ASP 77  77  77  ASP ASP A . n 
A 1 78  PHE 78  78  78  PHE PHE A . n 
A 1 79  ALA 79  79  79  ALA ALA A . n 
A 1 80  GLN 80  80  80  GLN GLN A . n 
A 1 81  ARG 81  81  81  ARG ARG A . n 
A 1 82  LEU 82  82  82  LEU LEU A . n 
A 1 83  GLN 83  83  83  GLN GLN A . n 
A 1 84  PRO 84  84  84  PRO PRO A . n 
A 1 85  ASN 85  85  85  ASN ASN A . n 
A 1 86  ILE 86  86  86  ILE ILE A . n 
A 1 87  GLU 87  87  87  GLU GLU A . n 
A 1 88  LEU 88  88  88  LEU LEU A . n 
A 1 89  ALA 89  89  89  ALA ALA A . n 
A 1 90  ILE 90  90  90  ILE ILE A . n 
A 1 91  ILE 91  91  91  ILE ILE A . n 
A 1 92  SER 92  92  92  SER SER A . n 
A 1 93  LYS 93  93  93  LYS LYS A . n 
A 1 94  GLY 94  94  94  GLY GLY A . n 
A 1 95  ARG 95  95  95  ARG ARG A . n 
A 1 96  ALA 96  96  96  ALA ALA A . n 
A 1 97  GLU 97  97  97  GLU GLU A . n 
A 1 98  ASP 98  98  98  ASP ASP A . n 
A 1 99  ASP 99  99  99  ASP ASP A . n 
A 1 100 LEU 100 100 100 LEU LEU A . n 
A 1 101 ARG 101 101 101 ARG ARG A . n 
A 1 102 GLN 102 102 102 GLN GLN A . n 
A 1 103 ARG 103 103 103 ARG ARG A . n 
A 1 104 LEU 104 104 104 LEU LEU A . n 
A 1 105 ALA 105 105 105 ALA ALA A . n 
A 1 106 LEU 106 106 106 LEU LEU A . n 
A 1 107 GLU 107 107 107 GLU GLU A . n 
A 1 108 ARG 108 108 108 ARG ARG A . n 
A 1 109 ILE 109 109 109 ILE ILE A . n 
A 1 110 ALA 110 110 110 ALA ALA A . n 
A 1 111 ILE 111 111 111 ILE ILE A . n 
A 1 112 PRO 112 112 112 PRO PRO A . n 
A 1 113 LEU 113 113 113 LEU LEU A . n 
A 1 114 VAL 114 114 114 VAL VAL A . n 
A 1 115 LEU 115 115 115 LEU LEU A . n 
A 1 116 VAL 116 116 116 VAL VAL A . n 
A 1 117 LEU 117 117 117 LEU LEU A . n 
A 1 118 ASP 118 118 118 ASP ASP A . n 
A 1 119 GLU 119 119 119 GLU GLU A . n 
A 1 120 GLU 120 120 120 GLU GLU A . n 
A 1 121 PHE 121 121 121 PHE PHE A . n 
A 1 122 ASN 122 122 122 ASN ASN A . n 
A 1 123 LEU 123 123 123 LEU LEU A . n 
A 1 124 LEU 124 124 124 LEU LEU A . n 
A 1 125 GLY 125 125 125 GLY GLY A . n 
A 1 126 ARG 126 126 126 ARG ARG A . n 
A 1 127 PHE 127 127 127 PHE PHE A . n 
A 1 128 VAL 128 128 128 VAL VAL A . n 
A 1 129 GLU 129 129 129 GLU GLU A . n 
A 1 130 ARG 130 130 130 ARG ARG A . n 
A 1 131 PRO 131 131 131 PRO PRO A . n 
A 1 132 GLN 132 132 132 GLN GLN A . n 
A 1 133 ALA 133 133 133 ALA ALA A . n 
A 1 134 VAL 134 134 134 VAL VAL A . n 
A 1 135 LEU 135 135 135 LEU LEU A . n 
A 1 136 ASP 136 136 136 ASP ASP A . n 
A 1 137 GLY 137 137 137 GLY GLY A . n 
A 1 138 GLY 138 138 138 GLY GLY A . n 
A 1 139 PRO 139 139 139 PRO PRO A . n 
A 1 140 GLN 140 140 140 GLN GLN A . n 
A 1 141 ALA 141 141 141 ALA ALA A . n 
A 1 142 LEU 142 142 142 LEU LEU A . n 
A 1 143 ALA 143 143 143 ALA ALA A . n 
A 1 144 ALA 144 144 144 ALA ALA A . n 
A 1 145 TYR 145 145 145 TYR TYR A . n 
A 1 146 LYS 146 146 146 LYS LYS A . n 
A 1 147 ALA 147 147 147 ALA ALA A . n 
A 1 148 GLY 148 148 148 GLY GLY A . n 
A 1 149 ASP 149 149 149 ASP ASP A . n 
A 1 150 TYR 150 150 150 TYR TYR A . n 
A 1 151 LEU 151 151 151 LEU LEU A . n 
A 1 152 GLU 152 152 152 GLU GLU A . n 
A 1 153 HIS 153 153 153 HIS HIS A . n 
A 1 154 ALA 154 154 154 ALA ALA A . n 
A 1 155 ILE 155 155 155 ILE ILE A . n 
A 1 156 GLY 156 156 156 GLY GLY A . n 
A 1 157 ASP 157 157 157 ASP ASP A . n 
A 1 158 VAL 158 158 158 VAL VAL A . n 
A 1 159 LEU 159 159 159 LEU LEU A . n 
A 1 160 ALA 160 160 160 ALA ALA A . n 
A 1 161 ILE 161 161 161 ILE ILE A . n 
A 1 162 ILE 162 162 162 ILE ILE A . n 
A 1 163 GLU 163 163 163 GLU GLU A . n 
A 1 164 GLY 164 164 164 GLY GLY A . n 
A 1 165 ALA 165 165 165 ALA ALA A . n 
A 1 166 ALA 166 166 166 ALA ALA A . n 
A 1 167 ARG 167 167 ?   ?   ?   A . n 
# 
loop_
_pdbx_nonpoly_scheme.asym_id 
_pdbx_nonpoly_scheme.entity_id 
_pdbx_nonpoly_scheme.mon_id 
_pdbx_nonpoly_scheme.ndb_seq_num 
_pdbx_nonpoly_scheme.pdb_seq_num 
_pdbx_nonpoly_scheme.auth_seq_num 
_pdbx_nonpoly_scheme.pdb_mon_id 
_pdbx_nonpoly_scheme.auth_mon_id 
_pdbx_nonpoly_scheme.pdb_strand_id 
_pdbx_nonpoly_scheme.pdb_ins_code 
B 2 MG  1   301 1   MG  MG  A . 
C 3 HOH 1   302 1   HOH HOH A . 
C 3 HOH 2   303 2   HOH HOH A . 
C 3 HOH 3   304 3   HOH HOH A . 
C 3 HOH 4   305 4   HOH HOH A . 
C 3 HOH 5   306 5   HOH HOH A . 
C 3 HOH 6   307 6   HOH HOH A . 
C 3 HOH 7   308 7   HOH HOH A . 
C 3 HOH 8   309 8   HOH HOH A . 
C 3 HOH 9   310 9   HOH HOH A . 
C 3 HOH 10  311 10  HOH HOH A . 
C 3 HOH 11  312 11  HOH HOH A . 
C 3 HOH 12  313 12  HOH HOH A . 
C 3 HOH 13  314 13  HOH HOH A . 
C 3 HOH 14  315 14  HOH HOH A . 
C 3 HOH 15  316 15  HOH HOH A . 
C 3 HOH 16  317 16  HOH HOH A . 
C 3 HOH 17  318 17  HOH HOH A . 
C 3 HOH 18  319 18  HOH HOH A . 
C 3 HOH 19  320 19  HOH HOH A . 
C 3 HOH 20  321 20  HOH HOH A . 
C 3 HOH 21  322 21  HOH HOH A . 
C 3 HOH 22  323 22  HOH HOH A . 
C 3 HOH 23  324 23  HOH HOH A . 
C 3 HOH 24  325 24  HOH HOH A . 
C 3 HOH 25  326 25  HOH HOH A . 
C 3 HOH 26  327 26  HOH HOH A . 
C 3 HOH 27  328 27  HOH HOH A . 
C 3 HOH 28  329 28  HOH HOH A . 
C 3 HOH 29  330 29  HOH HOH A . 
C 3 HOH 30  331 30  HOH HOH A . 
C 3 HOH 31  332 31  HOH HOH A . 
C 3 HOH 32  333 32  HOH HOH A . 
C 3 HOH 33  334 33  HOH HOH A . 
C 3 HOH 34  335 34  HOH HOH A . 
C 3 HOH 35  336 35  HOH HOH A . 
C 3 HOH 36  337 36  HOH HOH A . 
C 3 HOH 37  338 37  HOH HOH A . 
C 3 HOH 38  339 38  HOH HOH A . 
C 3 HOH 39  340 39  HOH HOH A . 
C 3 HOH 40  341 40  HOH HOH A . 
C 3 HOH 41  342 41  HOH HOH A . 
C 3 HOH 42  343 42  HOH HOH A . 
C 3 HOH 43  344 43  HOH HOH A . 
C 3 HOH 44  345 44  HOH HOH A . 
C 3 HOH 45  346 45  HOH HOH A . 
C 3 HOH 46  347 46  HOH HOH A . 
C 3 HOH 47  348 47  HOH HOH A . 
C 3 HOH 48  349 48  HOH HOH A . 
C 3 HOH 49  350 49  HOH HOH A . 
C 3 HOH 50  351 50  HOH HOH A . 
C 3 HOH 51  352 51  HOH HOH A . 
C 3 HOH 52  353 52  HOH HOH A . 
C 3 HOH 53  354 53  HOH HOH A . 
C 3 HOH 54  355 54  HOH HOH A . 
C 3 HOH 55  356 55  HOH HOH A . 
C 3 HOH 56  357 56  HOH HOH A . 
C 3 HOH 57  358 57  HOH HOH A . 
C 3 HOH 58  359 58  HOH HOH A . 
C 3 HOH 59  360 59  HOH HOH A . 
C 3 HOH 60  361 60  HOH HOH A . 
C 3 HOH 61  362 61  HOH HOH A . 
C 3 HOH 62  363 62  HOH HOH A . 
C 3 HOH 63  364 63  HOH HOH A . 
C 3 HOH 64  365 64  HOH HOH A . 
C 3 HOH 65  366 65  HOH HOH A . 
C 3 HOH 66  367 66  HOH HOH A . 
C 3 HOH 67  368 67  HOH HOH A . 
C 3 HOH 68  369 68  HOH HOH A . 
C 3 HOH 69  370 69  HOH HOH A . 
C 3 HOH 70  371 70  HOH HOH A . 
C 3 HOH 71  372 71  HOH HOH A . 
C 3 HOH 72  373 72  HOH HOH A . 
C 3 HOH 73  374 73  HOH HOH A . 
C 3 HOH 74  375 74  HOH HOH A . 
C 3 HOH 75  376 75  HOH HOH A . 
C 3 HOH 76  377 76  HOH HOH A . 
C 3 HOH 77  378 77  HOH HOH A . 
C 3 HOH 78  379 78  HOH HOH A . 
C 3 HOH 79  380 79  HOH HOH A . 
C 3 HOH 80  381 80  HOH HOH A . 
C 3 HOH 81  382 81  HOH HOH A . 
C 3 HOH 82  383 82  HOH HOH A . 
C 3 HOH 83  384 83  HOH HOH A . 
C 3 HOH 84  385 84  HOH HOH A . 
C 3 HOH 85  386 85  HOH HOH A . 
C 3 HOH 86  387 86  HOH HOH A . 
C 3 HOH 87  388 87  HOH HOH A . 
C 3 HOH 88  389 88  HOH HOH A . 
C 3 HOH 89  390 89  HOH HOH A . 
C 3 HOH 90  391 90  HOH HOH A . 
C 3 HOH 91  392 91  HOH HOH A . 
C 3 HOH 92  393 92  HOH HOH A . 
C 3 HOH 93  394 93  HOH HOH A . 
C 3 HOH 94  395 94  HOH HOH A . 
C 3 HOH 95  396 95  HOH HOH A . 
C 3 HOH 96  397 96  HOH HOH A . 
C 3 HOH 97  398 97  HOH HOH A . 
C 3 HOH 98  399 98  HOH HOH A . 
C 3 HOH 99  400 99  HOH HOH A . 
C 3 HOH 100 401 100 HOH HOH A . 
C 3 HOH 101 402 101 HOH HOH A . 
C 3 HOH 102 403 102 HOH HOH A . 
C 3 HOH 103 404 103 HOH HOH A . 
C 3 HOH 104 405 104 HOH HOH A . 
C 3 HOH 105 406 105 HOH HOH A . 
C 3 HOH 106 407 106 HOH HOH A . 
C 3 HOH 107 408 107 HOH HOH A . 
C 3 HOH 108 409 108 HOH HOH A . 
C 3 HOH 109 410 109 HOH HOH A . 
C 3 HOH 110 411 110 HOH HOH A . 
C 3 HOH 111 412 111 HOH HOH A . 
C 3 HOH 112 413 112 HOH HOH A . 
C 3 HOH 113 414 113 HOH HOH A . 
C 3 HOH 114 415 114 HOH HOH A . 
C 3 HOH 115 416 115 HOH HOH A . 
C 3 HOH 116 417 116 HOH HOH A . 
C 3 HOH 117 418 117 HOH HOH A . 
C 3 HOH 118 419 118 HOH HOH A . 
C 3 HOH 119 420 119 HOH HOH A . 
C 3 HOH 120 421 120 HOH HOH A . 
C 3 HOH 121 422 121 HOH HOH A . 
C 3 HOH 122 423 122 HOH HOH A . 
C 3 HOH 123 424 123 HOH HOH A . 
C 3 HOH 124 425 124 HOH HOH A . 
C 3 HOH 125 426 125 HOH HOH A . 
C 3 HOH 126 427 126 HOH HOH A . 
C 3 HOH 127 428 127 HOH HOH A . 
C 3 HOH 128 429 128 HOH HOH A . 
C 3 HOH 129 430 129 HOH HOH A . 
C 3 HOH 130 431 130 HOH HOH A . 
C 3 HOH 131 432 131 HOH HOH A . 
C 3 HOH 132 433 132 HOH HOH A . 
C 3 HOH 133 434 133 HOH HOH A . 
C 3 HOH 134 435 134 HOH HOH A . 
C 3 HOH 135 436 135 HOH HOH A . 
C 3 HOH 136 437 136 HOH HOH A . 
C 3 HOH 137 438 137 HOH HOH A . 
C 3 HOH 138 439 138 HOH HOH A . 
C 3 HOH 139 440 139 HOH HOH A . 
C 3 HOH 140 441 140 HOH HOH A . 
C 3 HOH 141 442 141 HOH HOH A . 
C 3 HOH 142 443 142 HOH HOH A . 
C 3 HOH 143 444 143 HOH HOH A . 
C 3 HOH 144 445 144 HOH HOH A . 
C 3 HOH 145 446 145 HOH HOH A . 
C 3 HOH 146 447 146 HOH HOH A . 
C 3 HOH 147 448 147 HOH HOH A . 
C 3 HOH 148 449 148 HOH HOH A . 
C 3 HOH 149 450 149 HOH HOH A . 
C 3 HOH 150 451 150 HOH HOH A . 
C 3 HOH 151 452 151 HOH HOH A . 
C 3 HOH 152 453 152 HOH HOH A . 
C 3 HOH 153 454 153 HOH HOH A . 
C 3 HOH 154 455 154 HOH HOH A . 
C 3 HOH 155 456 155 HOH HOH A . 
C 3 HOH 156 457 156 HOH HOH A . 
C 3 HOH 157 458 157 HOH HOH A . 
C 3 HOH 158 459 158 HOH HOH A . 
C 3 HOH 159 460 159 HOH HOH A . 
C 3 HOH 160 461 160 HOH HOH A . 
C 3 HOH 161 462 161 HOH HOH A . 
C 3 HOH 162 463 162 HOH HOH A . 
C 3 HOH 163 464 163 HOH HOH A . 
C 3 HOH 164 465 164 HOH HOH A . 
C 3 HOH 165 466 165 HOH HOH A . 
C 3 HOH 166 467 166 HOH HOH A . 
C 3 HOH 167 468 167 HOH HOH A . 
C 3 HOH 168 469 168 HOH HOH A . 
C 3 HOH 169 470 169 HOH HOH A . 
C 3 HOH 170 471 170 HOH HOH A . 
C 3 HOH 171 472 171 HOH HOH A . 
C 3 HOH 172 473 172 HOH HOH A . 
C 3 HOH 173 474 173 HOH HOH A . 
C 3 HOH 174 475 174 HOH HOH A . 
C 3 HOH 175 476 175 HOH HOH A . 
C 3 HOH 176 477 176 HOH HOH A . 
C 3 HOH 177 478 177 HOH HOH A . 
C 3 HOH 178 479 178 HOH HOH A . 
C 3 HOH 179 480 179 HOH HOH A . 
C 3 HOH 180 481 180 HOH HOH A . 
C 3 HOH 181 482 181 HOH HOH A . 
C 3 HOH 182 483 182 HOH HOH A . 
C 3 HOH 183 484 183 HOH HOH A . 
C 3 HOH 184 485 184 HOH HOH A . 
C 3 HOH 185 486 185 HOH HOH A . 
C 3 HOH 186 487 186 HOH HOH A . 
C 3 HOH 187 488 187 HOH HOH A . 
C 3 HOH 188 489 188 HOH HOH A . 
C 3 HOH 189 490 189 HOH HOH A . 
C 3 HOH 190 491 190 HOH HOH A . 
C 3 HOH 191 492 191 HOH HOH A . 
C 3 HOH 192 493 192 HOH HOH A . 
C 3 HOH 193 494 193 HOH HOH A . 
C 3 HOH 194 495 194 HOH HOH A . 
C 3 HOH 195 496 195 HOH HOH A . 
C 3 HOH 196 497 196 HOH HOH A . 
C 3 HOH 197 498 197 HOH HOH A . 
C 3 HOH 198 499 198 HOH HOH A . 
C 3 HOH 199 500 199 HOH HOH A . 
C 3 HOH 200 501 200 HOH HOH A . 
C 3 HOH 201 502 201 HOH HOH A . 
C 3 HOH 202 503 202 HOH HOH A . 
C 3 HOH 203 504 203 HOH HOH A . 
C 3 HOH 204 505 204 HOH HOH A . 
C 3 HOH 205 506 205 HOH HOH A . 
C 3 HOH 206 507 206 HOH HOH A . 
C 3 HOH 207 508 207 HOH HOH A . 
C 3 HOH 208 509 208 HOH HOH A . 
C 3 HOH 209 510 209 HOH HOH A . 
C 3 HOH 210 511 210 HOH HOH A . 
C 3 HOH 211 512 211 HOH HOH A . 
C 3 HOH 212 513 212 HOH HOH A . 
C 3 HOH 213 514 213 HOH HOH A . 
C 3 HOH 214 515 214 HOH HOH A . 
C 3 HOH 215 516 215 HOH HOH A . 
C 3 HOH 216 517 216 HOH HOH A . 
C 3 HOH 217 518 217 HOH HOH A . 
C 3 HOH 218 519 218 HOH HOH A . 
C 3 HOH 219 520 219 HOH HOH A . 
C 3 HOH 220 521 220 HOH HOH A . 
C 3 HOH 221 522 221 HOH HOH A . 
C 3 HOH 222 523 222 HOH HOH A . 
C 3 HOH 223 524 223 HOH HOH A . 
C 3 HOH 224 525 224 HOH HOH A . 
C 3 HOH 225 526 225 HOH HOH A . 
C 3 HOH 226 527 226 HOH HOH A . 
C 3 HOH 227 528 227 HOH HOH A . 
C 3 HOH 228 529 228 HOH HOH A . 
C 3 HOH 229 530 229 HOH HOH A . 
C 3 HOH 230 531 230 HOH HOH A . 
C 3 HOH 231 532 231 HOH HOH A . 
C 3 HOH 232 533 232 HOH HOH A . 
C 3 HOH 233 534 233 HOH HOH A . 
C 3 HOH 234 535 234 HOH HOH A . 
C 3 HOH 235 536 235 HOH HOH A . 
C 3 HOH 236 537 236 HOH HOH A . 
C 3 HOH 237 538 237 HOH HOH A . 
C 3 HOH 238 539 238 HOH HOH A . 
C 3 HOH 239 540 239 HOH HOH A . 
C 3 HOH 240 541 240 HOH HOH A . 
C 3 HOH 241 542 241 HOH HOH A . 
C 3 HOH 242 543 242 HOH HOH A . 
C 3 HOH 243 544 243 HOH HOH A . 
C 3 HOH 244 545 244 HOH HOH A . 
C 3 HOH 245 546 245 HOH HOH A . 
C 3 HOH 246 547 246 HOH HOH A . 
C 3 HOH 247 548 247 HOH HOH A . 
C 3 HOH 248 549 248 HOH HOH A . 
C 3 HOH 249 550 249 HOH HOH A . 
C 3 HOH 250 551 250 HOH HOH A . 
C 3 HOH 251 552 251 HOH HOH A . 
C 3 HOH 252 553 252 HOH HOH A . 
C 3 HOH 253 554 253 HOH HOH A . 
C 3 HOH 254 555 254 HOH HOH A . 
C 3 HOH 255 556 255 HOH HOH A . 
C 3 HOH 256 557 256 HOH HOH A . 
C 3 HOH 257 558 257 HOH HOH A . 
# 
loop_
_software.name 
_software.classification 
_software.version 
_software.citation_id 
_software.pdbx_ordinal 
REFMAC      refinement        5.2.0005 ? 1 
SBC-Collect 'data collection' .        ? 2 
HKL-2000    'data scaling'    .        ? 3 
# 
_cell.entry_id           1Z6N 
_cell.length_a           49.686 
_cell.length_b           75.818 
_cell.length_c           90.999 
_cell.angle_alpha        90.00 
_cell.angle_beta         90.00 
_cell.angle_gamma        90.00 
_cell.Z_PDB              8 
_cell.pdbx_unique_axis   ? 
# 
_symmetry.entry_id                         1Z6N 
_symmetry.space_group_name_H-M             'I 2 2 2' 
_symmetry.pdbx_full_space_group_name_H-M   ? 
_symmetry.cell_setting                     ? 
_symmetry.Int_Tables_number                23 
_symmetry.space_group_name_Hall            ? 
# 
_exptl.entry_id          1Z6N 
_exptl.method            'X-RAY DIFFRACTION' 
_exptl.crystals_number   1 
# 
_exptl_crystal.id                    1 
_exptl_crystal.density_meas          ? 
_exptl_crystal.density_Matthews      2.412 
_exptl_crystal.density_percent_sol   47.0 
_exptl_crystal.description           ? 
_exptl_crystal.F_000                 ? 
_exptl_crystal.preparation           ? 
# 
_exptl_crystal_grow.crystal_id      1 
_exptl_crystal_grow.method          'VAPOR DIFFUSION, HANGING DROP' 
_exptl_crystal_grow.temp            298 
_exptl_crystal_grow.temp_details    ? 
_exptl_crystal_grow.pH              8.5 
_exptl_crystal_grow.pdbx_details    '0.1 M Tris, 0.2 M MgCl2, 28% PEG4000, pH 8.5, VAPOR DIFFUSION, HANGING DROP, temperature 298K' 
_exptl_crystal_grow.pdbx_pH_range   . 
# 
_diffrn.id                     1 
_diffrn.ambient_temp           100 
_diffrn.ambient_temp_details   ? 
_diffrn.crystal_id             1 
# 
_diffrn_detector.diffrn_id              1 
_diffrn_detector.detector               CCD 
_diffrn_detector.type                   SBC-2 
_diffrn_detector.pdbx_collection_date   2004-11-29 
_diffrn_detector.details                mirrors 
# 
_diffrn_radiation.diffrn_id                        1 
_diffrn_radiation.wavelength_id                    1 
_diffrn_radiation.pdbx_monochromatic_or_laue_m_l   M 
_diffrn_radiation.monochromator                    'Si 111 channel' 
_diffrn_radiation.pdbx_diffrn_protocol             'SINGLE WAVELENGTH' 
_diffrn_radiation.pdbx_scattering_type             x-ray 
# 
_diffrn_radiation_wavelength.id           1 
_diffrn_radiation_wavelength.wavelength   0.9797 
_diffrn_radiation_wavelength.wt           1.0 
# 
_diffrn_source.diffrn_id                   1 
_diffrn_source.source                      SYNCHROTRON 
_diffrn_source.type                        'APS BEAMLINE 19-ID' 
_diffrn_source.pdbx_synchrotron_site       APS 
_diffrn_source.pdbx_synchrotron_beamline   19-ID 
_diffrn_source.pdbx_wavelength             ? 
_diffrn_source.pdbx_wavelength_list        0.9797 
# 
_reflns.entry_id                     1Z6N 
_reflns.observed_criterion_sigma_F   2.0 
_reflns.observed_criterion_sigma_I   2.0 
_reflns.d_resolution_high            1.5 
_reflns.d_resolution_low             50 
_reflns.number_all                   27878 
_reflns.number_obs                   27153 
_reflns.percent_possible_obs         97.4 
_reflns.pdbx_Rmerge_I_obs            0.068 
_reflns.pdbx_Rsym_value              ? 
_reflns.pdbx_netI_over_sigmaI        30.88 
_reflns.B_iso_Wilson_estimate        15.682 
_reflns.pdbx_redundancy              8.5 
_reflns.R_free_details               ? 
_reflns.limit_h_max                  ? 
_reflns.limit_h_min                  ? 
_reflns.limit_k_max                  ? 
_reflns.limit_k_min                  ? 
_reflns.limit_l_max                  ? 
_reflns.limit_l_min                  ? 
_reflns.observed_criterion_F_max     ? 
_reflns.observed_criterion_F_min     ? 
_reflns.pdbx_chi_squared             ? 
_reflns.pdbx_scaling_rejects         ? 
_reflns.pdbx_ordinal                 1 
_reflns.pdbx_diffrn_id               1 
# 
_reflns_shell.d_res_high             1.50 
_reflns_shell.d_res_low              1.55 
_reflns_shell.percent_possible_all   83.6 
_reflns_shell.Rmerge_I_obs           0.351 
_reflns_shell.pdbx_Rsym_value        ? 
_reflns_shell.meanI_over_sigI_obs    2.72 
_reflns_shell.pdbx_redundancy        6.7 
_reflns_shell.percent_possible_obs   ? 
_reflns_shell.number_unique_all      2744 
_reflns_shell.number_measured_all    ? 
_reflns_shell.number_measured_obs    ? 
_reflns_shell.number_unique_obs      ? 
_reflns_shell.pdbx_chi_squared       ? 
_reflns_shell.pdbx_ordinal           1 
_reflns_shell.pdbx_diffrn_id         1 
# 
_refine.entry_id                                 1Z6N 
_refine.ls_number_reflns_obs                     25787 
_refine.ls_number_reflns_all                     26480 
_refine.pdbx_ls_sigma_I                          ? 
_refine.pdbx_ls_sigma_F                          0 
_refine.pdbx_data_cutoff_high_absF               ? 
_refine.pdbx_data_cutoff_low_absF                ? 
_refine.pdbx_data_cutoff_high_rms_absF           ? 
_refine.ls_d_res_low                             58.22 
_refine.ls_d_res_high                            1.50 
_refine.ls_percent_reflns_obs                    97.38 
_refine.ls_R_factor_obs                          0.19058 
_refine.ls_R_factor_all                          0.19058 
_refine.ls_R_factor_R_work                       0.18902 
_refine.ls_R_factor_R_free                       0.22047 
_refine.ls_R_factor_R_free_error                 ? 
_refine.ls_R_factor_R_free_error_details         ? 
_refine.ls_percent_reflns_R_free                 5.0 
_refine.ls_number_reflns_R_free                  1365 
_refine.ls_number_parameters                     ? 
_refine.ls_number_restraints                     ? 
_refine.occupancy_min                            ? 
_refine.occupancy_max                            ? 
_refine.correlation_coeff_Fo_to_Fc               0.956 
_refine.correlation_coeff_Fo_to_Fc_free          0.944 
_refine.B_iso_mean                               15.682 
_refine.aniso_B[1][1]                            -0.74 
_refine.aniso_B[2][2]                            -0.33 
_refine.aniso_B[3][3]                            1.07 
_refine.aniso_B[1][2]                            0.00 
_refine.aniso_B[1][3]                            0.00 
_refine.aniso_B[2][3]                            0.00 
_refine.solvent_model_details                    MASK 
_refine.solvent_model_param_ksol                 ? 
_refine.solvent_model_param_bsol                 ? 
_refine.pdbx_solvent_vdw_probe_radii             1.20 
_refine.pdbx_solvent_ion_probe_radii             0.80 
_refine.pdbx_solvent_shrinkage_radii             0.80 
_refine.pdbx_ls_cross_valid_method               THROUGHOUT 
_refine.details                                  'HYDROGENS HAVE BEEN ADDED IN THE RIDING POSITIONS' 
_refine.pdbx_starting_model                      ? 
_refine.pdbx_method_to_determine_struct          SAD 
_refine.pdbx_isotropic_thermal_model             ? 
_refine.pdbx_stereochemistry_target_values       'MAXIMUM LIKELIHOOD WITH PHASES' 
_refine.pdbx_stereochem_target_val_spec_case     ? 
_refine.pdbx_R_Free_selection_details            RANDOM 
_refine.pdbx_overall_ESU_R_Free                  0.083 
_refine.ls_redundancy_reflns_obs                 ? 
_refine.B_iso_min                                ? 
_refine.B_iso_max                                ? 
_refine.overall_SU_R_Cruickshank_DPI             ? 
_refine.overall_SU_R_free                        ? 
_refine.overall_SU_ML                            ? 
_refine.overall_SU_B                             ? 
_refine.pdbx_overall_ESU_R                       ? 
_refine.ls_wR_factor_R_free                      ? 
_refine.ls_wR_factor_R_work                      ? 
_refine.overall_FOM_free_R_set                   ? 
_refine.overall_FOM_work_R_set                   ? 
_refine.pdbx_refine_id                           'X-RAY DIFFRACTION' 
_refine.pdbx_TLS_residual_ADP_flag               'LIKELY RESIDUAL' 
_refine.pdbx_diffrn_id                           1 
_refine.pdbx_overall_phase_error                 ? 
_refine.pdbx_overall_SU_R_free_Cruickshank_DPI   ? 
_refine.pdbx_overall_SU_R_Blow_DPI               ? 
_refine.pdbx_overall_SU_R_free_Blow_DPI          ? 
# 
_refine_analyze.entry_id                        1Z6N 
_refine_analyze.Luzzati_coordinate_error_obs    0.082 
_refine_analyze.Luzzati_sigma_a_obs             0.083 
_refine_analyze.Luzzati_d_res_low_obs           5.0 
_refine_analyze.Luzzati_coordinate_error_free   0.20 
_refine_analyze.Luzzati_sigma_a_free            0.16 
_refine_analyze.Luzzati_d_res_low_free          ? 
_refine_analyze.number_disordered_residues      ? 
_refine_analyze.occupancy_sum_non_hydrogen      ? 
_refine_analyze.occupancy_sum_hydrogen          ? 
_refine_analyze.pdbx_Luzzati_d_res_high_obs     ? 
_refine_analyze.pdbx_refine_id                  'X-RAY DIFFRACTION' 
# 
_refine_hist.pdbx_refine_id                   'X-RAY DIFFRACTION' 
_refine_hist.cycle_id                         LAST 
_refine_hist.pdbx_number_atoms_protein        1289 
_refine_hist.pdbx_number_atoms_nucleic_acid   0 
_refine_hist.pdbx_number_atoms_ligand         1 
_refine_hist.number_atoms_solvent             257 
_refine_hist.number_atoms_total               1547 
_refine_hist.d_res_high                       1.50 
_refine_hist.d_res_low                        58.22 
# 
loop_
_refine_ls_restr.type 
_refine_ls_restr.dev_ideal 
_refine_ls_restr.dev_ideal_target 
_refine_ls_restr.weight 
_refine_ls_restr.number 
_refine_ls_restr.pdbx_refine_id 
_refine_ls_restr.pdbx_restraint_function 
r_bond_refined_d         0.010  0.022  ? 1309 'X-RAY DIFFRACTION' ? 
r_angle_refined_deg      1.224  1.980  ? 1770 'X-RAY DIFFRACTION' ? 
r_dihedral_angle_1_deg   4.865  5.000  ? 165  'X-RAY DIFFRACTION' ? 
r_dihedral_angle_2_deg   34.497 23.636 ? 66   'X-RAY DIFFRACTION' ? 
r_dihedral_angle_3_deg   13.936 15.000 ? 222  'X-RAY DIFFRACTION' ? 
r_dihedral_angle_4_deg   19.635 15.000 ? 14   'X-RAY DIFFRACTION' ? 
r_chiral_restr           0.081  0.200  ? 198  'X-RAY DIFFRACTION' ? 
r_gen_planes_refined     0.005  0.020  ? 1009 'X-RAY DIFFRACTION' ? 
r_nbd_refined            0.193  0.200  ? 667  'X-RAY DIFFRACTION' ? 
r_nbtor_refined          0.310  0.200  ? 901  'X-RAY DIFFRACTION' ? 
r_xyhbond_nbd_refined    0.159  0.200  ? 222  'X-RAY DIFFRACTION' ? 
r_metal_ion_refined      0.047  0.200  ? 1    'X-RAY DIFFRACTION' ? 
r_symmetry_vdw_refined   0.118  0.200  ? 32   'X-RAY DIFFRACTION' ? 
r_symmetry_hbond_refined 0.186  0.200  ? 45   'X-RAY DIFFRACTION' ? 
r_mcbond_it              0.750  1.500  ? 844  'X-RAY DIFFRACTION' ? 
r_mcangle_it             1.203  2.000  ? 1300 'X-RAY DIFFRACTION' ? 
r_scbond_it              2.001  3.000  ? 513  'X-RAY DIFFRACTION' ? 
r_scangle_it             3.233  4.500  ? 470  'X-RAY DIFFRACTION' ? 
# 
_refine_ls_shell.pdbx_total_number_of_bins_used   20 
_refine_ls_shell.d_res_high                       1.501 
_refine_ls_shell.d_res_low                        1.540 
_refine_ls_shell.number_reflns_R_work             1527 
_refine_ls_shell.R_factor_R_work                  0.279 
_refine_ls_shell.percent_reflns_obs               79.80 
_refine_ls_shell.R_factor_R_free                  0.29 
_refine_ls_shell.R_factor_R_free_error            ? 
_refine_ls_shell.percent_reflns_R_free            ? 
_refine_ls_shell.number_reflns_R_free             93 
_refine_ls_shell.number_reflns_obs                ? 
_refine_ls_shell.redundancy_reflns_obs            ? 
_refine_ls_shell.number_reflns_all                ? 
_refine_ls_shell.pdbx_refine_id                   'X-RAY DIFFRACTION' 
_refine_ls_shell.R_factor_all                     ? 
# 
_struct.entry_id                  1Z6N 
_struct.title                     '1.5 A Crystal Structure of a Protein of Unknown Function PA1234 from Pseudomonas aeruginosa' 
_struct.pdbx_model_details        ? 
_struct.pdbx_CASP_flag            ? 
_struct.pdbx_model_type_details   ? 
# 
_struct_keywords.entry_id        1Z6N 
_struct_keywords.pdbx_keywords   'STRUCTURAL GENOMICS, UNKNOWN FUNCTION' 
_struct_keywords.text            
;Pseudomonas aeruginosa, alpha-beta-alpha sandwich, Structural Genomics, PSI, Protein Structure Initiative, Midwest Center for Structural Genomics, MCSG, UNKNOWN FUNCTION
;
# 
loop_
_struct_asym.id 
_struct_asym.pdbx_blank_PDB_chainid_flag 
_struct_asym.pdbx_modified 
_struct_asym.entity_id 
_struct_asym.details 
A N N 1 ? 
B N N 2 ? 
C N N 3 ? 
# 
_struct_ref.id                         1 
_struct_ref.db_name                    UNP 
_struct_ref.db_code                    Q9I4A4_PSEAE 
_struct_ref.pdbx_db_accession          Q9I4A4 
_struct_ref.entity_id                  1 
_struct_ref.pdbx_seq_one_letter_code   
;MASYAELFDIGEDFAAFVGHGLATEQGAVARFRQKLESNGLPSALTERLQRIERRYRLLVAGEMWCPDCQINLAALDFAQ
RLQPNIELAIISKGRAEDDLRQRLALERIAIPLVLVLDEEFNLLGRFVERPQAVLDGGPQALAAYKAGDYLEHAIGDVLA
IIEGAAR
;
_struct_ref.pdbx_align_begin           1 
_struct_ref.pdbx_db_isoform            ? 
# 
_struct_ref_seq.align_id                      1 
_struct_ref_seq.ref_id                        1 
_struct_ref_seq.pdbx_PDB_id_code              1Z6N 
_struct_ref_seq.pdbx_strand_id                A 
_struct_ref_seq.seq_align_beg                 1 
_struct_ref_seq.pdbx_seq_align_beg_ins_code   ? 
_struct_ref_seq.seq_align_end                 167 
_struct_ref_seq.pdbx_seq_align_end_ins_code   ? 
_struct_ref_seq.pdbx_db_accession             Q9I4A4 
_struct_ref_seq.db_align_beg                  1 
_struct_ref_seq.pdbx_db_align_beg_ins_code    ? 
_struct_ref_seq.db_align_end                  167 
_struct_ref_seq.pdbx_db_align_end_ins_code    ? 
_struct_ref_seq.pdbx_auth_seq_align_beg       1 
_struct_ref_seq.pdbx_auth_seq_align_end       167 
# 
_pdbx_struct_assembly.id                   1 
_pdbx_struct_assembly.details              author_defined_assembly 
_pdbx_struct_assembly.method_details       ? 
_pdbx_struct_assembly.oligomeric_details   monomeric 
_pdbx_struct_assembly.oligomeric_count     1 
# 
_pdbx_struct_assembly_gen.assembly_id       1 
_pdbx_struct_assembly_gen.oper_expression   1 
_pdbx_struct_assembly_gen.asym_id_list      A,B,C 
# 
_pdbx_struct_oper_list.id                   1 
_pdbx_struct_oper_list.type                 'identity operation' 
_pdbx_struct_oper_list.name                 1_555 
_pdbx_struct_oper_list.symmetry_operation   x,y,z 
_pdbx_struct_oper_list.matrix[1][1]         1.0000000000 
_pdbx_struct_oper_list.matrix[1][2]         0.0000000000 
_pdbx_struct_oper_list.matrix[1][3]         0.0000000000 
_pdbx_struct_oper_list.vector[1]            0.0000000000 
_pdbx_struct_oper_list.matrix[2][1]         0.0000000000 
_pdbx_struct_oper_list.matrix[2][2]         1.0000000000 
_pdbx_struct_oper_list.matrix[2][3]         0.0000000000 
_pdbx_struct_oper_list.vector[2]            0.0000000000 
_pdbx_struct_oper_list.matrix[3][1]         0.0000000000 
_pdbx_struct_oper_list.matrix[3][2]         0.0000000000 
_pdbx_struct_oper_list.matrix[3][3]         1.0000000000 
_pdbx_struct_oper_list.vector[3]            0.0000000000 
# 
_struct_biol.id                    1 
_struct_biol.details               
'This protein existed as monomer. The deposited coords. represent the monomer in the asymmtric unit.' 
_struct_biol.pdbx_parent_biol_id   ? 
# 
loop_
_struct_conf.conf_type_id 
_struct_conf.id 
_struct_conf.pdbx_PDB_helix_id 
_struct_conf.beg_label_comp_id 
_struct_conf.beg_label_asym_id 
_struct_conf.beg_label_seq_id 
_struct_conf.pdbx_beg_PDB_ins_code 
_struct_conf.end_label_comp_id 
_struct_conf.end_label_asym_id 
_struct_conf.end_label_seq_id 
_struct_conf.pdbx_end_PDB_ins_code 
_struct_conf.beg_auth_comp_id 
_struct_conf.beg_auth_asym_id 
_struct_conf.beg_auth_seq_id 
_struct_conf.end_auth_comp_id 
_struct_conf.end_auth_asym_id 
_struct_conf.end_auth_seq_id 
_struct_conf.pdbx_PDB_helix_class 
_struct_conf.details 
_struct_conf.pdbx_PDB_helix_length 
HELX_P HELX_P1 1 SER A 3   ? GLY A 11  ? SER A 3   GLY A 11  1 ? 9  
HELX_P HELX_P2 2 ASP A 13  ? HIS A 20  ? ASP A 13  HIS A 20  1 ? 8  
HELX_P HELX_P3 3 LEU A 22  ? GLY A 40  ? LEU A 22  GLY A 40  1 ? 19 
HELX_P HELX_P4 4 PRO A 42  ? ARG A 51  ? PRO A 42  ARG A 51  1 ? 10 
HELX_P HELX_P5 5 CYS A 66  ? GLN A 83  ? CYS A 66  GLN A 83  1 ? 18 
HELX_P HELX_P6 6 SER A 92  ? LEU A 100 ? SER A 92  LEU A 100 1 ? 9  
HELX_P HELX_P7 7 PRO A 131 ? GLY A 138 ? PRO A 131 GLY A 138 1 ? 8  
HELX_P HELX_P8 8 GLY A 138 ? ALA A 147 ? GLY A 138 ALA A 147 1 ? 10 
HELX_P HELX_P9 9 TYR A 150 ? ALA A 165 ? TYR A 150 ALA A 165 1 ? 16 
# 
_struct_conf_type.id          HELX_P 
_struct_conf_type.criteria    ? 
_struct_conf_type.reference   ? 
# 
loop_
_struct_conn.id 
_struct_conn.conn_type_id 
_struct_conn.pdbx_leaving_atom_flag 
_struct_conn.pdbx_PDB_id 
_struct_conn.ptnr1_label_asym_id 
_struct_conn.ptnr1_label_comp_id 
_struct_conn.ptnr1_label_seq_id 
_struct_conn.ptnr1_label_atom_id 
_struct_conn.pdbx_ptnr1_label_alt_id 
_struct_conn.pdbx_ptnr1_PDB_ins_code 
_struct_conn.pdbx_ptnr1_standard_comp_id 
_struct_conn.ptnr1_symmetry 
_struct_conn.ptnr2_label_asym_id 
_struct_conn.ptnr2_label_comp_id 
_struct_conn.ptnr2_label_seq_id 
_struct_conn.ptnr2_label_atom_id 
_struct_conn.pdbx_ptnr2_label_alt_id 
_struct_conn.pdbx_ptnr2_PDB_ins_code 
_struct_conn.ptnr1_auth_asym_id 
_struct_conn.ptnr1_auth_comp_id 
_struct_conn.ptnr1_auth_seq_id 
_struct_conn.ptnr2_auth_asym_id 
_struct_conn.ptnr2_auth_comp_id 
_struct_conn.ptnr2_auth_seq_id 
_struct_conn.ptnr2_symmetry 
_struct_conn.pdbx_ptnr3_label_atom_id 
_struct_conn.pdbx_ptnr3_label_seq_id 
_struct_conn.pdbx_ptnr3_label_comp_id 
_struct_conn.pdbx_ptnr3_label_asym_id 
_struct_conn.pdbx_ptnr3_label_alt_id 
_struct_conn.pdbx_ptnr3_PDB_ins_code 
_struct_conn.details 
_struct_conn.pdbx_dist_value 
_struct_conn.pdbx_value_order 
_struct_conn.pdbx_role 
metalc1 metalc ? ? A ASP 13 OD2 ? ? ? 1_555 B MG  . MG ? ? A ASP 13  A MG  301 1_555 ? ? ? ? ? ? ? 2.065 ? ? 
metalc2 metalc ? ? B MG  .  MG  ? ? ? 1_555 C HOH . O  ? ? A MG  301 A HOH 311 1_555 ? ? ? ? ? ? ? 2.171 ? ? 
metalc3 metalc ? ? B MG  .  MG  ? ? ? 1_555 C HOH . O  ? ? A MG  301 A HOH 329 1_555 ? ? ? ? ? ? ? 2.050 ? ? 
metalc4 metalc ? ? B MG  .  MG  ? ? ? 1_555 C HOH . O  ? ? A MG  301 A HOH 330 1_555 ? ? ? ? ? ? ? 2.105 ? ? 
metalc5 metalc ? ? B MG  .  MG  ? ? ? 1_555 C HOH . O  ? ? A MG  301 A HOH 542 1_555 ? ? ? ? ? ? ? 2.069 ? ? 
metalc6 metalc ? ? B MG  .  MG  ? ? ? 1_555 C HOH . O  ? ? A MG  301 A HOH 554 1_555 ? ? ? ? ? ? ? 1.943 ? ? 
# 
_struct_conn_type.id          metalc 
_struct_conn_type.criteria    ? 
_struct_conn_type.reference   ? 
# 
loop_
_pdbx_struct_conn_angle.id 
_pdbx_struct_conn_angle.ptnr1_label_atom_id 
_pdbx_struct_conn_angle.ptnr1_label_alt_id 
_pdbx_struct_conn_angle.ptnr1_label_asym_id 
_pdbx_struct_conn_angle.ptnr1_label_comp_id 
_pdbx_struct_conn_angle.ptnr1_label_seq_id 
_pdbx_struct_conn_angle.ptnr1_auth_atom_id 
_pdbx_struct_conn_angle.ptnr1_auth_asym_id 
_pdbx_struct_conn_angle.ptnr1_auth_comp_id 
_pdbx_struct_conn_angle.ptnr1_auth_seq_id 
_pdbx_struct_conn_angle.ptnr1_PDB_ins_code 
_pdbx_struct_conn_angle.ptnr1_symmetry 
_pdbx_struct_conn_angle.ptnr2_label_atom_id 
_pdbx_struct_conn_angle.ptnr2_label_alt_id 
_pdbx_struct_conn_angle.ptnr2_label_asym_id 
_pdbx_struct_conn_angle.ptnr2_label_comp_id 
_pdbx_struct_conn_angle.ptnr2_label_seq_id 
_pdbx_struct_conn_angle.ptnr2_auth_atom_id 
_pdbx_struct_conn_angle.ptnr2_auth_asym_id 
_pdbx_struct_conn_angle.ptnr2_auth_comp_id 
_pdbx_struct_conn_angle.ptnr2_auth_seq_id 
_pdbx_struct_conn_angle.ptnr2_PDB_ins_code 
_pdbx_struct_conn_angle.ptnr2_symmetry 
_pdbx_struct_conn_angle.ptnr3_label_atom_id 
_pdbx_struct_conn_angle.ptnr3_label_alt_id 
_pdbx_struct_conn_angle.ptnr3_label_asym_id 
_pdbx_struct_conn_angle.ptnr3_label_comp_id 
_pdbx_struct_conn_angle.ptnr3_label_seq_id 
_pdbx_struct_conn_angle.ptnr3_auth_atom_id 
_pdbx_struct_conn_angle.ptnr3_auth_asym_id 
_pdbx_struct_conn_angle.ptnr3_auth_comp_id 
_pdbx_struct_conn_angle.ptnr3_auth_seq_id 
_pdbx_struct_conn_angle.ptnr3_PDB_ins_code 
_pdbx_struct_conn_angle.ptnr3_symmetry 
_pdbx_struct_conn_angle.value 
_pdbx_struct_conn_angle.value_esd 
1  OD2 ? A ASP 13 ? A ASP 13  ? 1_555 MG ? B MG . ? A MG 301 ? 1_555 O ? C HOH . ? A HOH 311 ? 1_555 87.5  ? 
2  OD2 ? A ASP 13 ? A ASP 13  ? 1_555 MG ? B MG . ? A MG 301 ? 1_555 O ? C HOH . ? A HOH 329 ? 1_555 178.1 ? 
3  O   ? C HOH .  ? A HOH 311 ? 1_555 MG ? B MG . ? A MG 301 ? 1_555 O ? C HOH . ? A HOH 329 ? 1_555 90.7  ? 
4  OD2 ? A ASP 13 ? A ASP 13  ? 1_555 MG ? B MG . ? A MG 301 ? 1_555 O ? C HOH . ? A HOH 330 ? 1_555 89.0  ? 
5  O   ? C HOH .  ? A HOH 311 ? 1_555 MG ? B MG . ? A MG 301 ? 1_555 O ? C HOH . ? A HOH 330 ? 1_555 84.5  ? 
6  O   ? C HOH .  ? A HOH 329 ? 1_555 MG ? B MG . ? A MG 301 ? 1_555 O ? C HOH . ? A HOH 330 ? 1_555 91.0  ? 
7  OD2 ? A ASP 13 ? A ASP 13  ? 1_555 MG ? B MG . ? A MG 301 ? 1_555 O ? C HOH . ? A HOH 542 ? 1_555 89.9  ? 
8  O   ? C HOH .  ? A HOH 311 ? 1_555 MG ? B MG . ? A MG 301 ? 1_555 O ? C HOH . ? A HOH 542 ? 1_555 89.4  ? 
9  O   ? C HOH .  ? A HOH 329 ? 1_555 MG ? B MG . ? A MG 301 ? 1_555 O ? C HOH . ? A HOH 542 ? 1_555 90.0  ? 
10 O   ? C HOH .  ? A HOH 330 ? 1_555 MG ? B MG . ? A MG 301 ? 1_555 O ? C HOH . ? A HOH 542 ? 1_555 173.8 ? 
11 OD2 ? A ASP 13 ? A ASP 13  ? 1_555 MG ? B MG . ? A MG 301 ? 1_555 O ? C HOH . ? A HOH 554 ? 1_555 86.5  ? 
12 O   ? C HOH .  ? A HOH 311 ? 1_555 MG ? B MG . ? A MG 301 ? 1_555 O ? C HOH . ? A HOH 554 ? 1_555 173.2 ? 
13 O   ? C HOH .  ? A HOH 329 ? 1_555 MG ? B MG . ? A MG 301 ? 1_555 O ? C HOH . ? A HOH 554 ? 1_555 95.3  ? 
14 O   ? C HOH .  ? A HOH 330 ? 1_555 MG ? B MG . ? A MG 301 ? 1_555 O ? C HOH . ? A HOH 554 ? 1_555 92.2  ? 
15 O   ? C HOH .  ? A HOH 542 ? 1_555 MG ? B MG . ? A MG 301 ? 1_555 O ? C HOH . ? A HOH 554 ? 1_555 93.7  ? 
# 
_struct_mon_prot_cis.pdbx_id                1 
_struct_mon_prot_cis.label_comp_id          ILE 
_struct_mon_prot_cis.label_seq_id           111 
_struct_mon_prot_cis.label_asym_id          A 
_struct_mon_prot_cis.label_alt_id           . 
_struct_mon_prot_cis.pdbx_PDB_ins_code      ? 
_struct_mon_prot_cis.auth_comp_id           ILE 
_struct_mon_prot_cis.auth_seq_id            111 
_struct_mon_prot_cis.auth_asym_id           A 
_struct_mon_prot_cis.pdbx_label_comp_id_2   PRO 
_struct_mon_prot_cis.pdbx_label_seq_id_2    112 
_struct_mon_prot_cis.pdbx_label_asym_id_2   A 
_struct_mon_prot_cis.pdbx_PDB_ins_code_2    ? 
_struct_mon_prot_cis.pdbx_auth_comp_id_2    PRO 
_struct_mon_prot_cis.pdbx_auth_seq_id_2     112 
_struct_mon_prot_cis.pdbx_auth_asym_id_2    A 
_struct_mon_prot_cis.pdbx_PDB_model_num     1 
_struct_mon_prot_cis.pdbx_omega_angle       -0.69 
# 
_struct_sheet.id               A 
_struct_sheet.type             ? 
_struct_sheet.number_strands   4 
_struct_sheet.details          ? 
# 
loop_
_struct_sheet_order.sheet_id 
_struct_sheet_order.range_id_1 
_struct_sheet_order.range_id_2 
_struct_sheet_order.offset 
_struct_sheet_order.sense 
A 1 2 ? parallel      
A 2 3 ? anti-parallel 
A 3 4 ? anti-parallel 
# 
loop_
_struct_sheet_range.sheet_id 
_struct_sheet_range.id 
_struct_sheet_range.beg_label_comp_id 
_struct_sheet_range.beg_label_asym_id 
_struct_sheet_range.beg_label_seq_id 
_struct_sheet_range.pdbx_beg_PDB_ins_code 
_struct_sheet_range.end_label_comp_id 
_struct_sheet_range.end_label_asym_id 
_struct_sheet_range.end_label_seq_id 
_struct_sheet_range.pdbx_end_PDB_ins_code 
_struct_sheet_range.beg_auth_comp_id 
_struct_sheet_range.beg_auth_asym_id 
_struct_sheet_range.beg_auth_seq_id 
_struct_sheet_range.end_auth_comp_id 
_struct_sheet_range.end_auth_asym_id 
_struct_sheet_range.end_auth_seq_id 
A 1 ILE A 86  ? ILE A 91  ? ILE A 86  ILE A 91  
A 2 TYR A 56  ? ALA A 61  ? TYR A 56  ALA A 61  
A 3 LEU A 113 ? LEU A 117 ? LEU A 113 LEU A 117 
A 4 LEU A 123 ? VAL A 128 ? LEU A 123 VAL A 128 
# 
loop_
_pdbx_struct_sheet_hbond.sheet_id 
_pdbx_struct_sheet_hbond.range_id_1 
_pdbx_struct_sheet_hbond.range_id_2 
_pdbx_struct_sheet_hbond.range_1_label_atom_id 
_pdbx_struct_sheet_hbond.range_1_label_comp_id 
_pdbx_struct_sheet_hbond.range_1_label_asym_id 
_pdbx_struct_sheet_hbond.range_1_label_seq_id 
_pdbx_struct_sheet_hbond.range_1_PDB_ins_code 
_pdbx_struct_sheet_hbond.range_1_auth_atom_id 
_pdbx_struct_sheet_hbond.range_1_auth_comp_id 
_pdbx_struct_sheet_hbond.range_1_auth_asym_id 
_pdbx_struct_sheet_hbond.range_1_auth_seq_id 
_pdbx_struct_sheet_hbond.range_2_label_atom_id 
_pdbx_struct_sheet_hbond.range_2_label_comp_id 
_pdbx_struct_sheet_hbond.range_2_label_asym_id 
_pdbx_struct_sheet_hbond.range_2_label_seq_id 
_pdbx_struct_sheet_hbond.range_2_PDB_ins_code 
_pdbx_struct_sheet_hbond.range_2_auth_atom_id 
_pdbx_struct_sheet_hbond.range_2_auth_comp_id 
_pdbx_struct_sheet_hbond.range_2_auth_asym_id 
_pdbx_struct_sheet_hbond.range_2_auth_seq_id 
A 1 2 O GLU A 87  ? O GLU A 87  N LEU A 58  ? N LEU A 58  
A 2 3 N LEU A 59  ? N LEU A 59  O LEU A 115 ? O LEU A 115 
A 3 4 N VAL A 116 ? N VAL A 116 O LEU A 124 ? O LEU A 124 
# 
_struct_site.id                   AC1 
_struct_site.pdbx_evidence_code   Software 
_struct_site.pdbx_auth_asym_id    A 
_struct_site.pdbx_auth_comp_id    MG 
_struct_site.pdbx_auth_seq_id     301 
_struct_site.pdbx_auth_ins_code   ? 
_struct_site.pdbx_num_residues    6 
_struct_site.details              'BINDING SITE FOR RESIDUE MG A 301' 
# 
loop_
_struct_site_gen.id 
_struct_site_gen.site_id 
_struct_site_gen.pdbx_num_res 
_struct_site_gen.label_comp_id 
_struct_site_gen.label_asym_id 
_struct_site_gen.label_seq_id 
_struct_site_gen.pdbx_auth_ins_code 
_struct_site_gen.auth_comp_id 
_struct_site_gen.auth_asym_id 
_struct_site_gen.auth_seq_id 
_struct_site_gen.label_atom_id 
_struct_site_gen.label_alt_id 
_struct_site_gen.symmetry 
_struct_site_gen.details 
1 AC1 6 ASP A 13 ? ASP A 13  . ? 1_555 ? 
2 AC1 6 HOH C .  ? HOH A 311 . ? 1_555 ? 
3 AC1 6 HOH C .  ? HOH A 329 . ? 1_555 ? 
4 AC1 6 HOH C .  ? HOH A 330 . ? 1_555 ? 
5 AC1 6 HOH C .  ? HOH A 542 . ? 1_555 ? 
6 AC1 6 HOH C .  ? HOH A 554 . ? 1_555 ? 
# 
loop_
_pdbx_validate_close_contact.id 
_pdbx_validate_close_contact.PDB_model_num 
_pdbx_validate_close_contact.auth_atom_id_1 
_pdbx_validate_close_contact.auth_asym_id_1 
_pdbx_validate_close_contact.auth_comp_id_1 
_pdbx_validate_close_contact.auth_seq_id_1 
_pdbx_validate_close_contact.PDB_ins_code_1 
_pdbx_validate_close_contact.label_alt_id_1 
_pdbx_validate_close_contact.auth_atom_id_2 
_pdbx_validate_close_contact.auth_asym_id_2 
_pdbx_validate_close_contact.auth_comp_id_2 
_pdbx_validate_close_contact.auth_seq_id_2 
_pdbx_validate_close_contact.PDB_ins_code_2 
_pdbx_validate_close_contact.label_alt_id_2 
_pdbx_validate_close_contact.dist 
1 1 O   A HOH 346 ? ? O A HOH 552 ? ? 2.02 
2 1 O   A HOH 380 ? ? O A HOH 545 ? ? 2.11 
3 1 OD2 A ASP 9   ? ? O A HOH 402 ? ? 2.14 
# 
_pdbx_validate_symm_contact.id                1 
_pdbx_validate_symm_contact.PDB_model_num     1 
_pdbx_validate_symm_contact.auth_atom_id_1    O 
_pdbx_validate_symm_contact.auth_asym_id_1    A 
_pdbx_validate_symm_contact.auth_comp_id_1    HOH 
_pdbx_validate_symm_contact.auth_seq_id_1     435 
_pdbx_validate_symm_contact.PDB_ins_code_1    ? 
_pdbx_validate_symm_contact.label_alt_id_1    ? 
_pdbx_validate_symm_contact.site_symmetry_1   1_555 
_pdbx_validate_symm_contact.auth_atom_id_2    O 
_pdbx_validate_symm_contact.auth_asym_id_2    A 
_pdbx_validate_symm_contact.auth_comp_id_2    HOH 
_pdbx_validate_symm_contact.auth_seq_id_2     543 
_pdbx_validate_symm_contact.PDB_ins_code_2    ? 
_pdbx_validate_symm_contact.label_alt_id_2    ? 
_pdbx_validate_symm_contact.site_symmetry_2   3_556 
_pdbx_validate_symm_contact.dist              2.14 
# 
_pdbx_validate_torsion.id              1 
_pdbx_validate_torsion.PDB_model_num   1 
_pdbx_validate_torsion.auth_comp_id    GLU 
_pdbx_validate_torsion.auth_asym_id    A 
_pdbx_validate_torsion.auth_seq_id     129 
_pdbx_validate_torsion.PDB_ins_code    ? 
_pdbx_validate_torsion.label_alt_id    ? 
_pdbx_validate_torsion.phi             72.40 
_pdbx_validate_torsion.psi             -59.64 
# 
_pdbx_SG_project.id                    1 
_pdbx_SG_project.project_name          'PSI, Protein Structure Initiative' 
_pdbx_SG_project.full_name_of_center   'Midwest Center for Structural Genomics' 
_pdbx_SG_project.initial_of_center     MCSG 
# 
loop_
_pdbx_struct_special_symmetry.id 
_pdbx_struct_special_symmetry.PDB_model_num 
_pdbx_struct_special_symmetry.auth_asym_id 
_pdbx_struct_special_symmetry.auth_comp_id 
_pdbx_struct_special_symmetry.auth_seq_id 
_pdbx_struct_special_symmetry.PDB_ins_code 
_pdbx_struct_special_symmetry.label_asym_id 
_pdbx_struct_special_symmetry.label_comp_id 
_pdbx_struct_special_symmetry.label_seq_id 
1 1 A HOH 302 ? C HOH . 
2 1 A HOH 306 ? C HOH . 
3 1 A HOH 331 ? C HOH . 
4 1 A HOH 436 ? C HOH . 
# 
_pdbx_refine_tls.id               1 
_pdbx_refine_tls.details          ? 
_pdbx_refine_tls.method           refined 
_pdbx_refine_tls.origin_x         -0.2408 
_pdbx_refine_tls.origin_y         0.1934 
_pdbx_refine_tls.origin_z         -0.2159 
_pdbx_refine_tls.T[1][1]          0.0375 
_pdbx_refine_tls.T[2][2]          -0.0794 
_pdbx_refine_tls.T[3][3]          -0.0575 
_pdbx_refine_tls.T[1][2]          -0.0248 
_pdbx_refine_tls.T[1][3]          -0.0190 
_pdbx_refine_tls.T[2][3]          0.0011 
_pdbx_refine_tls.L[1][1]          0.7945 
_pdbx_refine_tls.L[2][2]          2.5887 
_pdbx_refine_tls.L[3][3]          1.0726 
_pdbx_refine_tls.L[1][2]          -0.2762 
_pdbx_refine_tls.L[1][3]          0.4053 
_pdbx_refine_tls.L[2][3]          0.1283 
_pdbx_refine_tls.S[1][1]          -0.0511 
_pdbx_refine_tls.S[1][2]          -0.0641 
_pdbx_refine_tls.S[1][3]          0.0888 
_pdbx_refine_tls.S[2][1]          0.5090 
_pdbx_refine_tls.S[2][2]          0.0353 
_pdbx_refine_tls.S[2][3]          -0.1441 
_pdbx_refine_tls.S[3][1]          -0.0869 
_pdbx_refine_tls.S[3][2]          -0.0583 
_pdbx_refine_tls.S[3][3]          0.0159 
_pdbx_refine_tls.pdbx_refine_id   'X-RAY DIFFRACTION' 
# 
loop_
_pdbx_refine_tls_group.id 
_pdbx_refine_tls_group.refine_tls_id 
_pdbx_refine_tls_group.beg_label_asym_id 
_pdbx_refine_tls_group.beg_label_seq_id 
_pdbx_refine_tls_group.beg_auth_seq_id 
_pdbx_refine_tls_group.end_label_asym_id 
_pdbx_refine_tls_group.end_label_seq_id 
_pdbx_refine_tls_group.end_auth_seq_id 
_pdbx_refine_tls_group.selection 
_pdbx_refine_tls_group.beg_auth_asym_id 
_pdbx_refine_tls_group.end_auth_asym_id 
_pdbx_refine_tls_group.pdbx_refine_id 
_pdbx_refine_tls_group.selection_details 
1 1 A 1   1   A 33  33  ? A A 'X-RAY DIFFRACTION' ? 
2 1 A 34  34  A 60  60  ? A A 'X-RAY DIFFRACTION' ? 
3 1 A 61  61  A 106 106 ? A A 'X-RAY DIFFRACTION' ? 
4 1 A 107 107 A 136 136 ? A A 'X-RAY DIFFRACTION' ? 
5 1 A 137 137 A 149 149 ? A A 'X-RAY DIFFRACTION' ? 
6 1 A 150 150 A 166 166 ? A A 'X-RAY DIFFRACTION' ? 
# 
_pdbx_unobs_or_zero_occ_residues.id               1 
_pdbx_unobs_or_zero_occ_residues.PDB_model_num    1 
_pdbx_unobs_or_zero_occ_residues.polymer_flag     Y 
_pdbx_unobs_or_zero_occ_residues.occupancy_flag   1 
_pdbx_unobs_or_zero_occ_residues.auth_asym_id     A 
_pdbx_unobs_or_zero_occ_residues.auth_comp_id     ARG 
_pdbx_unobs_or_zero_occ_residues.auth_seq_id      167 
_pdbx_unobs_or_zero_occ_residues.PDB_ins_code     ? 
_pdbx_unobs_or_zero_occ_residues.label_asym_id    A 
_pdbx_unobs_or_zero_occ_residues.label_comp_id    ARG 
_pdbx_unobs_or_zero_occ_residues.label_seq_id     167 
# 
loop_
_chem_comp_atom.comp_id 
_chem_comp_atom.atom_id 
_chem_comp_atom.type_symbol 
_chem_comp_atom.pdbx_aromatic_flag 
_chem_comp_atom.pdbx_stereo_config 
_chem_comp_atom.pdbx_ordinal 
ALA N    N  N N 1   
ALA CA   C  N S 2   
ALA C    C  N N 3   
ALA O    O  N N 4   
ALA CB   C  N N 5   
ALA OXT  O  N N 6   
ALA H    H  N N 7   
ALA H2   H  N N 8   
ALA HA   H  N N 9   
ALA HB1  H  N N 10  
ALA HB2  H  N N 11  
ALA HB3  H  N N 12  
ALA HXT  H  N N 13  
ARG N    N  N N 14  
ARG CA   C  N S 15  
ARG C    C  N N 16  
ARG O    O  N N 17  
ARG CB   C  N N 18  
ARG CG   C  N N 19  
ARG CD   C  N N 20  
ARG NE   N  N N 21  
ARG CZ   C  N N 22  
ARG NH1  N  N N 23  
ARG NH2  N  N N 24  
ARG OXT  O  N N 25  
ARG H    H  N N 26  
ARG H2   H  N N 27  
ARG HA   H  N N 28  
ARG HB2  H  N N 29  
ARG HB3  H  N N 30  
ARG HG2  H  N N 31  
ARG HG3  H  N N 32  
ARG HD2  H  N N 33  
ARG HD3  H  N N 34  
ARG HE   H  N N 35  
ARG HH11 H  N N 36  
ARG HH12 H  N N 37  
ARG HH21 H  N N 38  
ARG HH22 H  N N 39  
ARG HXT  H  N N 40  
ASN N    N  N N 41  
ASN CA   C  N S 42  
ASN C    C  N N 43  
ASN O    O  N N 44  
ASN CB   C  N N 45  
ASN CG   C  N N 46  
ASN OD1  O  N N 47  
ASN ND2  N  N N 48  
ASN OXT  O  N N 49  
ASN H    H  N N 50  
ASN H2   H  N N 51  
ASN HA   H  N N 52  
ASN HB2  H  N N 53  
ASN HB3  H  N N 54  
ASN HD21 H  N N 55  
ASN HD22 H  N N 56  
ASN HXT  H  N N 57  
ASP N    N  N N 58  
ASP CA   C  N S 59  
ASP C    C  N N 60  
ASP O    O  N N 61  
ASP CB   C  N N 62  
ASP CG   C  N N 63  
ASP OD1  O  N N 64  
ASP OD2  O  N N 65  
ASP OXT  O  N N 66  
ASP H    H  N N 67  
ASP H2   H  N N 68  
ASP HA   H  N N 69  
ASP HB2  H  N N 70  
ASP HB3  H  N N 71  
ASP HD2  H  N N 72  
ASP HXT  H  N N 73  
CYS N    N  N N 74  
CYS CA   C  N R 75  
CYS C    C  N N 76  
CYS O    O  N N 77  
CYS CB   C  N N 78  
CYS SG   S  N N 79  
CYS OXT  O  N N 80  
CYS H    H  N N 81  
CYS H2   H  N N 82  
CYS HA   H  N N 83  
CYS HB2  H  N N 84  
CYS HB3  H  N N 85  
CYS HG   H  N N 86  
CYS HXT  H  N N 87  
GLN N    N  N N 88  
GLN CA   C  N S 89  
GLN C    C  N N 90  
GLN O    O  N N 91  
GLN CB   C  N N 92  
GLN CG   C  N N 93  
GLN CD   C  N N 94  
GLN OE1  O  N N 95  
GLN NE2  N  N N 96  
GLN OXT  O  N N 97  
GLN H    H  N N 98  
GLN H2   H  N N 99  
GLN HA   H  N N 100 
GLN HB2  H  N N 101 
GLN HB3  H  N N 102 
GLN HG2  H  N N 103 
GLN HG3  H  N N 104 
GLN HE21 H  N N 105 
GLN HE22 H  N N 106 
GLN HXT  H  N N 107 
GLU N    N  N N 108 
GLU CA   C  N S 109 
GLU C    C  N N 110 
GLU O    O  N N 111 
GLU CB   C  N N 112 
GLU CG   C  N N 113 
GLU CD   C  N N 114 
GLU OE1  O  N N 115 
GLU OE2  O  N N 116 
GLU OXT  O  N N 117 
GLU H    H  N N 118 
GLU H2   H  N N 119 
GLU HA   H  N N 120 
GLU HB2  H  N N 121 
GLU HB3  H  N N 122 
GLU HG2  H  N N 123 
GLU HG3  H  N N 124 
GLU HE2  H  N N 125 
GLU HXT  H  N N 126 
GLY N    N  N N 127 
GLY CA   C  N N 128 
GLY C    C  N N 129 
GLY O    O  N N 130 
GLY OXT  O  N N 131 
GLY H    H  N N 132 
GLY H2   H  N N 133 
GLY HA2  H  N N 134 
GLY HA3  H  N N 135 
GLY HXT  H  N N 136 
HIS N    N  N N 137 
HIS CA   C  N S 138 
HIS C    C  N N 139 
HIS O    O  N N 140 
HIS CB   C  N N 141 
HIS CG   C  Y N 142 
HIS ND1  N  Y N 143 
HIS CD2  C  Y N 144 
HIS CE1  C  Y N 145 
HIS NE2  N  Y N 146 
HIS OXT  O  N N 147 
HIS H    H  N N 148 
HIS H2   H  N N 149 
HIS HA   H  N N 150 
HIS HB2  H  N N 151 
HIS HB3  H  N N 152 
HIS HD1  H  N N 153 
HIS HD2  H  N N 154 
HIS HE1  H  N N 155 
HIS HE2  H  N N 156 
HIS HXT  H  N N 157 
HOH O    O  N N 158 
HOH H1   H  N N 159 
HOH H2   H  N N 160 
ILE N    N  N N 161 
ILE CA   C  N S 162 
ILE C    C  N N 163 
ILE O    O  N N 164 
ILE CB   C  N S 165 
ILE CG1  C  N N 166 
ILE CG2  C  N N 167 
ILE CD1  C  N N 168 
ILE OXT  O  N N 169 
ILE H    H  N N 170 
ILE H2   H  N N 171 
ILE HA   H  N N 172 
ILE HB   H  N N 173 
ILE HG12 H  N N 174 
ILE HG13 H  N N 175 
ILE HG21 H  N N 176 
ILE HG22 H  N N 177 
ILE HG23 H  N N 178 
ILE HD11 H  N N 179 
ILE HD12 H  N N 180 
ILE HD13 H  N N 181 
ILE HXT  H  N N 182 
LEU N    N  N N 183 
LEU CA   C  N S 184 
LEU C    C  N N 185 
LEU O    O  N N 186 
LEU CB   C  N N 187 
LEU CG   C  N N 188 
LEU CD1  C  N N 189 
LEU CD2  C  N N 190 
LEU OXT  O  N N 191 
LEU H    H  N N 192 
LEU H2   H  N N 193 
LEU HA   H  N N 194 
LEU HB2  H  N N 195 
LEU HB3  H  N N 196 
LEU HG   H  N N 197 
LEU HD11 H  N N 198 
LEU HD12 H  N N 199 
LEU HD13 H  N N 200 
LEU HD21 H  N N 201 
LEU HD22 H  N N 202 
LEU HD23 H  N N 203 
LEU HXT  H  N N 204 
LYS N    N  N N 205 
LYS CA   C  N S 206 
LYS C    C  N N 207 
LYS O    O  N N 208 
LYS CB   C  N N 209 
LYS CG   C  N N 210 
LYS CD   C  N N 211 
LYS CE   C  N N 212 
LYS NZ   N  N N 213 
LYS OXT  O  N N 214 
LYS H    H  N N 215 
LYS H2   H  N N 216 
LYS HA   H  N N 217 
LYS HB2  H  N N 218 
LYS HB3  H  N N 219 
LYS HG2  H  N N 220 
LYS HG3  H  N N 221 
LYS HD2  H  N N 222 
LYS HD3  H  N N 223 
LYS HE2  H  N N 224 
LYS HE3  H  N N 225 
LYS HZ1  H  N N 226 
LYS HZ2  H  N N 227 
LYS HZ3  H  N N 228 
LYS HXT  H  N N 229 
MET N    N  N N 230 
MET CA   C  N S 231 
MET C    C  N N 232 
MET O    O  N N 233 
MET CB   C  N N 234 
MET CG   C  N N 235 
MET SD   S  N N 236 
MET CE   C  N N 237 
MET OXT  O  N N 238 
MET H    H  N N 239 
MET H2   H  N N 240 
MET HA   H  N N 241 
MET HB2  H  N N 242 
MET HB3  H  N N 243 
MET HG2  H  N N 244 
MET HG3  H  N N 245 
MET HE1  H  N N 246 
MET HE2  H  N N 247 
MET HE3  H  N N 248 
MET HXT  H  N N 249 
MG  MG   MG N N 250 
PHE N    N  N N 251 
PHE CA   C  N S 252 
PHE C    C  N N 253 
PHE O    O  N N 254 
PHE CB   C  N N 255 
PHE CG   C  Y N 256 
PHE CD1  C  Y N 257 
PHE CD2  C  Y N 258 
PHE CE1  C  Y N 259 
PHE CE2  C  Y N 260 
PHE CZ   C  Y N 261 
PHE OXT  O  N N 262 
PHE H    H  N N 263 
PHE H2   H  N N 264 
PHE HA   H  N N 265 
PHE HB2  H  N N 266 
PHE HB3  H  N N 267 
PHE HD1  H  N N 268 
PHE HD2  H  N N 269 
PHE HE1  H  N N 270 
PHE HE2  H  N N 271 
PHE HZ   H  N N 272 
PHE HXT  H  N N 273 
PRO N    N  N N 274 
PRO CA   C  N S 275 
PRO C    C  N N 276 
PRO O    O  N N 277 
PRO CB   C  N N 278 
PRO CG   C  N N 279 
PRO CD   C  N N 280 
PRO OXT  O  N N 281 
PRO H    H  N N 282 
PRO HA   H  N N 283 
PRO HB2  H  N N 284 
PRO HB3  H  N N 285 
PRO HG2  H  N N 286 
PRO HG3  H  N N 287 
PRO HD2  H  N N 288 
PRO HD3  H  N N 289 
PRO HXT  H  N N 290 
SER N    N  N N 291 
SER CA   C  N S 292 
SER C    C  N N 293 
SER O    O  N N 294 
SER CB   C  N N 295 
SER OG   O  N N 296 
SER OXT  O  N N 297 
SER H    H  N N 298 
SER H2   H  N N 299 
SER HA   H  N N 300 
SER HB2  H  N N 301 
SER HB3  H  N N 302 
SER HG   H  N N 303 
SER HXT  H  N N 304 
THR N    N  N N 305 
THR CA   C  N S 306 
THR C    C  N N 307 
THR O    O  N N 308 
THR CB   C  N R 309 
THR OG1  O  N N 310 
THR CG2  C  N N 311 
THR OXT  O  N N 312 
THR H    H  N N 313 
THR H2   H  N N 314 
THR HA   H  N N 315 
THR HB   H  N N 316 
THR HG1  H  N N 317 
THR HG21 H  N N 318 
THR HG22 H  N N 319 
THR HG23 H  N N 320 
THR HXT  H  N N 321 
TRP N    N  N N 322 
TRP CA   C  N S 323 
TRP C    C  N N 324 
TRP O    O  N N 325 
TRP CB   C  N N 326 
TRP CG   C  Y N 327 
TRP CD1  C  Y N 328 
TRP CD2  C  Y N 329 
TRP NE1  N  Y N 330 
TRP CE2  C  Y N 331 
TRP CE3  C  Y N 332 
TRP CZ2  C  Y N 333 
TRP CZ3  C  Y N 334 
TRP CH2  C  Y N 335 
TRP OXT  O  N N 336 
TRP H    H  N N 337 
TRP H2   H  N N 338 
TRP HA   H  N N 339 
TRP HB2  H  N N 340 
TRP HB3  H  N N 341 
TRP HD1  H  N N 342 
TRP HE1  H  N N 343 
TRP HE3  H  N N 344 
TRP HZ2  H  N N 345 
TRP HZ3  H  N N 346 
TRP HH2  H  N N 347 
TRP HXT  H  N N 348 
TYR N    N  N N 349 
TYR CA   C  N S 350 
TYR C    C  N N 351 
TYR O    O  N N 352 
TYR CB   C  N N 353 
TYR CG   C  Y N 354 
TYR CD1  C  Y N 355 
TYR CD2  C  Y N 356 
TYR CE1  C  Y N 357 
TYR CE2  C  Y N 358 
TYR CZ   C  Y N 359 
TYR OH   O  N N 360 
TYR OXT  O  N N 361 
TYR H    H  N N 362 
TYR H2   H  N N 363 
TYR HA   H  N N 364 
TYR HB2  H  N N 365 
TYR HB3  H  N N 366 
TYR HD1  H  N N 367 
TYR HD2  H  N N 368 
TYR HE1  H  N N 369 
TYR HE2  H  N N 370 
TYR HH   H  N N 371 
TYR HXT  H  N N 372 
VAL N    N  N N 373 
VAL CA   C  N S 374 
VAL C    C  N N 375 
VAL O    O  N N 376 
VAL CB   C  N N 377 
VAL CG1  C  N N 378 
VAL CG2  C  N N 379 
VAL OXT  O  N N 380 
VAL H    H  N N 381 
VAL H2   H  N N 382 
VAL HA   H  N N 383 
VAL HB   H  N N 384 
VAL HG11 H  N N 385 
VAL HG12 H  N N 386 
VAL HG13 H  N N 387 
VAL HG21 H  N N 388 
VAL HG22 H  N N 389 
VAL HG23 H  N N 390 
VAL HXT  H  N N 391 
# 
loop_
_chem_comp_bond.comp_id 
_chem_comp_bond.atom_id_1 
_chem_comp_bond.atom_id_2 
_chem_comp_bond.value_order 
_chem_comp_bond.pdbx_aromatic_flag 
_chem_comp_bond.pdbx_stereo_config 
_chem_comp_bond.pdbx_ordinal 
ALA N   CA   sing N N 1   
ALA N   H    sing N N 2   
ALA N   H2   sing N N 3   
ALA CA  C    sing N N 4   
ALA CA  CB   sing N N 5   
ALA CA  HA   sing N N 6   
ALA C   O    doub N N 7   
ALA C   OXT  sing N N 8   
ALA CB  HB1  sing N N 9   
ALA CB  HB2  sing N N 10  
ALA CB  HB3  sing N N 11  
ALA OXT HXT  sing N N 12  
ARG N   CA   sing N N 13  
ARG N   H    sing N N 14  
ARG N   H2   sing N N 15  
ARG CA  C    sing N N 16  
ARG CA  CB   sing N N 17  
ARG CA  HA   sing N N 18  
ARG C   O    doub N N 19  
ARG C   OXT  sing N N 20  
ARG CB  CG   sing N N 21  
ARG CB  HB2  sing N N 22  
ARG CB  HB3  sing N N 23  
ARG CG  CD   sing N N 24  
ARG CG  HG2  sing N N 25  
ARG CG  HG3  sing N N 26  
ARG CD  NE   sing N N 27  
ARG CD  HD2  sing N N 28  
ARG CD  HD3  sing N N 29  
ARG NE  CZ   sing N N 30  
ARG NE  HE   sing N N 31  
ARG CZ  NH1  sing N N 32  
ARG CZ  NH2  doub N N 33  
ARG NH1 HH11 sing N N 34  
ARG NH1 HH12 sing N N 35  
ARG NH2 HH21 sing N N 36  
ARG NH2 HH22 sing N N 37  
ARG OXT HXT  sing N N 38  
ASN N   CA   sing N N 39  
ASN N   H    sing N N 40  
ASN N   H2   sing N N 41  
ASN CA  C    sing N N 42  
ASN CA  CB   sing N N 43  
ASN CA  HA   sing N N 44  
ASN C   O    doub N N 45  
ASN C   OXT  sing N N 46  
ASN CB  CG   sing N N 47  
ASN CB  HB2  sing N N 48  
ASN CB  HB3  sing N N 49  
ASN CG  OD1  doub N N 50  
ASN CG  ND2  sing N N 51  
ASN ND2 HD21 sing N N 52  
ASN ND2 HD22 sing N N 53  
ASN OXT HXT  sing N N 54  
ASP N   CA   sing N N 55  
ASP N   H    sing N N 56  
ASP N   H2   sing N N 57  
ASP CA  C    sing N N 58  
ASP CA  CB   sing N N 59  
ASP CA  HA   sing N N 60  
ASP C   O    doub N N 61  
ASP C   OXT  sing N N 62  
ASP CB  CG   sing N N 63  
ASP CB  HB2  sing N N 64  
ASP CB  HB3  sing N N 65  
ASP CG  OD1  doub N N 66  
ASP CG  OD2  sing N N 67  
ASP OD2 HD2  sing N N 68  
ASP OXT HXT  sing N N 69  
CYS N   CA   sing N N 70  
CYS N   H    sing N N 71  
CYS N   H2   sing N N 72  
CYS CA  C    sing N N 73  
CYS CA  CB   sing N N 74  
CYS CA  HA   sing N N 75  
CYS C   O    doub N N 76  
CYS C   OXT  sing N N 77  
CYS CB  SG   sing N N 78  
CYS CB  HB2  sing N N 79  
CYS CB  HB3  sing N N 80  
CYS SG  HG   sing N N 81  
CYS OXT HXT  sing N N 82  
GLN N   CA   sing N N 83  
GLN N   H    sing N N 84  
GLN N   H2   sing N N 85  
GLN CA  C    sing N N 86  
GLN CA  CB   sing N N 87  
GLN CA  HA   sing N N 88  
GLN C   O    doub N N 89  
GLN C   OXT  sing N N 90  
GLN CB  CG   sing N N 91  
GLN CB  HB2  sing N N 92  
GLN CB  HB3  sing N N 93  
GLN CG  CD   sing N N 94  
GLN CG  HG2  sing N N 95  
GLN CG  HG3  sing N N 96  
GLN CD  OE1  doub N N 97  
GLN CD  NE2  sing N N 98  
GLN NE2 HE21 sing N N 99  
GLN NE2 HE22 sing N N 100 
GLN OXT HXT  sing N N 101 
GLU N   CA   sing N N 102 
GLU N   H    sing N N 103 
GLU N   H2   sing N N 104 
GLU CA  C    sing N N 105 
GLU CA  CB   sing N N 106 
GLU CA  HA   sing N N 107 
GLU C   O    doub N N 108 
GLU C   OXT  sing N N 109 
GLU CB  CG   sing N N 110 
GLU CB  HB2  sing N N 111 
GLU CB  HB3  sing N N 112 
GLU CG  CD   sing N N 113 
GLU CG  HG2  sing N N 114 
GLU CG  HG3  sing N N 115 
GLU CD  OE1  doub N N 116 
GLU CD  OE2  sing N N 117 
GLU OE2 HE2  sing N N 118 
GLU OXT HXT  sing N N 119 
GLY N   CA   sing N N 120 
GLY N   H    sing N N 121 
GLY N   H2   sing N N 122 
GLY CA  C    sing N N 123 
GLY CA  HA2  sing N N 124 
GLY CA  HA3  sing N N 125 
GLY C   O    doub N N 126 
GLY C   OXT  sing N N 127 
GLY OXT HXT  sing N N 128 
HIS N   CA   sing N N 129 
HIS N   H    sing N N 130 
HIS N   H2   sing N N 131 
HIS CA  C    sing N N 132 
HIS CA  CB   sing N N 133 
HIS CA  HA   sing N N 134 
HIS C   O    doub N N 135 
HIS C   OXT  sing N N 136 
HIS CB  CG   sing N N 137 
HIS CB  HB2  sing N N 138 
HIS CB  HB3  sing N N 139 
HIS CG  ND1  sing Y N 140 
HIS CG  CD2  doub Y N 141 
HIS ND1 CE1  doub Y N 142 
HIS ND1 HD1  sing N N 143 
HIS CD2 NE2  sing Y N 144 
HIS CD2 HD2  sing N N 145 
HIS CE1 NE2  sing Y N 146 
HIS CE1 HE1  sing N N 147 
HIS NE2 HE2  sing N N 148 
HIS OXT HXT  sing N N 149 
HOH O   H1   sing N N 150 
HOH O   H2   sing N N 151 
ILE N   CA   sing N N 152 
ILE N   H    sing N N 153 
ILE N   H2   sing N N 154 
ILE CA  C    sing N N 155 
ILE CA  CB   sing N N 156 
ILE CA  HA   sing N N 157 
ILE C   O    doub N N 158 
ILE C   OXT  sing N N 159 
ILE CB  CG1  sing N N 160 
ILE CB  CG2  sing N N 161 
ILE CB  HB   sing N N 162 
ILE CG1 CD1  sing N N 163 
ILE CG1 HG12 sing N N 164 
ILE CG1 HG13 sing N N 165 
ILE CG2 HG21 sing N N 166 
ILE CG2 HG22 sing N N 167 
ILE CG2 HG23 sing N N 168 
ILE CD1 HD11 sing N N 169 
ILE CD1 HD12 sing N N 170 
ILE CD1 HD13 sing N N 171 
ILE OXT HXT  sing N N 172 
LEU N   CA   sing N N 173 
LEU N   H    sing N N 174 
LEU N   H2   sing N N 175 
LEU CA  C    sing N N 176 
LEU CA  CB   sing N N 177 
LEU CA  HA   sing N N 178 
LEU C   O    doub N N 179 
LEU C   OXT  sing N N 180 
LEU CB  CG   sing N N 181 
LEU CB  HB2  sing N N 182 
LEU CB  HB3  sing N N 183 
LEU CG  CD1  sing N N 184 
LEU CG  CD2  sing N N 185 
LEU CG  HG   sing N N 186 
LEU CD1 HD11 sing N N 187 
LEU CD1 HD12 sing N N 188 
LEU CD1 HD13 sing N N 189 
LEU CD2 HD21 sing N N 190 
LEU CD2 HD22 sing N N 191 
LEU CD2 HD23 sing N N 192 
LEU OXT HXT  sing N N 193 
LYS N   CA   sing N N 194 
LYS N   H    sing N N 195 
LYS N   H2   sing N N 196 
LYS CA  C    sing N N 197 
LYS CA  CB   sing N N 198 
LYS CA  HA   sing N N 199 
LYS C   O    doub N N 200 
LYS C   OXT  sing N N 201 
LYS CB  CG   sing N N 202 
LYS CB  HB2  sing N N 203 
LYS CB  HB3  sing N N 204 
LYS CG  CD   sing N N 205 
LYS CG  HG2  sing N N 206 
LYS CG  HG3  sing N N 207 
LYS CD  CE   sing N N 208 
LYS CD  HD2  sing N N 209 
LYS CD  HD3  sing N N 210 
LYS CE  NZ   sing N N 211 
LYS CE  HE2  sing N N 212 
LYS CE  HE3  sing N N 213 
LYS NZ  HZ1  sing N N 214 
LYS NZ  HZ2  sing N N 215 
LYS NZ  HZ3  sing N N 216 
LYS OXT HXT  sing N N 217 
MET N   CA   sing N N 218 
MET N   H    sing N N 219 
MET N   H2   sing N N 220 
MET CA  C    sing N N 221 
MET CA  CB   sing N N 222 
MET CA  HA   sing N N 223 
MET C   O    doub N N 224 
MET C   OXT  sing N N 225 
MET CB  CG   sing N N 226 
MET CB  HB2  sing N N 227 
MET CB  HB3  sing N N 228 
MET CG  SD   sing N N 229 
MET CG  HG2  sing N N 230 
MET CG  HG3  sing N N 231 
MET SD  CE   sing N N 232 
MET CE  HE1  sing N N 233 
MET CE  HE2  sing N N 234 
MET CE  HE3  sing N N 235 
MET OXT HXT  sing N N 236 
PHE N   CA   sing N N 237 
PHE N   H    sing N N 238 
PHE N   H2   sing N N 239 
PHE CA  C    sing N N 240 
PHE CA  CB   sing N N 241 
PHE CA  HA   sing N N 242 
PHE C   O    doub N N 243 
PHE C   OXT  sing N N 244 
PHE CB  CG   sing N N 245 
PHE CB  HB2  sing N N 246 
PHE CB  HB3  sing N N 247 
PHE CG  CD1  doub Y N 248 
PHE CG  CD2  sing Y N 249 
PHE CD1 CE1  sing Y N 250 
PHE CD1 HD1  sing N N 251 
PHE CD2 CE2  doub Y N 252 
PHE CD2 HD2  sing N N 253 
PHE CE1 CZ   doub Y N 254 
PHE CE1 HE1  sing N N 255 
PHE CE2 CZ   sing Y N 256 
PHE CE2 HE2  sing N N 257 
PHE CZ  HZ   sing N N 258 
PHE OXT HXT  sing N N 259 
PRO N   CA   sing N N 260 
PRO N   CD   sing N N 261 
PRO N   H    sing N N 262 
PRO CA  C    sing N N 263 
PRO CA  CB   sing N N 264 
PRO CA  HA   sing N N 265 
PRO C   O    doub N N 266 
PRO C   OXT  sing N N 267 
PRO CB  CG   sing N N 268 
PRO CB  HB2  sing N N 269 
PRO CB  HB3  sing N N 270 
PRO CG  CD   sing N N 271 
PRO CG  HG2  sing N N 272 
PRO CG  HG3  sing N N 273 
PRO CD  HD2  sing N N 274 
PRO CD  HD3  sing N N 275 
PRO OXT HXT  sing N N 276 
SER N   CA   sing N N 277 
SER N   H    sing N N 278 
SER N   H2   sing N N 279 
SER CA  C    sing N N 280 
SER CA  CB   sing N N 281 
SER CA  HA   sing N N 282 
SER C   O    doub N N 283 
SER C   OXT  sing N N 284 
SER CB  OG   sing N N 285 
SER CB  HB2  sing N N 286 
SER CB  HB3  sing N N 287 
SER OG  HG   sing N N 288 
SER OXT HXT  sing N N 289 
THR N   CA   sing N N 290 
THR N   H    sing N N 291 
THR N   H2   sing N N 292 
THR CA  C    sing N N 293 
THR CA  CB   sing N N 294 
THR CA  HA   sing N N 295 
THR C   O    doub N N 296 
THR C   OXT  sing N N 297 
THR CB  OG1  sing N N 298 
THR CB  CG2  sing N N 299 
THR CB  HB   sing N N 300 
THR OG1 HG1  sing N N 301 
THR CG2 HG21 sing N N 302 
THR CG2 HG22 sing N N 303 
THR CG2 HG23 sing N N 304 
THR OXT HXT  sing N N 305 
TRP N   CA   sing N N 306 
TRP N   H    sing N N 307 
TRP N   H2   sing N N 308 
TRP CA  C    sing N N 309 
TRP CA  CB   sing N N 310 
TRP CA  HA   sing N N 311 
TRP C   O    doub N N 312 
TRP C   OXT  sing N N 313 
TRP CB  CG   sing N N 314 
TRP CB  HB2  sing N N 315 
TRP CB  HB3  sing N N 316 
TRP CG  CD1  doub Y N 317 
TRP CG  CD2  sing Y N 318 
TRP CD1 NE1  sing Y N 319 
TRP CD1 HD1  sing N N 320 
TRP CD2 CE2  doub Y N 321 
TRP CD2 CE3  sing Y N 322 
TRP NE1 CE2  sing Y N 323 
TRP NE1 HE1  sing N N 324 
TRP CE2 CZ2  sing Y N 325 
TRP CE3 CZ3  doub Y N 326 
TRP CE3 HE3  sing N N 327 
TRP CZ2 CH2  doub Y N 328 
TRP CZ2 HZ2  sing N N 329 
TRP CZ3 CH2  sing Y N 330 
TRP CZ3 HZ3  sing N N 331 
TRP CH2 HH2  sing N N 332 
TRP OXT HXT  sing N N 333 
TYR N   CA   sing N N 334 
TYR N   H    sing N N 335 
TYR N   H2   sing N N 336 
TYR CA  C    sing N N 337 
TYR CA  CB   sing N N 338 
TYR CA  HA   sing N N 339 
TYR C   O    doub N N 340 
TYR C   OXT  sing N N 341 
TYR CB  CG   sing N N 342 
TYR CB  HB2  sing N N 343 
TYR CB  HB3  sing N N 344 
TYR CG  CD1  doub Y N 345 
TYR CG  CD2  sing Y N 346 
TYR CD1 CE1  sing Y N 347 
TYR CD1 HD1  sing N N 348 
TYR CD2 CE2  doub Y N 349 
TYR CD2 HD2  sing N N 350 
TYR CE1 CZ   doub Y N 351 
TYR CE1 HE1  sing N N 352 
TYR CE2 CZ   sing Y N 353 
TYR CE2 HE2  sing N N 354 
TYR CZ  OH   sing N N 355 
TYR OH  HH   sing N N 356 
TYR OXT HXT  sing N N 357 
VAL N   CA   sing N N 358 
VAL N   H    sing N N 359 
VAL N   H2   sing N N 360 
VAL CA  C    sing N N 361 
VAL CA  CB   sing N N 362 
VAL CA  HA   sing N N 363 
VAL C   O    doub N N 364 
VAL C   OXT  sing N N 365 
VAL CB  CG1  sing N N 366 
VAL CB  CG2  sing N N 367 
VAL CB  HB   sing N N 368 
VAL CG1 HG11 sing N N 369 
VAL CG1 HG12 sing N N 370 
VAL CG1 HG13 sing N N 371 
VAL CG2 HG21 sing N N 372 
VAL CG2 HG22 sing N N 373 
VAL CG2 HG23 sing N N 374 
VAL OXT HXT  sing N N 375 
# 
_atom_sites.entry_id                    1Z6N 
_atom_sites.fract_transf_matrix[1][1]   0.01005877 
_atom_sites.fract_transf_matrix[1][2]   -0.00416611 
_atom_sites.fract_transf_matrix[1][3]   0.01692692 
_atom_sites.fract_transf_matrix[2][1]   -0.00455875 
_atom_sites.fract_transf_matrix[2][2]   0.01111419 
_atom_sites.fract_transf_matrix[2][3]   0.00544448 
_atom_sites.fract_transf_matrix[3][1]   -0.00872735 
_atom_sites.fract_transf_matrix[3][2]   -0.00546177 
_atom_sites.fract_transf_matrix[3][3]   0.00384193 
_atom_sites.fract_transf_vector[1]      0.217487 
_atom_sites.fract_transf_vector[2]      0.159184 
_atom_sites.fract_transf_vector[3]      0.362626 
# 
loop_
_atom_type.symbol 
C  
MG 
N  
O  
S  
# 
loop_
_atom_site.group_PDB 
_atom_site.id 
_atom_site.type_symbol 
_atom_site.label_atom_id 
_atom_site.label_alt_id 
_atom_site.label_comp_id 
_atom_site.label_asym_id 
_atom_site.label_entity_id 
_atom_site.label_seq_id 
_atom_site.pdbx_PDB_ins_code 
_atom_site.Cartn_x 
_atom_site.Cartn_y 
_atom_site.Cartn_z 
_atom_site.occupancy 
_atom_site.B_iso_or_equiv 
_atom_site.pdbx_formal_charge 
_atom_site.auth_seq_id 
_atom_site.auth_comp_id 
_atom_site.auth_asym_id 
_atom_site.auth_atom_id 
_atom_site.pdbx_PDB_model_num 
ATOM   1    N  N   . MET A 1 1   ? -8.338  8.138   -21.248 1.00 18.25  ? 1   MET A N   1 
ATOM   2    C  CA  . MET A 1 1   ? -7.752  8.118   -19.863 1.00 18.22  ? 1   MET A CA  1 
ATOM   3    C  C   . MET A 1 1   ? -8.823  7.620   -18.891 1.00 16.74  ? 1   MET A C   1 
ATOM   4    O  O   . MET A 1 1   ? -9.829  8.307   -18.688 1.00 17.51  ? 1   MET A O   1 
ATOM   5    C  CB  . MET A 1 1   ? -7.286  9.546   -19.493 1.00 18.44  ? 1   MET A CB  1 
ATOM   6    C  CG  . MET A 1 1   ? -6.602  9.719   -18.130 1.00 19.24  ? 1   MET A CG  1 
ATOM   7    S  SD  . MET A 1 1   ? -6.210  11.450  -17.695 1.00 20.23  ? 1   MET A SD  1 
ATOM   8    C  CE  . MET A 1 1   ? -7.831  12.084  -17.359 1.00 18.31  ? 1   MET A CE  1 
ATOM   9    N  N   . ALA A 1 2   ? -8.634  6.429   -18.311 1.00 14.88  ? 2   ALA A N   1 
ATOM   10   C  CA  . ALA A 1 2   ? -9.630  5.907   -17.359 1.00 13.38  ? 2   ALA A CA  1 
ATOM   11   C  C   . ALA A 1 2   ? -9.656  6.785   -16.108 1.00 12.65  ? 2   ALA A C   1 
ATOM   12   O  O   . ALA A 1 2   ? -8.605  7.265   -15.683 1.00 13.84  ? 2   ALA A O   1 
ATOM   13   C  CB  . ALA A 1 2   ? -9.332  4.454   -16.984 1.00 13.29  ? 2   ALA A CB  1 
ATOM   14   N  N   . SER A 1 3   ? -10.840 7.003   -15.530 1.00 11.34  ? 3   SER A N   1 
ATOM   15   C  CA  . SER A 1 3   ? -10.921 7.757   -14.272 1.00 9.85   ? 3   SER A CA  1 
ATOM   16   C  C   . SER A 1 3   ? -10.349 6.898   -13.138 1.00 9.93   ? 3   SER A C   1 
ATOM   17   O  O   . SER A 1 3   ? -10.257 5.669   -13.253 1.00 10.12  ? 3   SER A O   1 
ATOM   18   C  CB  . SER A 1 3   ? -12.361 8.147   -13.943 1.00 10.41  ? 3   SER A CB  1 
ATOM   19   O  OG  . SER A 1 3   ? -13.118 6.969   -13.650 1.00 9.82   ? 3   SER A OG  1 
ATOM   20   N  N   . TYR A 1 4   ? -9.987  7.530   -12.025 1.00 9.61   ? 4   TYR A N   1 
ATOM   21   C  CA  . TYR A 1 4   ? -9.575  6.757   -10.858 1.00 8.89   ? 4   TYR A CA  1 
ATOM   22   C  C   . TYR A 1 4   ? -10.698 5.828   -10.383 1.00 8.73   ? 4   TYR A C   1 
ATOM   23   O  O   . TYR A 1 4   ? -10.438 4.708   -9.919  1.00 9.12   ? 4   TYR A O   1 
ATOM   24   C  CB  . TYR A 1 4   ? -9.150  7.667   -9.707  1.00 9.00   ? 4   TYR A CB  1 
ATOM   25   C  CG  . TYR A 1 4   ? -7.862  8.412   -9.975  1.00 8.65   ? 4   TYR A CG  1 
ATOM   26   C  CD1 . TYR A 1 4   ? -6.722  7.742   -10.381 1.00 9.13   ? 4   TYR A CD1 1 
ATOM   27   C  CD2 . TYR A 1 4   ? -7.788  9.787   -9.802  1.00 10.03  ? 4   TYR A CD2 1 
ATOM   28   C  CE1 . TYR A 1 4   ? -5.525  8.417   -10.621 1.00 9.73   ? 4   TYR A CE1 1 
ATOM   29   C  CE2 . TYR A 1 4   ? -6.595  10.482  -10.034 1.00 10.92  ? 4   TYR A CE2 1 
ATOM   30   C  CZ  . TYR A 1 4   ? -5.467  9.788   -10.442 1.00 10.28  ? 4   TYR A CZ  1 
ATOM   31   O  OH  . TYR A 1 4   ? -4.285  10.444  -10.689 1.00 10.71  ? 4   TYR A OH  1 
ATOM   32   N  N   . ALA A 1 5   ? -11.945 6.285   -10.492 1.00 8.66   ? 5   ALA A N   1 
ATOM   33   C  CA  . ALA A 1 5   ? -13.092 5.440   -10.108 1.00 8.30   ? 5   ALA A CA  1 
ATOM   34   C  C   . ALA A 1 5   ? -13.156 4.191   -10.975 1.00 8.49   ? 5   ALA A C   1 
ATOM   35   O  O   . ALA A 1 5   ? -13.354 3.095   -10.461 1.00 9.13   ? 5   ALA A O   1 
ATOM   36   C  CB  . ALA A 1 5   ? -14.397 6.235   -10.183 1.00 8.67   ? 5   ALA A CB  1 
ATOM   37   N  N   . GLU A 1 6   ? -12.945 4.361   -12.280 1.00 8.62   ? 6   GLU A N   1 
ATOM   38   C  CA  . GLU A 1 6   ? -12.951 3.235   -13.217 1.00 9.62   ? 6   GLU A CA  1 
ATOM   39   C  C   . GLU A 1 6   ? -11.818 2.246   -12.927 1.00 8.50   ? 6   GLU A C   1 
ATOM   40   O  O   . GLU A 1 6   ? -12.018 1.021   -12.935 1.00 8.63   ? 6   GLU A O   1 
ATOM   41   C  CB  . GLU A 1 6   ? -12.881 3.734   -14.669 1.00 9.31   ? 6   GLU A CB  1 
ATOM   42   C  CG  . GLU A 1 6   ? -14.187 4.385   -15.104 1.00 11.82  ? 6   GLU A CG  1 
ATOM   43   C  CD  . GLU A 1 6   ? -14.129 5.048   -16.462 1.00 12.52  ? 6   GLU A CD  1 
ATOM   44   O  OE1 . GLU A 1 6   ? -13.044 5.488   -16.906 1.00 12.64  ? 6   GLU A OE1 1 
ATOM   45   O  OE2 . GLU A 1 6   ? -15.208 5.153   -17.094 1.00 18.71  ? 6   GLU A OE2 1 
ATOM   46   N  N   . LEU A 1 7   ? -10.626 2.775   -12.654 1.00 8.24   ? 7   LEU A N   1 
ATOM   47   C  CA  . LEU A 1 7   ? -9.488  1.921   -12.322 1.00 7.95   ? 7   LEU A CA  1 
ATOM   48   C  C   . LEU A 1 7   ? -9.685  1.228   -10.990 1.00 8.58   ? 7   LEU A C   1 
ATOM   49   O  O   . LEU A 1 7   ? -9.431  0.026   -10.857 1.00 8.28   ? 7   LEU A O   1 
ATOM   50   C  CB  . LEU A 1 7   ? -8.198  2.743   -12.259 1.00 7.88   ? 7   LEU A CB  1 
ATOM   51   C  CG  . LEU A 1 7   ? -7.769  3.322   -13.615 1.00 8.32   ? 7   LEU A CG  1 
ATOM   52   C  CD1 . LEU A 1 7   ? -6.628  4.313   -13.438 1.00 11.15  ? 7   LEU A CD1 1 
ATOM   53   C  CD2 . LEU A 1 7   ? -7.346  2.178   -14.565 1.00 8.58   ? 7   LEU A CD2 1 
ATOM   54   N  N   . PHE A 1 8   ? -10.153 1.969   -9.988  1.00 7.98   ? 8   PHE A N   1 
ATOM   55   C  CA  . PHE A 1 8   ? -10.439 1.332   -8.691  1.00 8.16   ? 8   PHE A CA  1 
ATOM   56   C  C   . PHE A 1 8   ? -11.454 0.185   -8.807  1.00 8.58   ? 8   PHE A C   1 
ATOM   57   O  O   . PHE A 1 8   ? -11.303 -0.895  -8.196  1.00 8.94   ? 8   PHE A O   1 
ATOM   58   C  CB  . PHE A 1 8   ? -10.910 2.384   -7.671  1.00 8.91   ? 8   PHE A CB  1 
ATOM   59   C  CG  . PHE A 1 8   ? -10.941 1.875   -6.257  1.00 7.76   ? 8   PHE A CG  1 
ATOM   60   C  CD1 . PHE A 1 8   ? -9.804  1.944   -5.454  1.00 9.50   ? 8   PHE A CD1 1 
ATOM   61   C  CD2 . PHE A 1 8   ? -12.101 1.315   -5.730  1.00 9.46   ? 8   PHE A CD2 1 
ATOM   62   C  CE1 . PHE A 1 8   ? -9.808  1.454   -4.154  1.00 10.50  ? 8   PHE A CE1 1 
ATOM   63   C  CE2 . PHE A 1 8   ? -12.110 0.837   -4.419  1.00 9.64   ? 8   PHE A CE2 1 
ATOM   64   C  CZ  . PHE A 1 8   ? -10.958 0.901   -3.638  1.00 9.56   ? 8   PHE A CZ  1 
ATOM   65   N  N   . ASP A 1 9   ? -12.465 0.413   -9.638  1.00 8.08   ? 9   ASP A N   1 
ATOM   66   C  CA  . ASP A 1 9   ? -13.536 -0.566  -9.833  1.00 9.22   ? 9   ASP A CA  1 
ATOM   67   C  C   . ASP A 1 9   ? -13.016 -1.882  -10.436 1.00 9.04   ? 9   ASP A C   1 
ATOM   68   O  O   . ASP A 1 9   ? -13.560 -2.956  -10.135 1.00 10.16  ? 9   ASP A O   1 
ATOM   69   C  CB  . ASP A 1 9   ? -14.622 0.037   -10.707 1.00 10.46  ? 9   ASP A CB  1 
ATOM   70   C  CG  . ASP A 1 9   ? -15.797 -0.873  -10.860 1.00 17.39  ? 9   ASP A CG  1 
ATOM   71   O  OD1 . ASP A 1 9   ? -16.504 -1.099  -9.847  1.00 22.64  ? 9   ASP A OD1 1 
ATOM   72   O  OD2 . ASP A 1 9   ? -16.010 -1.372  -11.993 1.00 24.20  ? 9   ASP A OD2 1 
ATOM   73   N  N   . ILE A 1 10  ? -11.979 -1.824  -11.278 1.00 7.47   ? 10  ILE A N   1 
ATOM   74   C  CA  . ILE A 1 10  ? -11.452 -3.059  -11.879 1.00 7.50   ? 10  ILE A CA  1 
ATOM   75   C  C   . ILE A 1 10  ? -10.256 -3.653  -11.117 1.00 7.46   ? 10  ILE A C   1 
ATOM   76   O  O   . ILE A 1 10  ? -9.811  -4.769  -11.403 1.00 8.03   ? 10  ILE A O   1 
ATOM   77   C  CB  . ILE A 1 10  ? -11.106 -2.921  -13.391 1.00 7.53   ? 10  ILE A CB  1 
ATOM   78   C  CG1 . ILE A 1 10  ? -9.986  -1.887  -13.614 1.00 6.96   ? 10  ILE A CG1 1 
ATOM   79   C  CG2 . ILE A 1 10  ? -12.377 -2.624  -14.208 1.00 6.70   ? 10  ILE A CG2 1 
ATOM   80   C  CD1 . ILE A 1 10  ? -9.235  -2.103  -14.916 1.00 8.31   ? 10  ILE A CD1 1 
ATOM   81   N  N   . GLY A 1 11  ? -9.734  -2.909  -10.146 1.00 7.38   ? 11  GLY A N   1 
ATOM   82   C  CA  . GLY A 1 11  ? -8.703  -3.450  -9.294  1.00 7.74   ? 11  GLY A CA  1 
ATOM   83   C  C   . GLY A 1 11  ? -9.236  -4.637  -8.514  1.00 6.97   ? 11  GLY A C   1 
ATOM   84   O  O   . GLY A 1 11  ? -10.438 -4.741  -8.220  1.00 7.55   ? 11  GLY A O   1 
ATOM   85   N  N   . GLU A 1 12  ? -8.326  -5.540  -8.192  1.00 7.84   ? 12  GLU A N   1 
ATOM   86   C  CA  . GLU A 1 12  ? -8.692  -6.691  -7.366  1.00 7.96   ? 12  GLU A CA  1 
ATOM   87   C  C   . GLU A 1 12  ? -8.561  -6.399  -5.872  1.00 7.12   ? 12  GLU A C   1 
ATOM   88   O  O   . GLU A 1 12  ? -7.729  -5.582  -5.466  1.00 7.40   ? 12  GLU A O   1 
ATOM   89   C  CB  . GLU A 1 12  ? -7.857  -7.899  -7.771  1.00 9.67   ? 12  GLU A CB  1 
ATOM   90   C  CG  . GLU A 1 12  ? -8.102  -8.258  -9.247  1.00 12.33  ? 12  GLU A CG  1 
ATOM   91   C  CD  . GLU A 1 12  ? -7.670  -9.660  -9.653  1.00 18.52  ? 12  GLU A CD  1 
ATOM   92   O  OE1 . GLU A 1 12  ? -6.675  -9.766  -10.417 1.00 21.45  ? 12  GLU A OE1 1 
ATOM   93   O  OE2 . GLU A 1 12  ? -8.338  -10.648 -9.254  1.00 13.06  ? 12  GLU A OE2 1 
ATOM   94   N  N   . ASP A 1 13  ? -9.390  -7.053  -5.055  1.00 6.61   ? 13  ASP A N   1 
ATOM   95   C  CA  . ASP A 1 13  ? -9.197  -6.936  -3.617  1.00 6.36   ? 13  ASP A CA  1 
ATOM   96   C  C   . ASP A 1 13  ? -7.931  -7.698  -3.200  1.00 6.42   ? 13  ASP A C   1 
ATOM   97   O  O   . ASP A 1 13  ? -7.384  -8.490  -3.969  1.00 6.61   ? 13  ASP A O   1 
ATOM   98   C  CB  . ASP A 1 13  ? -10.451 -7.325  -2.810  1.00 6.38   ? 13  ASP A CB  1 
ATOM   99   C  CG  . ASP A 1 13  ? -10.876 -8.763  -3.048  1.00 8.44   ? 13  ASP A CG  1 
ATOM   100  O  OD1 . ASP A 1 13  ? -10.023 -9.674  -2.949  1.00 7.43   ? 13  ASP A OD1 1 
ATOM   101  O  OD2 . ASP A 1 13  ? -12.086 -8.999  -3.312  1.00 7.60   ? 13  ASP A OD2 1 
ATOM   102  N  N   . PHE A 1 14  ? -7.448  -7.435  -1.984  1.00 6.13   ? 14  PHE A N   1 
ATOM   103  C  CA  . PHE A 1 14  ? -6.186  -8.019  -1.550  1.00 6.57   ? 14  PHE A CA  1 
ATOM   104  C  C   . PHE A 1 14  ? -6.209  -9.535  -1.551  1.00 6.32   ? 14  PHE A C   1 
ATOM   105  O  O   . PHE A 1 14  ? -5.247  -10.190 -1.992  1.00 6.67   ? 14  PHE A O   1 
ATOM   106  C  CB  . PHE A 1 14  ? -5.784  -7.485  -0.182  1.00 7.07   ? 14  PHE A CB  1 
ATOM   107  C  CG  . PHE A 1 14  ? -4.419  -7.925  0.258   1.00 7.99   ? 14  PHE A CG  1 
ATOM   108  C  CD1 . PHE A 1 14  ? -3.275  -7.401  -0.365  1.00 8.80   ? 14  PHE A CD1 1 
ATOM   109  C  CD2 . PHE A 1 14  ? -4.265  -8.855  1.280   1.00 8.84   ? 14  PHE A CD2 1 
ATOM   110  C  CE1 . PHE A 1 14  ? -1.992  -7.810  0.049   1.00 9.93   ? 14  PHE A CE1 1 
ATOM   111  C  CE2 . PHE A 1 14  ? -2.984  -9.259  1.705   1.00 9.47   ? 14  PHE A CE2 1 
ATOM   112  C  CZ  . PHE A 1 14  ? -1.860  -8.730  1.081   1.00 9.28   ? 14  PHE A CZ  1 
ATOM   113  N  N   . ALA A 1 15  ? -7.311  -10.109 -1.082  1.00 5.83   ? 15  ALA A N   1 
ATOM   114  C  CA  . ALA A 1 15  ? -7.411  -11.566 -1.028  1.00 6.55   ? 15  ALA A CA  1 
ATOM   115  C  C   . ALA A 1 15  ? -7.291  -12.189 -2.430  1.00 6.98   ? 15  ALA A C   1 
ATOM   116  O  O   . ALA A 1 15  ? -6.639  -13.223 -2.605  1.00 7.70   ? 15  ALA A O   1 
ATOM   117  C  CB  . ALA A 1 15  ? -8.705  -11.956 -0.363  1.00 6.78   ? 15  ALA A CB  1 
ATOM   118  N  N   . ALA A 1 16  ? -7.936  -11.580 -3.418  1.00 6.52   ? 16  ALA A N   1 
ATOM   119  C  CA  . ALA A 1 16  ? -7.879  -12.103 -4.774  1.00 6.35   ? 16  ALA A CA  1 
ATOM   120  C  C   . ALA A 1 16  ? -6.462  -11.905 -5.337  1.00 7.18   ? 16  ALA A C   1 
ATOM   121  O  O   . ALA A 1 16  ? -5.910  -12.802 -5.984  1.00 8.79   ? 16  ALA A O   1 
ATOM   122  C  CB  . ALA A 1 16  ? -8.893  -11.382 -5.649  1.00 6.88   ? 16  ALA A CB  1 
ATOM   123  N  N   . PHE A 1 17  ? -5.884  -10.726 -5.110  1.00 7.47   ? 17  PHE A N   1 
ATOM   124  C  CA  . PHE A 1 17  ? -4.503  -10.455 -5.535  1.00 7.72   ? 17  PHE A CA  1 
ATOM   125  C  C   . PHE A 1 17  ? -3.543  -11.516 -4.982  1.00 7.64   ? 17  PHE A C   1 
ATOM   126  O  O   . PHE A 1 17  ? -2.769  -12.121 -5.742  1.00 7.76   ? 17  PHE A O   1 
ATOM   127  C  CB  . PHE A 1 17  ? -4.146  -9.056  -5.020  1.00 8.17   ? 17  PHE A CB  1 
ATOM   128  C  CG  . PHE A 1 17  ? -2.701  -8.681  -5.166  1.00 7.55   ? 17  PHE A CG  1 
ATOM   129  C  CD1 . PHE A 1 17  ? -2.191  -8.307  -6.398  1.00 8.38   ? 17  PHE A CD1 1 
ATOM   130  C  CD2 . PHE A 1 17  ? -1.875  -8.656  -4.048  1.00 9.96   ? 17  PHE A CD2 1 
ATOM   131  C  CE1 . PHE A 1 17  ? -0.831  -7.910  -6.512  1.00 9.91   ? 17  PHE A CE1 1 
ATOM   132  C  CE2 . PHE A 1 17  ? -0.542  -8.269  -4.164  1.00 10.07  ? 17  PHE A CE2 1 
ATOM   133  C  CZ  . PHE A 1 17  ? -0.034  -7.889  -5.401  1.00 9.04   ? 17  PHE A CZ  1 
ATOM   134  N  N   . VAL A 1 18  ? -3.610  -11.778 -3.674  1.00 6.63   ? 18  VAL A N   1 
ATOM   135  C  CA  . VAL A 1 18  ? -2.736  -12.805 -3.093  1.00 7.42   ? 18  VAL A CA  1 
ATOM   136  C  C   . VAL A 1 18  ? -3.005  -14.166 -3.726  1.00 8.07   ? 18  VAL A C   1 
ATOM   137  O  O   . VAL A 1 18  ? -2.069  -14.936 -3.973  1.00 9.36   ? 18  VAL A O   1 
ATOM   138  C  CB  . VAL A 1 18  ? -2.905  -12.861 -1.581  1.00 7.67   ? 18  VAL A CB  1 
ATOM   139  C  CG1 . VAL A 1 18  ? -2.168  -14.060 -0.978  1.00 8.68   ? 18  VAL A CG1 1 
ATOM   140  C  CG2 . VAL A 1 18  ? -2.401  -11.532 -0.977  1.00 7.32   ? 18  VAL A CG2 1 
ATOM   141  N  N   . GLY A 1 19  ? -4.276  -14.438 -3.994  1.00 7.82   ? 19  GLY A N   1 
ATOM   142  C  CA  . GLY A 1 19  ? -4.682  -15.735 -4.534  1.00 8.22   ? 19  GLY A CA  1 
ATOM   143  C  C   . GLY A 1 19  ? -4.149  -16.065 -5.917  1.00 8.62   ? 19  GLY A C   1 
ATOM   144  O  O   . GLY A 1 19  ? -4.190  -17.240 -6.314  1.00 9.19   ? 19  GLY A O   1 
ATOM   145  N  N   . HIS A 1 20  ? -3.646  -15.066 -6.641  1.00 8.48   ? 20  HIS A N   1 
ATOM   146  C  CA  . HIS A 1 20  ? -3.030  -15.315 -7.961  1.00 8.69   ? 20  HIS A CA  1 
ATOM   147  C  C   . HIS A 1 20  ? -1.521  -15.501 -7.855  1.00 8.18   ? 20  HIS A C   1 
ATOM   148  O  O   . HIS A 1 20  ? -0.855  -15.716 -8.882  1.00 8.99   ? 20  HIS A O   1 
ATOM   149  C  CB  . HIS A 1 20  ? -3.280  -14.183 -8.961  1.00 9.82   ? 20  HIS A CB  1 
ATOM   150  C  CG  . HIS A 1 20  ? -4.722  -13.916 -9.236  1.00 10.45  ? 20  HIS A CG  1 
ATOM   151  N  ND1 . HIS A 1 20  ? -5.563  -14.858 -9.778  1.00 10.01  ? 20  HIS A ND1 1 
ATOM   152  C  CD2 . HIS A 1 20  ? -5.467  -12.795 -9.069  1.00 12.50  ? 20  HIS A CD2 1 
ATOM   153  C  CE1 . HIS A 1 20  ? -6.774  -14.341 -9.910  1.00 11.38  ? 20  HIS A CE1 1 
ATOM   154  N  NE2 . HIS A 1 20  ? -6.745  -13.097 -9.471  1.00 12.33  ? 20  HIS A NE2 1 
ATOM   155  N  N   . GLY A 1 21  ? -0.965  -15.389 -6.653  1.00 7.97   ? 21  GLY A N   1 
ATOM   156  C  CA  . GLY A 1 21  ? 0.485   -15.508 -6.513  1.00 8.25   ? 21  GLY A CA  1 
ATOM   157  C  C   . GLY A 1 21  ? 0.976   -16.940 -6.559  1.00 8.45   ? 21  GLY A C   1 
ATOM   158  O  O   . GLY A 1 21  ? 0.228   -17.884 -6.342  1.00 8.16   ? 21  GLY A O   1 
ATOM   159  N  N   . LEU A 1 22  ? 2.263   -17.098 -6.846  1.00 7.78   ? 22  LEU A N   1 
ATOM   160  C  CA  . LEU A 1 22  ? 2.924   -18.377 -6.595  1.00 8.24   ? 22  LEU A CA  1 
ATOM   161  C  C   . LEU A 1 22  ? 2.825   -18.724 -5.098  1.00 8.11   ? 22  LEU A C   1 
ATOM   162  O  O   . LEU A 1 22  ? 2.779   -17.814 -4.253  1.00 8.16   ? 22  LEU A O   1 
ATOM   163  C  CB  . LEU A 1 22  ? 4.393   -18.337 -7.039  1.00 8.40   ? 22  LEU A CB  1 
ATOM   164  C  CG  . LEU A 1 22  ? 4.661   -18.134 -8.532  1.00 9.19   ? 22  LEU A CG  1 
ATOM   165  C  CD1 . LEU A 1 22  ? 6.140   -17.838 -8.727  1.00 9.11   ? 22  LEU A CD1 1 
ATOM   166  C  CD2 . LEU A 1 22  ? 4.223   -19.341 -9.365  1.00 8.86   ? 22  LEU A CD2 1 
ATOM   167  N  N   . ALA A 1 23  ? 2.815   -20.020 -4.771  1.00 9.45   ? 23  ALA A N   1 
ATOM   168  C  CA  . ALA A 1 23  ? 2.764   -20.430 -3.363  1.00 9.65   ? 23  ALA A CA  1 
ATOM   169  C  C   . ALA A 1 23  ? 3.839   -19.743 -2.508  1.00 9.94   ? 23  ALA A C   1 
ATOM   170  O  O   . ALA A 1 23  ? 3.578   -19.309 -1.376  1.00 10.02  ? 23  ALA A O   1 
ATOM   171  C  CB  . ALA A 1 23  ? 2.915   -21.926 -3.273  1.00 10.33  ? 23  ALA A CB  1 
ATOM   172  N  N   . THR A 1 24  ? 5.050   -19.627 -3.048  1.00 9.87   ? 24  THR A N   1 
ATOM   173  C  CA  . THR A 1 24  ? 6.142   -18.978 -2.311  1.00 11.01  ? 24  THR A CA  1 
ATOM   174  C  C   . THR A 1 24  ? 5.850   -17.515 -1.998  1.00 10.03  ? 24  THR A C   1 
ATOM   175  O  O   . THR A 1 24  ? 6.228   -17.010 -0.937  1.00 11.22  ? 24  THR A O   1 
ATOM   176  C  CB  . THR A 1 24  ? 7.466   -19.042 -3.077  1.00 11.46  ? 24  THR A CB  1 
ATOM   177  O  OG1 . THR A 1 24  ? 7.251   -18.596 -4.422  1.00 14.50  ? 24  THR A OG1 1 
ATOM   178  C  CG2 . THR A 1 24  ? 8.007   -20.472 -3.083  1.00 12.44  ? 24  THR A CG2 1 
ATOM   179  N  N   . GLU A 1 25  ? 5.187   -16.836 -2.938  1.00 9.25   ? 25  GLU A N   1 
ATOM   180  C  CA  . GLU A 1 25  ? 4.844   -15.438 -2.760  1.00 8.40   ? 25  GLU A CA  1 
ATOM   181  C  C   . GLU A 1 25  ? 3.702   -15.310 -1.754  1.00 8.38   ? 25  GLU A C   1 
ATOM   182  O  O   . GLU A 1 25  ? 3.713   -14.395 -0.909  1.00 8.94   ? 25  GLU A O   1 
ATOM   183  C  CB  . GLU A 1 25  ? 4.425   -14.822 -4.100  1.00 8.14   ? 25  GLU A CB  1 
ATOM   184  C  CG  . GLU A 1 25  ? 5.500   -14.914 -5.182  1.00 7.66   ? 25  GLU A CG  1 
ATOM   185  C  CD  . GLU A 1 25  ? 4.989   -14.667 -6.605  1.00 8.43   ? 25  GLU A CD  1 
ATOM   186  O  OE1 . GLU A 1 25  ? 3.759   -14.630 -6.832  1.00 9.47   ? 25  GLU A OE1 1 
ATOM   187  O  OE2 . GLU A 1 25  ? 5.859   -14.560 -7.503  1.00 9.63   ? 25  GLU A OE2 1 
ATOM   188  N  N   . GLN A 1 26  ? 2.728   -16.224 -1.836  1.00 8.51   ? 26  GLN A N   1 
ATOM   189  C  CA  . GLN A 1 26  ? 1.657   -16.253 -0.842  1.00 8.12   ? 26  GLN A CA  1 
ATOM   190  C  C   . GLN A 1 26  ? 2.219   -16.468 0.560   1.00 8.27   ? 26  GLN A C   1 
ATOM   191  O  O   . GLN A 1 26  ? 1.758   -15.846 1.502   1.00 8.66   ? 26  GLN A O   1 
ATOM   192  C  CB  . GLN A 1 26  ? 0.638   -17.343 -1.150  1.00 8.98   ? 26  GLN A CB  1 
ATOM   193  C  CG  . GLN A 1 26  ? -0.077  -17.161 -2.483  1.00 10.12  ? 26  GLN A CG  1 
ATOM   194  C  CD  . GLN A 1 26  ? -0.963  -18.344 -2.800  1.00 16.00  ? 26  GLN A CD  1 
ATOM   195  O  OE1 . GLN A 1 26  ? -1.372  -19.099 -1.905  1.00 20.32  ? 26  GLN A OE1 1 
ATOM   196  N  NE2 . GLN A 1 26  ? -1.223  -18.558 -4.073  1.00 16.47  ? 26  GLN A NE2 1 
ATOM   197  N  N   . GLY A 1 27  ? 3.212   -17.348 0.670   1.00 8.23   ? 27  GLY A N   1 
ATOM   198  C  CA  . GLY A 1 27  ? 3.849   -17.642 1.958   1.00 8.09   ? 27  GLY A CA  1 
ATOM   199  C  C   . GLY A 1 27  ? 4.526   -16.405 2.515   1.00 8.62   ? 27  GLY A C   1 
ATOM   200  O  O   . GLY A 1 27  ? 4.403   -16.100 3.711   1.00 8.90   ? 27  GLY A O   1 
ATOM   201  N  N   . ALA A 1 28  ? 5.237   -15.680 1.644   1.00 8.63   ? 28  ALA A N   1 
ATOM   202  C  CA  . ALA A 1 28  ? 5.957   -14.471 2.067   1.00 8.99   ? 28  ALA A CA  1 
ATOM   203  C  C   . ALA A 1 28  ? 4.970   -13.448 2.625   1.00 9.23   ? 28  ALA A C   1 
ATOM   204  O  O   . ALA A 1 28  ? 5.181   -12.863 3.685   1.00 9.79   ? 28  ALA A O   1 
ATOM   205  C  CB  . ALA A 1 28  ? 6.764   -13.879 0.903   1.00 10.42  ? 28  ALA A CB  1 
ATOM   206  N  N   . VAL A 1 29  ? 3.873   -13.234 1.900   1.00 8.55   ? 29  VAL A N   1 
ATOM   207  C  CA  . VAL A 1 29  ? 2.827   -12.328 2.362   1.00 9.01   ? 29  VAL A CA  1 
ATOM   208  C  C   . VAL A 1 29  ? 2.246   -12.768 3.715   1.00 8.96   ? 29  VAL A C   1 
ATOM   209  O  O   . VAL A 1 29  ? 2.090   -11.952 4.622   1.00 9.23   ? 29  VAL A O   1 
ATOM   210  C  CB  . VAL A 1 29  ? 1.701   -12.176 1.313   1.00 9.17   ? 29  VAL A CB  1 
ATOM   211  C  CG1 . VAL A 1 29  ? 0.471   -11.519 1.939   1.00 10.71  ? 29  VAL A CG1 1 
ATOM   212  C  CG2 . VAL A 1 29  ? 2.233   -11.398 0.117   1.00 10.88  ? 29  VAL A CG2 1 
ATOM   213  N  N   . ALA A 1 30  ? 1.920   -14.058 3.842   1.00 8.35   ? 30  ALA A N   1 
ATOM   214  C  CA  . ALA A 1 30  ? 1.385   -14.615 5.092   1.00 8.71   ? 30  ALA A CA  1 
ATOM   215  C  C   . ALA A 1 30  ? 2.302   -14.341 6.271   1.00 8.49   ? 30  ALA A C   1 
ATOM   216  O  O   . ALA A 1 30  ? 1.834   -14.037 7.375   1.00 9.70   ? 30  ALA A O   1 
ATOM   217  C  CB  . ALA A 1 30  ? 1.159   -16.105 4.954   1.00 8.55   ? 30  ALA A CB  1 
ATOM   218  N  N   . ARG A 1 31  ? 3.606   -14.477 6.047   1.00 8.59   ? 31  ARG A N   1 
ATOM   219  C  CA  . ARG A 1 31  ? 4.582   -14.303 7.123   1.00 9.39   ? 31  ARG A CA  1 
ATOM   220  C  C   . ARG A 1 31  ? 4.802   -12.834 7.484   1.00 9.54   ? 31  ARG A C   1 
ATOM   221  O  O   . ARG A 1 31  ? 4.957   -12.512 8.660   1.00 9.85   ? 31  ARG A O   1 
ATOM   222  C  CB  . ARG A 1 31  ? 5.898   -14.986 6.778   1.00 9.46   ? 31  ARG A CB  1 
ATOM   223  C  CG  . ARG A 1 31  ? 5.786   -16.500 6.834   1.00 11.19  ? 31  ARG A CG  1 
ATOM   224  C  CD  . ARG A 1 31  ? 7.121   -17.186 6.622   1.00 12.16  ? 31  ARG A CD  1 
ATOM   225  N  NE  . ARG A 1 31  ? 7.715   -16.820 5.334   1.00 15.22  ? 31  ARG A NE  1 
ATOM   226  C  CZ  . ARG A 1 31  ? 7.524   -17.480 4.195   1.00 14.73  ? 31  ARG A CZ  1 
ATOM   227  N  NH1 . ARG A 1 31  ? 6.730   -18.544 4.141   1.00 13.34  ? 31  ARG A NH1 1 
ATOM   228  N  NH2 . ARG A 1 31  ? 8.134   -17.056 3.094   1.00 16.40  ? 31  ARG A NH2 1 
ATOM   229  N  N   . PHE A 1 32  ? 4.806   -11.934 6.498   1.00 10.16  ? 32  PHE A N   1 
ATOM   230  C  CA  . PHE A 1 32  ? 4.877   -10.509 6.836   1.00 10.56  ? 32  PHE A CA  1 
ATOM   231  C  C   . PHE A 1 32  ? 3.634   -10.122 7.630   1.00 10.91  ? 32  PHE A C   1 
ATOM   232  O  O   . PHE A 1 32  ? 3.712   -9.375  8.608   1.00 11.58  ? 32  PHE A O   1 
ATOM   233  C  CB  . PHE A 1 32  ? 5.025   -9.607  5.592   1.00 10.12  ? 32  PHE A CB  1 
ATOM   234  C  CG  . PHE A 1 32  ? 6.360   -9.723  4.906   1.00 11.37  ? 32  PHE A CG  1 
ATOM   235  C  CD1 . PHE A 1 32  ? 7.554   -9.494  5.616   1.00 11.50  ? 32  PHE A CD1 1 
ATOM   236  C  CD2 . PHE A 1 32  ? 6.432   -10.047 3.555   1.00 11.33  ? 32  PHE A CD2 1 
ATOM   237  C  CE1 . PHE A 1 32  ? 8.793   -9.619  4.965   1.00 12.72  ? 32  PHE A CE1 1 
ATOM   238  C  CE2 . PHE A 1 32  ? 7.660   -10.167 2.900   1.00 12.60  ? 32  PHE A CE2 1 
ATOM   239  C  CZ  . PHE A 1 32  ? 8.846   -9.949  3.609   1.00 13.28  ? 32  PHE A CZ  1 
ATOM   240  N  N   . ARG A 1 33  ? 2.484   -10.641 7.208   1.00 11.82  ? 33  ARG A N   1 
ATOM   241  C  CA  . ARG A 1 33  ? 1.223   -10.401 7.891   1.00 13.01  ? 33  ARG A CA  1 
ATOM   242  C  C   . ARG A 1 33  ? 1.279   -10.924 9.326   1.00 13.08  ? 33  ARG A C   1 
ATOM   243  O  O   . ARG A 1 33  ? 0.936   -10.208 10.270  1.00 13.26  ? 33  ARG A O   1 
ATOM   244  C  CB  . ARG A 1 33  ? 0.071   -11.033 7.111   1.00 14.02  ? 33  ARG A CB  1 
ATOM   245  C  CG  . ARG A 1 33  ? -1.304  -10.807 7.700   1.00 14.81  ? 33  ARG A CG  1 
ATOM   246  C  CD  . ARG A 1 33  ? -2.367  -11.724 7.059   1.00 16.64  ? 33  ARG A CD  1 
ATOM   247  N  NE  . ARG A 1 33  ? -2.474  -11.635 5.596   1.00 25.57  ? 33  ARG A NE  1 
ATOM   248  C  CZ  . ARG A 1 33  ? -2.649  -12.697 4.804   1.00 27.18  ? 33  ARG A CZ  1 
ATOM   249  N  NH1 . ARG A 1 33  ? -2.710  -13.918 5.327   1.00 28.63  ? 33  ARG A NH1 1 
ATOM   250  N  NH2 . ARG A 1 33  ? -2.742  -12.548 3.488   1.00 30.67  ? 33  ARG A NH2 1 
ATOM   251  N  N   . GLN A 1 34  ? 1.746   -12.156 9.493   1.00 12.07  ? 34  GLN A N   1 
ATOM   252  C  CA  . GLN A 1 34  ? 1.867   -12.740 10.830  1.00 11.98  ? 34  GLN A CA  1 
ATOM   253  C  C   . GLN A 1 34  ? 2.829   -11.947 11.724  1.00 11.31  ? 34  GLN A C   1 
ATOM   254  O  O   . GLN A 1 34  ? 2.597   -11.844 12.931  1.00 11.49  ? 34  GLN A O   1 
ATOM   255  C  CB  . GLN A 1 34  ? 2.281   -14.216 10.745  1.00 12.17  ? 34  GLN A CB  1 
ATOM   256  C  CG  . GLN A 1 34  ? 2.247   -14.963 12.063  1.00 15.79  ? 34  GLN A CG  1 
ATOM   257  C  CD  . GLN A 1 34  ? 2.619   -16.408 11.877  1.00 18.66  ? 34  GLN A CD  1 
ATOM   258  O  OE1 . GLN A 1 34  ? 3.232   -17.024 12.753  1.00 23.97  ? 34  GLN A OE1 1 
ATOM   259  N  NE2 . GLN A 1 34  ? 2.262   -16.964 10.715  1.00 20.41  ? 34  GLN A NE2 1 
ATOM   260  N  N   . LYS A 1 35  ? 3.902   -11.412 11.139  1.00 11.14  ? 35  LYS A N   1 
ATOM   261  C  CA  . LYS A 1 35  ? 4.871   -10.604 11.897  1.00 11.71  ? 35  LYS A CA  1 
ATOM   262  C  C   . LYS A 1 35  ? 4.214   -9.363  12.477  1.00 12.62  ? 35  LYS A C   1 
ATOM   263  O  O   . LYS A 1 35  ? 4.355   -9.055  13.669  1.00 12.44  ? 35  LYS A O   1 
ATOM   264  C  CB  . LYS A 1 35  ? 6.096   -10.222 11.057  1.00 11.76  ? 35  LYS A CB  1 
ATOM   265  C  CG  . LYS A 1 35  ? 7.063   -9.260  11.781  1.00 12.12  ? 35  LYS A CG  1 
ATOM   266  C  CD  . LYS A 1 35  ? 8.358   -9.104  11.010  1.00 14.71  ? 35  LYS A CD  1 
ATOM   267  C  CE  . LYS A 1 35  ? 9.347   -8.206  11.743  1.00 16.18  ? 35  LYS A CE  1 
ATOM   268  N  NZ  . LYS A 1 35  ? 10.721  -8.501  11.252  1.00 18.45  ? 35  LYS A NZ  1 
ATOM   269  N  N   . LEU A 1 36  ? 3.495   -8.650  11.616  1.00 13.87  ? 36  LEU A N   1 
ATOM   270  C  CA  . LEU A 1 36  ? 2.766   -7.465  12.029  1.00 14.56  ? 36  LEU A CA  1 
ATOM   271  C  C   . LEU A 1 36  ? 1.697   -7.835  13.053  1.00 15.29  ? 36  LEU A C   1 
ATOM   272  O  O   . LEU A 1 36  ? 1.552   -7.154  14.071  1.00 15.30  ? 36  LEU A O   1 
ATOM   273  C  CB  . LEU A 1 36  ? 2.155   -6.793  10.794  1.00 14.53  ? 36  LEU A CB  1 
ATOM   274  C  CG  . LEU A 1 36  ? 1.886   -5.296  10.811  1.00 14.60  ? 36  LEU A CG  1 
ATOM   275  C  CD1 . LEU A 1 36  ? 3.032   -4.500  11.424  1.00 15.09  ? 36  LEU A CD1 1 
ATOM   276  C  CD2 . LEU A 1 36  ? 1.621   -4.874  9.375   1.00 17.13  ? 36  LEU A CD2 1 
ATOM   277  N  N   . GLU A 1 37  ? 0.994   -8.939  12.812  1.00 16.13  ? 37  GLU A N   1 
ATOM   278  C  CA  . GLU A 1 37  ? -0.069  -9.418  13.704  1.00 16.64  ? 37  GLU A CA  1 
ATOM   279  C  C   . GLU A 1 37  ? 0.409   -9.890  15.086  1.00 17.40  ? 37  GLU A C   1 
ATOM   280  O  O   . GLU A 1 37  ? -0.311  -9.726  16.078  1.00 18.42  ? 37  GLU A O   1 
ATOM   281  C  CB  . GLU A 1 37  ? -0.901  -10.512 13.028  1.00 17.23  ? 37  GLU A CB  1 
ATOM   282  C  CG  . GLU A 1 37  ? -1.805  -9.944  11.937  0.50 16.72  ? 37  GLU A CG  1 
ATOM   283  C  CD  . GLU A 1 37  ? -2.594  -10.985 11.170  0.50 17.14  ? 37  GLU A CD  1 
ATOM   284  O  OE1 . GLU A 1 37  ? -2.457  -12.199 11.439  1.00 17.97  ? 37  GLU A OE1 1 
ATOM   285  O  OE2 . GLU A 1 37  ? -3.364  -10.570 10.282  1.00 18.77  ? 37  GLU A OE2 1 
ATOM   286  N  N   . SER A 1 38  ? 1.607   -10.467 15.154  1.00 17.54  ? 38  SER A N   1 
ATOM   287  C  CA  . SER A 1 38  ? 2.157   -10.920 16.444  1.00 17.98  ? 38  SER A CA  1 
ATOM   288  C  C   . SER A 1 38  ? 2.910   -9.813  17.182  1.00 18.49  ? 38  SER A C   1 
ATOM   289  O  O   . SER A 1 38  ? 2.816   -9.709  18.410  1.00 18.45  ? 38  SER A O   1 
ATOM   290  C  CB  . SER A 1 38  ? 3.051   -12.144 16.261  1.00 18.08  ? 38  SER A CB  1 
ATOM   291  O  OG  . SER A 1 38  ? 4.146   -11.854 15.408  1.00 19.43  ? 38  SER A OG  1 
ATOM   292  N  N   . ASN A 1 39  ? 3.668   -8.997  16.448  1.00 18.75  ? 39  ASN A N   1 
ATOM   293  C  CA  . ASN A 1 39  ? 4.389   -7.874  17.065  1.00 19.89  ? 39  ASN A CA  1 
ATOM   294  C  C   . ASN A 1 39  ? 3.458   -6.719  17.441  1.00 20.10  ? 39  ASN A C   1 
ATOM   295  O  O   . ASN A 1 39  ? 3.710   -6.002  18.418  1.00 20.26  ? 39  ASN A O   1 
ATOM   296  C  CB  . ASN A 1 39  ? 5.536   -7.385  16.163  1.00 20.26  ? 39  ASN A CB  1 
ATOM   297  C  CG  . ASN A 1 39  ? 6.668   -8.409  16.029  1.00 21.69  ? 39  ASN A CG  1 
ATOM   298  O  OD1 . ASN A 1 39  ? 6.751   -9.368  16.794  1.00 23.60  ? 39  ASN A OD1 1 
ATOM   299  N  ND2 . ASN A 1 39  ? 7.551   -8.194  15.058  1.00 23.37  ? 39  ASN A ND2 1 
ATOM   300  N  N   . GLY A 1 40  ? 2.384   -6.546  16.669  1.00 20.75  ? 40  GLY A N   1 
ATOM   301  C  CA  . GLY A 1 40  ? 1.390   -5.493  16.904  1.00 21.48  ? 40  GLY A CA  1 
ATOM   302  C  C   . GLY A 1 40  ? 1.860   -4.124  16.455  1.00 21.85  ? 40  GLY A C   1 
ATOM   303  O  O   . GLY A 1 40  ? 3.028   -3.949  16.088  1.00 22.36  ? 40  GLY A O   1 
ATOM   304  N  N   . LEU A 1 41  ? 0.950   -3.149  16.473  1.00 21.87  ? 41  LEU A N   1 
ATOM   305  C  CA  . LEU A 1 41  ? 1.291   -1.765  16.126  1.00 21.64  ? 41  LEU A CA  1 
ATOM   306  C  C   . LEU A 1 41  ? 1.567   -0.914  17.366  1.00 21.65  ? 41  LEU A C   1 
ATOM   307  O  O   . LEU A 1 41  ? 0.957   -1.138  18.412  1.00 21.87  ? 41  LEU A O   1 
ATOM   308  C  CB  . LEU A 1 41  ? 0.166   -1.111  15.318  1.00 21.66  ? 41  LEU A CB  1 
ATOM   309  C  CG  . LEU A 1 41  ? -0.232  -1.688  13.955  1.00 21.30  ? 41  LEU A CG  1 
ATOM   310  C  CD1 . LEU A 1 41  ? -1.366  -0.858  13.358  1.00 20.99  ? 41  LEU A CD1 1 
ATOM   311  C  CD2 . LEU A 1 41  ? 0.956   -1.762  12.993  1.00 21.34  ? 41  LEU A CD2 1 
ATOM   312  N  N   . PRO A 1 42  ? 2.483   0.071   17.253  1.00 21.60  ? 42  PRO A N   1 
ATOM   313  C  CA  . PRO A 1 42  ? 2.666   1.009   18.370  1.00 21.44  ? 42  PRO A CA  1 
ATOM   314  C  C   . PRO A 1 42  ? 1.366   1.755   18.663  1.00 21.20  ? 42  PRO A C   1 
ATOM   315  O  O   . PRO A 1 42  ? 0.621   2.089   17.736  1.00 21.06  ? 42  PRO A O   1 
ATOM   316  C  CB  . PRO A 1 42  ? 3.727   1.982   17.847  1.00 21.75  ? 42  PRO A CB  1 
ATOM   317  C  CG  . PRO A 1 42  ? 4.435   1.237   16.770  1.00 22.04  ? 42  PRO A CG  1 
ATOM   318  C  CD  . PRO A 1 42  ? 3.391   0.370   16.131  1.00 21.59  ? 42  PRO A CD  1 
ATOM   319  N  N   . SER A 1 43  ? 1.103   2.016   19.939  1.00 20.72  ? 43  SER A N   1 
ATOM   320  C  CA  . SER A 1 43  ? -0.176  2.572   20.385  1.00 20.36  ? 43  SER A CA  1 
ATOM   321  C  C   . SER A 1 43  ? -0.552  3.884   19.693  1.00 19.86  ? 43  SER A C   1 
ATOM   322  O  O   . SER A 1 43  ? -1.734  4.158   19.480  1.00 19.84  ? 43  SER A O   1 
ATOM   323  C  CB  . SER A 1 43  ? -0.154  2.778   21.899  1.00 20.46  ? 43  SER A CB  1 
ATOM   324  O  OG  . SER A 1 43  ? 0.934   3.602   22.257  1.00 21.76  ? 43  SER A OG  1 
ATOM   325  N  N   . ALA A 1 44  ? 0.456   4.688   19.356  1.00 19.39  ? 44  ALA A N   1 
ATOM   326  C  CA  . ALA A 1 44  ? 0.246   5.951   18.655  1.00 19.17  ? 44  ALA A CA  1 
ATOM   327  C  C   . ALA A 1 44  ? -0.314  5.705   17.257  1.00 19.10  ? 44  ALA A C   1 
ATOM   328  O  O   . ALA A 1 44  ? -1.115  6.494   16.764  1.00 19.01  ? 44  ALA A O   1 
ATOM   329  C  CB  . ALA A 1 44  ? 1.542   6.738   18.572  1.00 19.04  ? 44  ALA A CB  1 
ATOM   330  N  N   . LEU A 1 45  ? 0.106   4.603   16.633  1.00 19.02  ? 45  LEU A N   1 
ATOM   331  C  CA  . LEU A 1 45  ? -0.337  4.247   15.281  1.00 19.10  ? 45  LEU A CA  1 
ATOM   332  C  C   . LEU A 1 45  ? -1.784  3.748   15.297  1.00 19.18  ? 45  LEU A C   1 
ATOM   333  O  O   . LEU A 1 45  ? -2.601  4.155   14.467  1.00 18.78  ? 45  LEU A O   1 
ATOM   334  C  CB  . LEU A 1 45  ? 0.584   3.176   14.689  1.00 19.10  ? 45  LEU A CB  1 
ATOM   335  C  CG  . LEU A 1 45  ? 1.143   3.351   13.266  1.00 19.77  ? 45  LEU A CG  1 
ATOM   336  C  CD1 . LEU A 1 45  ? 1.461   2.007   12.661  1.00 19.93  ? 45  LEU A CD1 1 
ATOM   337  C  CD2 . LEU A 1 45  ? 0.231   4.174   12.348  1.00 20.23  ? 45  LEU A CD2 1 
ATOM   338  N  N   . THR A 1 46  ? -2.082  2.858   16.244  1.00 19.44  ? 46  THR A N   1 
ATOM   339  C  CA  . THR A 1 46  ? -3.438  2.355   16.497  1.00 19.92  ? 46  THR A CA  1 
ATOM   340  C  C   . THR A 1 46  ? -4.422  3.510   16.707  1.00 20.31  ? 46  THR A C   1 
ATOM   341  O  O   . THR A 1 46  ? -5.542  3.492   16.183  1.00 20.36  ? 46  THR A O   1 
ATOM   342  C  CB  . THR A 1 46  ? -3.441  1.407   17.731  1.00 20.25  ? 46  THR A CB  1 
ATOM   343  O  OG1 . THR A 1 46  ? -2.786  0.180   17.382  1.00 20.47  ? 46  THR A OG1 1 
ATOM   344  C  CG2 . THR A 1 46  ? -4.861  1.103   18.226  1.00 20.01  ? 46  THR A CG2 1 
ATOM   345  N  N   . GLU A 1 47  ? -3.980  4.506   17.477  1.00 20.33  ? 47  GLU A N   1 
ATOM   346  C  CA  . GLU A 1 47  ? -4.741  5.729   17.713  1.00 20.79  ? 47  GLU A CA  1 
ATOM   347  C  C   . GLU A 1 47  ? -5.043  6.478   16.413  1.00 20.02  ? 47  GLU A C   1 
ATOM   348  O  O   . GLU A 1 47  ? -6.205  6.780   16.133  1.00 19.89  ? 47  GLU A O   1 
ATOM   349  C  CB  . GLU A 1 47  ? -4.003  6.632   18.719  1.00 21.08  ? 47  GLU A CB  1 
ATOM   350  C  CG  . GLU A 1 47  ? -4.440  8.098   18.733  1.00 23.86  ? 47  GLU A CG  1 
ATOM   351  C  CD  . GLU A 1 47  ? -5.885  8.303   19.185  1.00 27.89  ? 47  GLU A CD  1 
ATOM   352  O  OE1 . GLU A 1 47  ? -6.494  9.317   18.771  1.00 29.43  ? 47  GLU A OE1 1 
ATOM   353  O  OE2 . GLU A 1 47  ? -6.409  7.460   19.952  1.00 29.62  ? 47  GLU A OE2 1 
ATOM   354  N  N   . ARG A 1 48  ? -3.994  6.759   15.636  1.00 19.59  ? 48  ARG A N   1 
ATOM   355  C  CA  . ARG A 1 48  ? -4.097  7.453   14.345  1.00 18.80  ? 48  ARG A CA  1 
ATOM   356  C  C   . ARG A 1 48  ? -5.076  6.744   13.407  1.00 19.05  ? 48  ARG A C   1 
ATOM   357  O  O   . ARG A 1 48  ? -5.878  7.380   12.725  1.00 18.63  ? 48  ARG A O   1 
ATOM   358  C  CB  . ARG A 1 48  ? -2.715  7.557   13.682  1.00 18.93  ? 48  ARG A CB  1 
ATOM   359  C  CG  . ARG A 1 48  ? -1.765  8.608   14.269  1.00 18.15  ? 48  ARG A CG  1 
ATOM   360  C  CD  . ARG A 1 48  ? -0.327  8.456   13.721  1.00 18.19  ? 48  ARG A CD  1 
ATOM   361  N  NE  . ARG A 1 48  ? -0.153  8.965   12.353  1.00 16.36  ? 48  ARG A NE  1 
ATOM   362  C  CZ  . ARG A 1 48  ? 0.954   8.819   11.617  1.00 16.44  ? 48  ARG A CZ  1 
ATOM   363  N  NH1 . ARG A 1 48  ? 1.016   9.320   10.387  1.00 16.11  ? 48  ARG A NH1 1 
ATOM   364  N  NH2 . ARG A 1 48  ? 2.009   8.173   12.099  1.00 18.15  ? 48  ARG A NH2 1 
ATOM   365  N  N   . LEU A 1 49  ? -4.994  5.416   13.385  1.00 19.12  ? 49  LEU A N   1 
ATOM   366  C  CA  . LEU A 1 49  ? -5.853  4.576   12.561  1.00 19.54  ? 49  LEU A CA  1 
ATOM   367  C  C   . LEU A 1 49  ? -7.319  4.629   13.004  1.00 19.82  ? 49  LEU A C   1 
ATOM   368  O  O   . LEU A 1 49  ? -8.234  4.609   12.180  1.00 19.78  ? 49  LEU A O   1 
ATOM   369  C  CB  . LEU A 1 49  ? -5.329  3.146   12.628  1.00 19.49  ? 49  LEU A CB  1 
ATOM   370  C  CG  . LEU A 1 49  ? -5.621  2.110   11.557  1.00 19.96  ? 49  LEU A CG  1 
ATOM   371  C  CD1 . LEU A 1 49  ? -5.225  2.590   10.164  1.00 19.29  ? 49  LEU A CD1 1 
ATOM   372  C  CD2 . LEU A 1 49  ? -4.839  0.873   11.932  1.00 19.44  ? 49  LEU A CD2 1 
ATOM   373  N  N   . GLN A 1 50  ? -7.530  4.708   14.315  1.00 20.47  ? 50  GLN A N   1 
ATOM   374  C  CA  . GLN A 1 50  ? -8.865  4.782   14.896  1.00 21.31  ? 50  GLN A CA  1 
ATOM   375  C  C   . GLN A 1 50  ? -9.579  6.099   14.541  1.00 21.26  ? 50  GLN A C   1 
ATOM   376  O  O   . GLN A 1 50  ? -10.806 6.128   14.419  1.00 20.97  ? 50  GLN A O   1 
ATOM   377  C  CB  . GLN A 1 50  ? -8.754  4.621   16.419  1.00 21.30  ? 50  GLN A CB  1 
ATOM   378  C  CG  . GLN A 1 50  ? -10.008 4.133   17.123  1.00 22.65  ? 50  GLN A CG  1 
ATOM   379  C  CD  . GLN A 1 50  ? -9.753  3.792   18.589  1.00 22.83  ? 50  GLN A CD  1 
ATOM   380  O  OE1 . GLN A 1 50  ? -8.889  2.967   18.906  1.00 25.42  ? 50  GLN A OE1 1 
ATOM   381  N  NE2 . GLN A 1 50  ? -10.510 4.419   19.487  1.00 23.86  ? 50  GLN A NE2 1 
ATOM   382  N  N   . ARG A 1 51  ? -8.804  7.170   14.354  1.00 21.54  ? 51  ARG A N   1 
ATOM   383  C  CA  . ARG A 1 51  ? -9.348  8.507   14.055  1.00 22.47  ? 51  ARG A CA  1 
ATOM   384  C  C   . ARG A 1 51  ? -9.899  8.684   12.628  1.00 22.10  ? 51  ARG A C   1 
ATOM   385  O  O   . ARG A 1 51  ? -10.425 9.750   12.297  1.00 22.26  ? 51  ARG A O   1 
ATOM   386  C  CB  . ARG A 1 51  ? -8.298  9.600   14.318  1.00 22.25  ? 51  ARG A CB  1 
ATOM   387  C  CG  . ARG A 1 51  ? -7.868  9.769   15.764  1.00 23.81  ? 51  ARG A CG  1 
ATOM   388  C  CD  . ARG A 1 51  ? -7.099  11.077  15.942  1.00 24.23  ? 51  ARG A CD  1 
ATOM   389  N  NE  . ARG A 1 51  ? -5.853  10.885  16.688  1.00 28.04  ? 51  ARG A NE  1 
ATOM   390  C  CZ  . ARG A 1 51  ? -4.633  10.921  16.149  1.00 28.92  ? 51  ARG A CZ  1 
ATOM   391  N  NH1 . ARG A 1 51  ? -3.565  10.729  16.916  1.00 29.46  ? 51  ARG A NH1 1 
ATOM   392  N  NH2 . ARG A 1 51  ? -4.472  11.163  14.849  1.00 29.13  ? 51  ARG A NH2 1 
ATOM   393  N  N   . ILE A 1 52  ? -9.773  7.663   11.783  1.00 21.80  ? 52  ILE A N   1 
ATOM   394  C  CA  . ILE A 1 52  ? -10.251 7.764   10.402  1.00 21.61  ? 52  ILE A CA  1 
ATOM   395  C  C   . ILE A 1 52  ? -11.765 7.560   10.360  1.00 21.58  ? 52  ILE A C   1 
ATOM   396  O  O   . ILE A 1 52  ? -12.251 6.438   10.515  1.00 22.29  ? 52  ILE A O   1 
ATOM   397  C  CB  . ILE A 1 52  ? -9.523  6.754   9.456   1.00 21.52  ? 52  ILE A CB  1 
ATOM   398  C  CG1 . ILE A 1 52  ? -7.990  6.833   9.603   1.00 21.13  ? 52  ILE A CG1 1 
ATOM   399  C  CG2 . ILE A 1 52  ? -9.966  6.929   7.991   1.00 21.32  ? 52  ILE A CG2 1 
ATOM   400  C  CD1 . ILE A 1 52  ? -7.344  8.187   9.308   1.00 22.22  ? 52  ILE A CD1 1 
ATOM   401  N  N   . GLU A 1 53  ? -12.502 8.649   10.152  1.00 21.36  ? 53  GLU A N   1 
ATOM   402  C  CA  . GLU A 1 53  ? -13.968 8.613   10.169  1.00 21.23  ? 53  GLU A CA  1 
ATOM   403  C  C   . GLU A 1 53  ? -14.591 8.643   8.780   1.00 20.63  ? 53  GLU A C   1 
ATOM   404  O  O   . GLU A 1 53  ? -15.745 8.236   8.613   1.00 20.87  ? 53  GLU A O   1 
ATOM   405  C  CB  . GLU A 1 53  ? -14.549 9.778   10.984  1.00 21.64  ? 53  GLU A CB  1 
ATOM   406  C  CG  . GLU A 1 53  ? -13.605 10.420  11.987  1.00 24.14  ? 53  GLU A CG  1 
ATOM   407  C  CD  . GLU A 1 53  ? -12.820 11.590  11.401  1.00 26.95  ? 53  GLU A CD  1 
ATOM   408  O  OE1 . GLU A 1 53  ? -12.830 12.682  12.016  1.00 29.38  ? 53  GLU A OE1 1 
ATOM   409  O  OE2 . GLU A 1 53  ? -12.195 11.424  10.331  1.00 28.97  ? 53  GLU A OE2 1 
ATOM   410  N  N   . ARG A 1 54  ? -13.833 9.140   7.799   1.00 19.29  ? 54  ARG A N   1 
ATOM   411  C  CA  . ARG A 1 54  ? -14.290 9.237   6.416   1.00 18.24  ? 54  ARG A CA  1 
ATOM   412  C  C   . ARG A 1 54  ? -13.715 8.067   5.618   1.00 17.13  ? 54  ARG A C   1 
ATOM   413  O  O   . ARG A 1 54  ? -12.781 7.409   6.074   1.00 16.66  ? 54  ARG A O   1 
ATOM   414  C  CB  . ARG A 1 54  ? -13.844 10.559  5.788   1.00 18.46  ? 54  ARG A CB  1 
ATOM   415  C  CG  . ARG A 1 54  ? -14.151 11.798  6.617   1.00 20.99  ? 54  ARG A CG  1 
ATOM   416  C  CD  . ARG A 1 54  ? -14.603 12.936  5.725   1.00 25.83  ? 54  ARG A CD  1 
ATOM   417  N  NE  . ARG A 1 54  ? -16.046 12.870  5.487   1.00 29.69  ? 54  ARG A NE  1 
ATOM   418  C  CZ  . ARG A 1 54  ? -16.728 13.689  4.687   1.00 31.74  ? 54  ARG A CZ  1 
ATOM   419  N  NH1 . ARG A 1 54  ? -16.106 14.653  4.012   1.00 32.65  ? 54  ARG A NH1 1 
ATOM   420  N  NH2 . ARG A 1 54  ? -18.043 13.536  4.557   1.00 32.35  ? 54  ARG A NH2 1 
ATOM   421  N  N   . ARG A 1 55  ? -14.271 7.819   4.433   1.00 15.92  ? 55  ARG A N   1 
ATOM   422  C  CA  . ARG A 1 55  ? -13.795 6.722   3.584   1.00 15.18  ? 55  ARG A CA  1 
ATOM   423  C  C   . ARG A 1 55  ? -12.650 7.158   2.672   1.00 13.84  ? 55  ARG A C   1 
ATOM   424  O  O   . ARG A 1 55  ? -12.672 8.254   2.092   1.00 13.88  ? 55  ARG A O   1 
ATOM   425  C  CB  . ARG A 1 55  ? -14.939 6.124   2.763   1.00 15.61  ? 55  ARG A CB  1 
ATOM   426  C  CG  . ARG A 1 55  ? -16.128 5.657   3.615   1.00 18.86  ? 55  ARG A CG  1 
ATOM   427  C  CD  . ARG A 1 55  ? -17.124 4.856   2.802   1.00 23.24  ? 55  ARG A CD  1 
ATOM   428  N  NE  . ARG A 1 55  ? -16.941 3.422   3.009   1.00 28.56  ? 55  ARG A NE  1 
ATOM   429  C  CZ  . ARG A 1 55  ? -17.670 2.677   3.841   1.00 29.84  ? 55  ARG A CZ  1 
ATOM   430  N  NH1 . ARG A 1 55  ? -18.658 3.217   4.549   1.00 31.53  ? 55  ARG A NH1 1 
ATOM   431  N  NH2 . ARG A 1 55  ? -17.410 1.378   3.958   1.00 30.70  ? 55  ARG A NH2 1 
ATOM   432  N  N   . TYR A 1 56  ? -11.641 6.298   2.576   1.00 12.25  ? 56  TYR A N   1 
ATOM   433  C  CA  . TYR A 1 56  ? -10.485 6.548   1.721   1.00 11.33  ? 56  TYR A CA  1 
ATOM   434  C  C   . TYR A 1 56  ? -10.233 5.321   0.892   1.00 10.94  ? 56  TYR A C   1 
ATOM   435  O  O   . TYR A 1 56  ? -10.452 4.199   1.342   1.00 11.09  ? 56  TYR A O   1 
ATOM   436  C  CB  . TYR A 1 56  ? -9.248  6.897   2.552   1.00 11.42  ? 56  TYR A CB  1 
ATOM   437  C  CG  . TYR A 1 56  ? -9.448  8.195   3.277   1.00 10.89  ? 56  TYR A CG  1 
ATOM   438  C  CD1 . TYR A 1 56  ? -9.079  9.406   2.697   1.00 10.60  ? 56  TYR A CD1 1 
ATOM   439  C  CD2 . TYR A 1 56  ? -10.067 8.217   4.530   1.00 10.44  ? 56  TYR A CD2 1 
ATOM   440  C  CE1 . TYR A 1 56  ? -9.302  10.609  3.358   1.00 9.63   ? 56  TYR A CE1 1 
ATOM   441  C  CE2 . TYR A 1 56  ? -10.296 9.412   5.202   1.00 9.93   ? 56  TYR A CE2 1 
ATOM   442  C  CZ  . TYR A 1 56  ? -9.907  10.603  4.612   1.00 10.19  ? 56  TYR A CZ  1 
ATOM   443  O  OH  . TYR A 1 56  ? -10.137 11.805  5.264   1.00 10.21  ? 56  TYR A OH  1 
ATOM   444  N  N   . ARG A 1 57  ? -9.775  5.550   -0.329  1.00 10.00  ? 57  ARG A N   1 
ATOM   445  C  CA  . ARG A 1 57  ? -9.519  4.466   -1.265  1.00 10.84  ? 57  ARG A CA  1 
ATOM   446  C  C   . ARG A 1 57  ? -8.050  4.471   -1.646  1.00 10.26  ? 57  ARG A C   1 
ATOM   447  O  O   . ARG A 1 57  ? -7.500  5.519   -1.995  1.00 10.98  ? 57  ARG A O   1 
ATOM   448  C  CB  . ARG A 1 57  ? -10.392 4.642   -2.502  1.00 11.48  ? 57  ARG A CB  1 
ATOM   449  C  CG  . ARG A 1 57  ? -11.867 4.449   -2.195  1.00 15.10  ? 57  ARG A CG  1 
ATOM   450  C  CD  . ARG A 1 57  ? -12.678 4.502   -3.461  1.00 21.06  ? 57  ARG A CD  1 
ATOM   451  N  NE  . ARG A 1 57  ? -14.114 4.484   -3.206  1.00 25.37  ? 57  ARG A NE  1 
ATOM   452  C  CZ  . ARG A 1 57  ? -14.856 5.574   -3.036  1.00 26.95  ? 57  ARG A CZ  1 
ATOM   453  N  NH1 . ARG A 1 57  ? -14.300 6.777   -3.088  1.00 28.48  ? 57  ARG A NH1 1 
ATOM   454  N  NH2 . ARG A 1 57  ? -16.157 5.461   -2.820  1.00 27.88  ? 57  ARG A NH2 1 
ATOM   455  N  N   . LEU A 1 58  ? -7.410  3.303   -1.572  1.00 8.58   ? 58  LEU A N   1 
ATOM   456  C  CA  . LEU A 1 58  ? -6.025  3.160   -1.980  1.00 8.12   ? 58  LEU A CA  1 
ATOM   457  C  C   . LEU A 1 58  ? -6.043  2.426   -3.320  1.00 7.82   ? 58  LEU A C   1 
ATOM   458  O  O   . LEU A 1 58  ? -6.337  1.228   -3.367  1.00 8.08   ? 58  LEU A O   1 
ATOM   459  C  CB  . LEU A 1 58  ? -5.227  2.370   -0.927  1.00 8.28   ? 58  LEU A CB  1 
ATOM   460  C  CG  . LEU A 1 58  ? -5.226  2.908   0.512   1.00 9.99   ? 58  LEU A CG  1 
ATOM   461  C  CD1 . LEU A 1 58  ? -4.288  2.119   1.432   1.00 10.10  ? 58  LEU A CD1 1 
ATOM   462  C  CD2 . LEU A 1 58  ? -4.883  4.389   0.551   1.00 10.58  ? 58  LEU A CD2 1 
ATOM   463  N  N   . LEU A 1 59  ? -5.804  3.176   -4.397  1.00 7.04   ? 59  LEU A N   1 
ATOM   464  C  CA  . LEU A 1 59  ? -5.636  2.591   -5.729  1.00 7.52   ? 59  LEU A CA  1 
ATOM   465  C  C   . LEU A 1 59  ? -4.177  2.199   -5.870  1.00 7.36   ? 59  LEU A C   1 
ATOM   466  O  O   . LEU A 1 59  ? -3.277  3.046   -5.870  1.00 7.46   ? 59  LEU A O   1 
ATOM   467  C  CB  . LEU A 1 59  ? -6.033  3.576   -6.832  1.00 7.09   ? 59  LEU A CB  1 
ATOM   468  C  CG  . LEU A 1 59  ? -5.799  3.091   -8.267  1.00 8.07   ? 59  LEU A CG  1 
ATOM   469  C  CD1 . LEU A 1 59  ? -6.573  1.785   -8.566  1.00 7.99   ? 59  LEU A CD1 1 
ATOM   470  C  CD2 . LEU A 1 59  ? -6.208  4.184   -9.238  1.00 9.57   ? 59  LEU A CD2 1 
ATOM   471  N  N   . VAL A 1 60  ? -3.947  0.895   -5.983  1.00 7.69   ? 60  VAL A N   1 
ATOM   472  C  CA  . VAL A 1 60  ? -2.592  0.374   -5.934  1.00 8.13   ? 60  VAL A CA  1 
ATOM   473  C  C   . VAL A 1 60  ? -2.194  -0.290  -7.236  1.00 8.36   ? 60  VAL A C   1 
ATOM   474  O  O   . VAL A 1 60  ? -2.973  -1.043  -7.788  1.00 8.64   ? 60  VAL A O   1 
ATOM   475  C  CB  . VAL A 1 60  ? -2.480  -0.710  -4.831  1.00 8.06   ? 60  VAL A CB  1 
ATOM   476  C  CG1 . VAL A 1 60  ? -1.071  -1.298  -4.775  1.00 9.72   ? 60  VAL A CG1 1 
ATOM   477  C  CG2 . VAL A 1 60  ? -2.865  -0.142  -3.464  1.00 8.41   ? 60  VAL A CG2 1 
ATOM   478  N  N   . ALA A 1 61  ? -0.993  0.001   -7.734  1.00 7.67   ? 61  ALA A N   1 
ATOM   479  C  CA  . ALA A 1 61  ? -0.427  -0.816  -8.811  1.00 7.61   ? 61  ALA A CA  1 
ATOM   480  C  C   . ALA A 1 61  ? 0.638   -1.710  -8.179  1.00 8.06   ? 61  ALA A C   1 
ATOM   481  O  O   . ALA A 1 61  ? 1.571   -1.232  -7.525  1.00 7.75   ? 61  ALA A O   1 
ATOM   482  C  CB  . ALA A 1 61  ? 0.192   0.053   -9.893  1.00 7.66   ? 61  ALA A CB  1 
ATOM   483  N  N   . GLY A 1 62  ? 0.472   -3.020  -8.348  1.00 7.59   ? 62  GLY A N   1 
ATOM   484  C  CA  . GLY A 1 62  ? 1.363   -3.960  -7.686  1.00 8.67   ? 62  GLY A CA  1 
ATOM   485  C  C   . GLY A 1 62  ? 1.315   -5.322  -8.335  1.00 8.44   ? 62  GLY A C   1 
ATOM   486  O  O   . GLY A 1 62  ? 0.449   -5.597  -9.171  1.00 10.30  ? 62  GLY A O   1 
ATOM   487  N  N   . GLU A 1 63  ? 2.270   -6.165  -7.944  1.00 8.12   ? 63  GLU A N   1 
ATOM   488  C  CA  . GLU A 1 63  ? 2.418   -7.510  -8.513  1.00 8.27   ? 63  GLU A CA  1 
ATOM   489  C  C   . GLU A 1 63  ? 2.908   -8.440  -7.407  1.00 8.05   ? 63  GLU A C   1 
ATOM   490  O  O   . GLU A 1 63  ? 3.763   -8.066  -6.595  1.00 7.06   ? 63  GLU A O   1 
ATOM   491  C  CB  . GLU A 1 63  ? 3.462   -7.519  -9.624  1.00 9.34   ? 63  GLU A CB  1 
ATOM   492  C  CG  . GLU A 1 63  ? 3.174   -6.557  -10.797 1.00 10.07  ? 63  GLU A CG  1 
ATOM   493  C  CD  . GLU A 1 63  ? 2.488   -7.191  -12.010 1.00 9.50   ? 63  GLU A CD  1 
ATOM   494  O  OE1 . GLU A 1 63  ? 1.777   -6.455  -12.724 1.00 9.45   ? 63  GLU A OE1 1 
ATOM   495  O  OE2 . GLU A 1 63  ? 2.715   -8.381  -12.285 1.00 8.87   ? 63  GLU A OE2 1 
ATOM   496  N  N   . MET A 1 64  ? 2.399   -9.670  -7.407  1.00 7.74   ? 64  MET A N   1 
ATOM   497  C  CA  . MET A 1 64  ? 2.753   -10.603 -6.336  1.00 7.89   ? 64  MET A CA  1 
ATOM   498  C  C   . MET A 1 64  ? 4.202   -11.090 -6.332  1.00 8.25   ? 64  MET A C   1 
ATOM   499  O  O   . MET A 1 64  ? 4.667   -11.618 -5.317  1.00 7.92   ? 64  MET A O   1 
ATOM   500  C  CB  . MET A 1 64  ? 1.787   -11.797 -6.298  1.00 7.56   ? 64  MET A CB  1 
ATOM   501  C  CG  . MET A 1 64  ? 0.532   -11.527 -5.502  1.00 8.42   ? 64  MET A CG  1 
ATOM   502  S  SD  . MET A 1 64  ? 0.789   -11.364 -3.667  1.00 2.00   ? 64  MET A SD  1 
ATOM   503  C  CE  . MET A 1 64  ? 1.133   -13.151 -3.287  1.00 10.57  ? 64  MET A CE  1 
ATOM   504  N  N   . TRP A 1 65  ? 4.902   -10.959 -7.462  1.00 7.60   ? 65  TRP A N   1 
ATOM   505  C  CA  . TRP A 1 65  ? 6.311   -11.356 -7.508  1.00 6.98   ? 65  TRP A CA  1 
ATOM   506  C  C   . TRP A 1 65  ? 7.244   -10.321 -6.880  1.00 7.34   ? 65  TRP A C   1 
ATOM   507  O  O   . TRP A 1 65  ? 8.423   -10.597 -6.685  1.00 7.93   ? 65  TRP A O   1 
ATOM   508  C  CB  . TRP A 1 65  ? 6.746   -11.640 -8.946  1.00 7.73   ? 65  TRP A CB  1 
ATOM   509  C  CG  . TRP A 1 65  ? 6.384   -10.556 -9.904  1.00 6.92   ? 65  TRP A CG  1 
ATOM   510  C  CD1 . TRP A 1 65  ? 5.288   -10.527 -10.720 1.00 8.12   ? 65  TRP A CD1 1 
ATOM   511  C  CD2 . TRP A 1 65  ? 7.110   -9.332  -10.162 1.00 7.31   ? 65  TRP A CD2 1 
ATOM   512  N  NE1 . TRP A 1 65  ? 5.280   -9.367  -11.465 1.00 8.05   ? 65  TRP A NE1 1 
ATOM   513  C  CE2 . TRP A 1 65  ? 6.378   -8.613  -11.131 1.00 8.03   ? 65  TRP A CE2 1 
ATOM   514  C  CE3 . TRP A 1 65  ? 8.296   -8.761  -9.650  1.00 9.01   ? 65  TRP A CE3 1 
ATOM   515  C  CZ2 . TRP A 1 65  ? 6.796   -7.360  -11.621 1.00 8.29   ? 65  TRP A CZ2 1 
ATOM   516  C  CZ3 . TRP A 1 65  ? 8.695   -7.499  -10.127 1.00 8.99   ? 65  TRP A CZ3 1 
ATOM   517  C  CH2 . TRP A 1 65  ? 7.948   -6.820  -11.094 1.00 8.72   ? 65  TRP A CH2 1 
ATOM   518  N  N   . CYS A 1 66  ? 6.724   -9.119  -6.639  1.00 7.39   ? 66  CYS A N   1 
ATOM   519  C  CA  . CYS A 1 66  ? 7.552   -8.002  -6.174  1.00 7.82   ? 66  CYS A CA  1 
ATOM   520  C  C   . CYS A 1 66  ? 7.652   -8.014  -4.644  1.00 8.19   ? 66  CYS A C   1 
ATOM   521  O  O   . CYS A 1 66  ? 6.634   -7.901  -3.973  1.00 8.39   ? 66  CYS A O   1 
ATOM   522  C  CB  . CYS A 1 66  ? 6.930   -6.696  -6.657  1.00 7.07   ? 66  CYS A CB  1 
ATOM   523  S  SG  . CYS A 1 66  ? 7.709   -5.268  -5.891  1.00 11.13  ? 66  CYS A SG  1 
ATOM   524  N  N   . PRO A 1 67  ? 8.876   -8.185  -4.089  1.00 8.36   ? 67  PRO A N   1 
ATOM   525  C  CA  . PRO A 1 67  ? 9.034   -8.189  -2.629  1.00 8.46   ? 67  PRO A CA  1 
ATOM   526  C  C   . PRO A 1 67  ? 8.524   -6.927  -1.962  1.00 8.13   ? 67  PRO A C   1 
ATOM   527  O  O   . PRO A 1 67  ? 7.963   -6.996  -0.862  1.00 8.06   ? 67  PRO A O   1 
ATOM   528  C  CB  . PRO A 1 67  ? 10.558  -8.328  -2.443  1.00 9.33   ? 67  PRO A CB  1 
ATOM   529  C  CG  . PRO A 1 67  ? 10.951  -9.131  -3.611  1.00 10.61  ? 67  PRO A CG  1 
ATOM   530  C  CD  . PRO A 1 67  ? 10.150  -8.510  -4.750  1.00 9.61   ? 67  PRO A CD  1 
ATOM   531  N  N   . ASP A 1 68  ? 8.684   -5.783  -2.633  1.00 7.57   ? 68  ASP A N   1 
ATOM   532  C  CA  . ASP A 1 68  ? 8.202   -4.521  -2.075  1.00 7.81   ? 68  ASP A CA  1 
ATOM   533  C  C   . ASP A 1 68  ? 6.671   -4.523  -1.991  1.00 7.51   ? 68  ASP A C   1 
ATOM   534  O  O   . ASP A 1 68  ? 6.103   -3.946  -1.070  1.00 8.83   ? 68  ASP A O   1 
ATOM   535  C  CB  . ASP A 1 68  ? 8.685   -3.330  -2.899  1.00 8.65   ? 68  ASP A CB  1 
ATOM   536  C  CG  . ASP A 1 68  ? 10.181  -3.241  -2.935  1.00 10.46  ? 68  ASP A CG  1 
ATOM   537  O  OD1 . ASP A 1 68  ? 10.768  -3.058  -1.851  1.00 10.75  ? 68  ASP A OD1 1 
ATOM   538  O  OD2 . ASP A 1 68  ? 10.773  -3.389  -4.027  1.00 13.91  ? 68  ASP A OD2 1 
ATOM   539  N  N   . CYS A 1 69  ? 6.005   -5.157  -2.957  1.00 7.12   ? 69  CYS A N   1 
ATOM   540  C  CA  . CYS A 1 69  ? 4.547   -5.330  -2.880  1.00 7.95   ? 69  CYS A CA  1 
ATOM   541  C  C   . CYS A 1 69  ? 4.156   -6.302  -1.775  1.00 7.90   ? 69  CYS A C   1 
ATOM   542  O  O   . CYS A 1 69  ? 3.214   -6.040  -1.024  1.00 8.75   ? 69  CYS A O   1 
ATOM   543  C  CB  . CYS A 1 69  ? 3.979   -5.823  -4.207  1.00 8.55   ? 69  CYS A CB  1 
ATOM   544  S  SG  . CYS A 1 69  ? 4.113   -4.578  -5.516  1.00 9.41   ? 69  CYS A SG  1 
ATOM   545  N  N   . GLN A 1 70  ? 4.859   -7.426  -1.673  1.00 6.85   ? 70  GLN A N   1 
ATOM   546  C  CA  . GLN A 1 70  ? 4.541   -8.393  -0.615  1.00 7.29   ? 70  GLN A CA  1 
ATOM   547  C  C   . GLN A 1 70  ? 4.588   -7.744  0.770   1.00 7.65   ? 70  GLN A C   1 
ATOM   548  O  O   . GLN A 1 70  ? 3.691   -7.933  1.597   1.00 9.01   ? 70  GLN A O   1 
ATOM   549  C  CB  . GLN A 1 70  ? 5.490   -9.593  -0.663  1.00 7.47   ? 70  GLN A CB  1 
ATOM   550  C  CG  . GLN A 1 70  ? 5.408   -10.382 -1.961  1.00 8.30   ? 70  GLN A CG  1 
ATOM   551  C  CD  . GLN A 1 70  ? 6.630   -11.235 -2.188  1.00 8.79   ? 70  GLN A CD  1 
ATOM   552  O  OE1 . GLN A 1 70  ? 7.530   -11.305 -1.330  1.00 9.65   ? 70  GLN A OE1 1 
ATOM   553  N  NE2 . GLN A 1 70  ? 6.684   -11.891 -3.344  1.00 8.30   ? 70  GLN A NE2 1 
ATOM   554  N  N   . ILE A 1 71  ? 5.645   -6.972  1.002   1.00 7.02   ? 71  ILE A N   1 
ATOM   555  C  CA  . ILE A 1 71  ? 5.876   -6.297  2.286   1.00 7.62   ? 71  ILE A CA  1 
ATOM   556  C  C   . ILE A 1 71  ? 4.839   -5.219  2.527   1.00 7.66   ? 71  ILE A C   1 
ATOM   557  O  O   . ILE A 1 71  ? 4.088   -5.270  3.490   1.00 7.46   ? 71  ILE A O   1 
ATOM   558  C  CB  . ILE A 1 71  ? 7.283   -5.692  2.331   1.00 7.27   ? 71  ILE A CB  1 
ATOM   559  C  CG1 . ILE A 1 71  ? 8.332   -6.816  2.314   1.00 7.67   ? 71  ILE A CG1 1 
ATOM   560  C  CG2 . ILE A 1 71  ? 7.464   -4.812  3.577   1.00 7.16   ? 71  ILE A CG2 1 
ATOM   561  C  CD1 . ILE A 1 71  ? 9.745   -6.367  1.929   1.00 9.47   ? 71  ILE A CD1 1 
ATOM   562  N  N   . ASN A 1 72  ? 4.803   -4.203  1.659   1.00 7.32   ? 72  ASN A N   1 
ATOM   563  C  CA  . ASN A 1 72  ? 4.013   -3.041  2.013   1.00 7.54   ? 72  ASN A CA  1 
ATOM   564  C  C   . ASN A 1 72  ? 2.526   -3.254  1.857   1.00 7.30   ? 72  ASN A C   1 
ATOM   565  O  O   . ASN A 1 72  ? 1.739   -2.645  2.574   1.00 7.73   ? 72  ASN A O   1 
ATOM   566  C  CB  . ASN A 1 72  ? 4.490   -1.819  1.244   1.00 7.58   ? 72  ASN A CB  1 
ATOM   567  C  CG  . ASN A 1 72  ? 5.925   -1.490  1.554   1.00 7.02   ? 72  ASN A CG  1 
ATOM   568  O  OD1 . ASN A 1 72  ? 6.265   -1.166  2.692   1.00 7.98   ? 72  ASN A OD1 1 
ATOM   569  N  ND2 . ASN A 1 72  ? 6.788   -1.614  0.546   1.00 7.75   ? 72  ASN A ND2 1 
ATOM   570  N  N   . LEU A 1 73  ? 2.131   -4.120  0.925   1.00 7.17   ? 73  LEU A N   1 
ATOM   571  C  CA  . LEU A 1 73  ? 0.710   -4.385  0.780   1.00 7.10   ? 73  LEU A CA  1 
ATOM   572  C  C   . LEU A 1 73  ? 0.184   -5.301  1.886   1.00 7.29   ? 73  LEU A C   1 
ATOM   573  O  O   . LEU A 1 73  ? -0.966  -5.143  2.293   1.00 7.90   ? 73  LEU A O   1 
ATOM   574  C  CB  . LEU A 1 73  ? 0.369   -4.901  -0.617  1.00 6.88   ? 73  LEU A CB  1 
ATOM   575  C  CG  . LEU A 1 73  ? 0.743   -3.912  -1.729  1.00 7.84   ? 73  LEU A CG  1 
ATOM   576  C  CD1 . LEU A 1 73  ? 0.324   -4.490  -3.098  1.00 8.56   ? 73  LEU A CD1 1 
ATOM   577  C  CD2 . LEU A 1 73  ? 0.110   -2.539  -1.500  1.00 8.51   ? 73  LEU A CD2 1 
ATOM   578  N  N   . ALA A 1 74  ? 1.024   -6.205  2.404   1.00 7.25   ? 74  ALA A N   1 
ATOM   579  C  CA  . ALA A 1 74  ? 0.615   -6.945  3.613   1.00 7.19   ? 74  ALA A CA  1 
ATOM   580  C  C   . ALA A 1 74  ? 0.300   -5.956  4.748   1.00 8.06   ? 74  ALA A C   1 
ATOM   581  O  O   . ALA A 1 74  ? -0.680  -6.119  5.485   1.00 8.61   ? 74  ALA A O   1 
ATOM   582  C  CB  . ALA A 1 74  ? 1.686   -7.946  4.041   1.00 7.78   ? 74  ALA A CB  1 
ATOM   583  N  N   . ALA A 1 75  ? 1.132   -4.925  4.877   1.00 7.48   ? 75  ALA A N   1 
ATOM   584  C  CA  . ALA A 1 75  ? 0.933   -3.921  5.942   1.00 7.12   ? 75  ALA A CA  1 
ATOM   585  C  C   . ALA A 1 75  ? -0.334  -3.101  5.708   1.00 7.35   ? 75  ALA A C   1 
ATOM   586  O  O   . ALA A 1 75  ? -1.127  -2.891  6.637   1.00 7.80   ? 75  ALA A O   1 
ATOM   587  C  CB  . ALA A 1 75  ? 2.160   -3.012  6.068   1.00 7.31   ? 75  ALA A CB  1 
ATOM   588  N  N   . LEU A 1 76  ? -0.523  -2.629  4.477   1.00 7.52   ? 76  LEU A N   1 
ATOM   589  C  CA  . LEU A 1 76  ? -1.685  -1.802  4.164   1.00 7.79   ? 76  LEU A CA  1 
ATOM   590  C  C   . LEU A 1 76  ? -2.988  -2.611  4.239   1.00 7.80   ? 76  LEU A C   1 
ATOM   591  O  O   . LEU A 1 76  ? -4.016  -2.088  4.661   1.00 7.87   ? 76  LEU A O   1 
ATOM   592  C  CB  . LEU A 1 76  ? -1.521  -1.074  2.821   1.00 8.16   ? 76  LEU A CB  1 
ATOM   593  C  CG  . LEU A 1 76  ? -0.391  -0.027  2.808   1.00 8.97   ? 76  LEU A CG  1 
ATOM   594  C  CD1 . LEU A 1 76  ? -0.280  0.594   1.425   1.00 8.83   ? 76  LEU A CD1 1 
ATOM   595  C  CD2 . LEU A 1 76  ? -0.604  1.065   3.876   1.00 9.30   ? 76  LEU A CD2 1 
ATOM   596  N  N   . ASP A 1 77  ? -2.932  -3.884  3.874   1.00 7.87   ? 77  ASP A N   1 
ATOM   597  C  CA  . ASP A 1 77  ? -4.090  -4.753  4.069   1.00 7.96   ? 77  ASP A CA  1 
ATOM   598  C  C   . ASP A 1 77  ? -4.428  -4.935  5.547   1.00 8.17   ? 77  ASP A C   1 
ATOM   599  O  O   . ASP A 1 77  ? -5.607  -4.936  5.940   1.00 8.36   ? 77  ASP A O   1 
ATOM   600  C  CB  . ASP A 1 77  ? -3.865  -6.107  3.409   1.00 8.06   ? 77  ASP A CB  1 
ATOM   601  C  CG  . ASP A 1 77  ? -4.974  -7.090  3.740   1.00 8.38   ? 77  ASP A CG  1 
ATOM   602  O  OD1 . ASP A 1 77  ? -6.096  -6.902  3.211   1.00 8.66   ? 77  ASP A OD1 1 
ATOM   603  O  OD2 . ASP A 1 77  ? -4.720  -8.025  4.534   1.00 10.07  ? 77  ASP A OD2 1 
ATOM   604  N  N   . PHE A 1 78  ? -3.401  -5.071  6.379   1.00 7.82   ? 78  PHE A N   1 
ATOM   605  C  CA  . PHE A 1 78  ? -3.624  -5.156  7.824   1.00 8.07   ? 78  PHE A CA  1 
ATOM   606  C  C   . PHE A 1 78  ? -4.365  -3.907  8.309   1.00 8.16   ? 78  PHE A C   1 
ATOM   607  O  O   . PHE A 1 78  ? -5.339  -4.009  9.057   1.00 8.78   ? 78  PHE A O   1 
ATOM   608  C  CB  . PHE A 1 78  ? -2.300  -5.371  8.541   1.00 8.65   ? 78  PHE A CB  1 
ATOM   609  C  CG  . PHE A 1 78  ? -2.424  -5.533  10.031  1.00 9.62   ? 78  PHE A CG  1 
ATOM   610  C  CD1 . PHE A 1 78  ? -3.172  -6.572  10.587  1.00 10.86  ? 78  PHE A CD1 1 
ATOM   611  C  CD2 . PHE A 1 78  ? -1.748  -4.670  10.881  1.00 12.08  ? 78  PHE A CD2 1 
ATOM   612  C  CE1 . PHE A 1 78  ? -3.266  -6.715  11.985  1.00 12.02  ? 78  PHE A CE1 1 
ATOM   613  C  CE2 . PHE A 1 78  ? -1.835  -4.817  12.275  1.00 11.56  ? 78  PHE A CE2 1 
ATOM   614  C  CZ  . PHE A 1 78  ? -2.594  -5.840  12.810  1.00 10.70  ? 78  PHE A CZ  1 
ATOM   615  N  N   . ALA A 1 79  ? -3.949  -2.736  7.823   1.00 7.92   ? 79  ALA A N   1 
ATOM   616  C  CA  . ALA A 1 79  ? -4.613  -1.478  8.184   1.00 8.25   ? 79  ALA A CA  1 
ATOM   617  C  C   . ALA A 1 79  ? -6.073  -1.449  7.745   1.00 8.13   ? 79  ALA A C   1 
ATOM   618  O  O   . ALA A 1 79  ? -6.941  -1.016  8.497   1.00 8.72   ? 79  ALA A O   1 
ATOM   619  C  CB  . ALA A 1 79  ? -3.852  -0.269  7.632   1.00 8.54   ? 79  ALA A CB  1 
ATOM   620  N  N   . GLN A 1 80  ? -6.361  -1.939  6.534   1.00 7.73   ? 80  GLN A N   1 
ATOM   621  C  CA  . GLN A 1 80  ? -7.738  -1.936  6.057   1.00 8.54   ? 80  GLN A CA  1 
ATOM   622  C  C   . GLN A 1 80  ? -8.620  -2.924  6.836   1.00 8.93   ? 80  GLN A C   1 
ATOM   623  O  O   . GLN A 1 80  ? -9.825  -2.712  6.988   1.00 9.55   ? 80  GLN A O   1 
ATOM   624  C  CB  . GLN A 1 80  ? -7.790  -2.199  4.552   1.00 8.63   ? 80  GLN A CB  1 
ATOM   625  C  CG  . GLN A 1 80  ? -7.844  -3.666  4.145   1.00 9.76   ? 80  GLN A CG  1 
ATOM   626  C  CD  . GLN A 1 80  ? -8.004  -3.838  2.643   1.00 9.86   ? 80  GLN A CD  1 
ATOM   627  O  OE1 . GLN A 1 80  ? -7.412  -4.745  2.012   1.00 12.49  ? 80  GLN A OE1 1 
ATOM   628  N  NE2 . GLN A 1 80  ? -8.788  -2.955  2.045   1.00 7.29   ? 80  GLN A NE2 1 
ATOM   629  N  N   . ARG A 1 81  ? -8.018  -3.994  7.352   1.00 8.97   ? 81  ARG A N   1 
ATOM   630  C  CA  . ARG A 1 81  ? -8.766  -4.940  8.170   1.00 9.68   ? 81  ARG A CA  1 
ATOM   631  C  C   . ARG A 1 81  ? -9.087  -4.352  9.547   1.00 9.82   ? 81  ARG A C   1 
ATOM   632  O  O   . ARG A 1 81  ? -10.142 -4.637  10.117  1.00 10.98  ? 81  ARG A O   1 
ATOM   633  C  CB  . ARG A 1 81  ? -8.012  -6.267  8.276   1.00 9.99   ? 81  ARG A CB  1 
ATOM   634  C  CG  . ARG A 1 81  ? -8.029  -7.008  6.948   1.00 12.02  ? 81  ARG A CG  1 
ATOM   635  C  CD  . ARG A 1 81  ? -7.417  -8.395  7.026   1.00 15.32  ? 81  ARG A CD  1 
ATOM   636  N  NE  . ARG A 1 81  ? -5.963  -8.363  7.163   1.00 16.29  ? 81  ARG A NE  1 
ATOM   637  C  CZ  . ARG A 1 81  ? -5.309  -8.715  8.269   1.00 17.17  ? 81  ARG A CZ  1 
ATOM   638  N  NH1 . ARG A 1 81  ? -5.983  -9.119  9.341   1.00 16.74  ? 81  ARG A NH1 1 
ATOM   639  N  NH2 . ARG A 1 81  ? -3.981  -8.666  8.302   1.00 16.22  ? 81  ARG A NH2 1 
ATOM   640  N  N   . LEU A 1 82  ? -8.186  -3.514  10.056  1.00 10.02  ? 82  LEU A N   1 
ATOM   641  C  CA  . LEU A 1 82  ? -8.407  -2.822  11.336  1.00 10.65  ? 82  LEU A CA  1 
ATOM   642  C  C   . LEU A 1 82  ? -9.320  -1.608  11.187  1.00 10.60  ? 82  LEU A C   1 
ATOM   643  O  O   . LEU A 1 82  ? -10.024 -1.218  12.127  1.00 10.59  ? 82  LEU A O   1 
ATOM   644  C  CB  . LEU A 1 82  ? -7.075  -2.372  11.930  1.00 11.02  ? 82  LEU A CB  1 
ATOM   645  C  CG  . LEU A 1 82  ? -6.066  -3.445  12.348  1.00 12.74  ? 82  LEU A CG  1 
ATOM   646  C  CD1 . LEU A 1 82  ? -4.750  -2.769  12.679  1.00 14.10  ? 82  LEU A CD1 1 
ATOM   647  C  CD2 . LEU A 1 82  ? -6.548  -4.290  13.526  1.00 14.21  ? 82  LEU A CD2 1 
ATOM   648  N  N   . GLN A 1 83  ? -9.288  -0.995  10.009  1.00 10.50  ? 83  GLN A N   1 
ATOM   649  C  CA  . GLN A 1 83  ? -10.054 0.215   9.745   1.00 10.68  ? 83  GLN A CA  1 
ATOM   650  C  C   . GLN A 1 83  ? -10.765 0.095   8.393   1.00 11.52  ? 83  GLN A C   1 
ATOM   651  O  O   . GLN A 1 83  ? -10.207 0.476   7.368   1.00 10.59  ? 83  GLN A O   1 
ATOM   652  C  CB  . GLN A 1 83  ? -9.129  1.446   9.812   1.00 10.62  ? 83  GLN A CB  1 
ATOM   653  C  CG  . GLN A 1 83  ? -9.785  2.809   9.552   1.00 10.31  ? 83  GLN A CG  1 
ATOM   654  C  CD  . GLN A 1 83  ? -11.127 2.967   10.234  1.00 11.10  ? 83  GLN A CD  1 
ATOM   655  O  OE1 . GLN A 1 83  ? -12.159 2.547   9.708   1.00 11.32  ? 83  GLN A OE1 1 
ATOM   656  N  NE2 . GLN A 1 83  ? -11.121 3.580   11.414  1.00 11.22  ? 83  GLN A NE2 1 
ATOM   657  N  N   . PRO A 1 84  ? -11.986 -0.474  8.385   1.00 12.16  ? 84  PRO A N   1 
ATOM   658  C  CA  . PRO A 1 84  ? -12.800 -0.699  7.185   1.00 12.85  ? 84  PRO A CA  1 
ATOM   659  C  C   . PRO A 1 84  ? -13.040 0.559   6.337   1.00 12.87  ? 84  PRO A C   1 
ATOM   660  O  O   . PRO A 1 84  ? -13.366 0.435   5.159   1.00 13.84  ? 84  PRO A O   1 
ATOM   661  C  CB  . PRO A 1 84  ? -14.127 -1.243  7.751   1.00 13.36  ? 84  PRO A CB  1 
ATOM   662  C  CG  . PRO A 1 84  ? -14.096 -0.900  9.197   1.00 13.53  ? 84  PRO A CG  1 
ATOM   663  C  CD  . PRO A 1 84  ? -12.665 -0.996  9.583   1.00 12.53  ? 84  PRO A CD  1 
ATOM   664  N  N   . ASN A 1 85  ? -12.860 1.746   6.921   1.00 12.57  ? 85  ASN A N   1 
ATOM   665  C  CA  . ASN A 1 85  ? -12.977 3.005   6.175   1.00 12.08  ? 85  ASN A CA  1 
ATOM   666  C  C   . ASN A 1 85  ? -11.910 3.162   5.088   1.00 11.31  ? 85  ASN A C   1 
ATOM   667  O  O   . ASN A 1 85  ? -12.052 3.998   4.185   1.00 11.72  ? 85  ASN A O   1 
ATOM   668  C  CB  . ASN A 1 85  ? -12.937 4.219   7.110   1.00 12.35  ? 85  ASN A CB  1 
ATOM   669  C  CG  . ASN A 1 85  ? -14.290 4.522   7.749   1.00 13.01  ? 85  ASN A CG  1 
ATOM   670  O  OD1 . ASN A 1 85  ? -14.361 5.189   8.782   1.00 15.47  ? 85  ASN A OD1 1 
ATOM   671  N  ND2 . ASN A 1 85  ? -15.363 4.041   7.131   1.00 13.58  ? 85  ASN A ND2 1 
ATOM   672  N  N   . ILE A 1 86  ? -10.832 2.386   5.201   1.00 10.03  ? 86  ILE A N   1 
ATOM   673  C  CA  . ILE A 1 86  ? -9.767  2.355   4.189   1.00 10.51  ? 86  ILE A CA  1 
ATOM   674  C  C   . ILE A 1 86  ? -9.981  1.096   3.347   1.00 10.35  ? 86  ILE A C   1 
ATOM   675  O  O   . ILE A 1 86  ? -10.172 0.017   3.894   1.00 9.96   ? 86  ILE A O   1 
ATOM   676  C  CB  . ILE A 1 86  ? -8.357  2.294   4.843   1.00 10.37  ? 86  ILE A CB  1 
ATOM   677  C  CG1 . ILE A 1 86  ? -8.062  3.557   5.658   1.00 11.24  ? 86  ILE A CG1 1 
ATOM   678  C  CG2 . ILE A 1 86  ? -7.259  2.097   3.780   1.00 10.97  ? 86  ILE A CG2 1 
ATOM   679  C  CD1 . ILE A 1 86  ? -6.904  3.402   6.629   1.00 11.82  ? 86  ILE A CD1 1 
ATOM   680  N  N   . GLU A 1 87  ? -9.968  1.238   2.021   1.00 9.89   ? 87  GLU A N   1 
ATOM   681  C  CA  . GLU A 1 87  ? -10.119 0.090   1.122   1.00 11.51  ? 87  GLU A CA  1 
ATOM   682  C  C   . GLU A 1 87  ? -9.072  0.117   0.008   1.00 10.30  ? 87  GLU A C   1 
ATOM   683  O  O   . GLU A 1 87  ? -8.892  1.162   -0.621  1.00 10.81  ? 87  GLU A O   1 
ATOM   684  C  CB  . GLU A 1 87  ? -11.500 0.073   0.451   1.00 11.53  ? 87  GLU A CB  1 
ATOM   685  C  CG  . GLU A 1 87  ? -11.741 -1.230  -0.351  1.00 15.78  ? 87  GLU A CG  1 
ATOM   686  C  CD  . GLU A 1 87  ? -13.056 -1.287  -1.150  1.00 16.04  ? 87  GLU A CD  1 
ATOM   687  O  OE1 . GLU A 1 87  ? -13.907 -0.386  -1.021  1.00 21.44  ? 87  GLU A OE1 1 
ATOM   688  O  OE2 . GLU A 1 87  ? -13.219 -2.263  -1.922  1.00 23.59  ? 87  GLU A OE2 1 
ATOM   689  N  N   . LEU A 1 88  ? -8.426  -1.029  -0.236  1.00 9.89   ? 88  LEU A N   1 
ATOM   690  C  CA  . LEU A 1 88  ? -7.434  -1.199  -1.315  1.00 10.55  ? 88  LEU A CA  1 
ATOM   691  C  C   . LEU A 1 88  ? -8.063  -1.887  -2.503  1.00 9.90   ? 88  LEU A C   1 
ATOM   692  O  O   . LEU A 1 88  ? -8.834  -2.830  -2.329  1.00 9.88   ? 88  LEU A O   1 
ATOM   693  C  CB  . LEU A 1 88  ? -6.271  -2.121  -0.887  1.00 11.72  ? 88  LEU A CB  1 
ATOM   694  C  CG  . LEU A 1 88  ? -5.129  -1.671  0.009   1.00 14.58  ? 88  LEU A CG  1 
ATOM   695  C  CD1 . LEU A 1 88  ? -5.654  -1.335  1.396   1.00 14.57  ? 88  LEU A CD1 1 
ATOM   696  C  CD2 . LEU A 1 88  ? -4.080  -2.770  0.098   1.00 13.11  ? 88  LEU A CD2 1 
ATOM   697  N  N   . ALA A 1 89  ? -7.681  -1.442  -3.705  1.00 8.24   ? 89  ALA A N   1 
ATOM   698  C  CA  . ALA A 1 89  ? -7.948  -2.222  -4.922  1.00 7.89   ? 89  ALA A CA  1 
ATOM   699  C  C   . ALA A 1 89  ? -6.672  -2.180  -5.728  1.00 8.26   ? 89  ALA A C   1 
ATOM   700  O  O   . ALA A 1 89  ? -6.021  -1.128  -5.812  1.00 8.11   ? 89  ALA A O   1 
ATOM   701  C  CB  . ALA A 1 89  ? -9.079  -1.624  -5.710  1.00 9.59   ? 89  ALA A CB  1 
ATOM   702  N  N   . ILE A 1 90  ? -6.315  -3.307  -6.341  1.00 6.92   ? 90  ILE A N   1 
ATOM   703  C  CA  . ILE A 1 90  ? -4.975  -3.445  -6.943  1.00 7.45   ? 90  ILE A CA  1 
ATOM   704  C  C   . ILE A 1 90  ? -5.058  -3.764  -8.437  1.00 8.02   ? 90  ILE A C   1 
ATOM   705  O  O   . ILE A 1 90  ? -5.719  -4.723  -8.845  1.00 7.85   ? 90  ILE A O   1 
ATOM   706  C  CB  . ILE A 1 90  ? -4.200  -4.572  -6.226  1.00 7.88   ? 90  ILE A CB  1 
ATOM   707  C  CG1 . ILE A 1 90  ? -4.084  -4.233  -4.728  1.00 8.91   ? 90  ILE A CG1 1 
ATOM   708  C  CG2 . ILE A 1 90  ? -2.798  -4.734  -6.784  1.00 8.27   ? 90  ILE A CG2 1 
ATOM   709  C  CD1 . ILE A 1 90  ? -3.932  -5.475  -3.807  1.00 10.92  ? 90  ILE A CD1 1 
ATOM   710  N  N   . ILE A 1 91  ? -4.413  -2.907  -9.229  1.00 7.56   ? 91  ILE A N   1 
ATOM   711  C  CA  . ILE A 1 91  ? -4.248  -3.104  -10.681 1.00 7.80   ? 91  ILE A CA  1 
ATOM   712  C  C   . ILE A 1 91  ? -2.801  -3.469  -10.972 1.00 8.08   ? 91  ILE A C   1 
ATOM   713  O  O   . ILE A 1 91  ? -1.941  -3.415  -10.078 1.00 7.84   ? 91  ILE A O   1 
ATOM   714  C  CB  . ILE A 1 91  ? -4.624  -1.844  -11.481 1.00 7.75   ? 91  ILE A CB  1 
ATOM   715  C  CG1 . ILE A 1 91  ? -3.714  -0.662  -11.097 1.00 8.45   ? 91  ILE A CG1 1 
ATOM   716  C  CG2 . ILE A 1 91  ? -6.100  -1.525  -11.292 1.00 8.83   ? 91  ILE A CG2 1 
ATOM   717  C  CD1 . ILE A 1 91  ? -3.911  0.599   -11.985 1.00 8.26   ? 91  ILE A CD1 1 
ATOM   718  N  N   . SER A 1 92  ? -2.548  -3.901  -12.208 1.00 7.53   ? 92  SER A N   1 
ATOM   719  C  CA  . SER A 1 92  ? -1.208  -4.396  -12.561 1.00 7.79   ? 92  SER A CA  1 
ATOM   720  C  C   . SER A 1 92  ? -0.204  -3.267  -12.782 1.00 7.50   ? 92  SER A C   1 
ATOM   721  O  O   . SER A 1 92  ? -0.569  -2.108  -13.018 1.00 8.58   ? 92  SER A O   1 
ATOM   722  C  CB  . SER A 1 92  ? -1.270  -5.226  -13.827 1.00 8.17   ? 92  SER A CB  1 
ATOM   723  O  OG  . SER A 1 92  ? -1.517  -4.360  -14.928 1.00 8.49   ? 92  SER A OG  1 
ATOM   724  N  N   . LYS A 1 93  ? 1.088   -3.600  -12.757 1.00 6.59   ? 93  LYS A N   1 
ATOM   725  C  CA  . LYS A 1 93  ? 2.117   -2.653  -13.138 1.00 7.60   ? 93  LYS A CA  1 
ATOM   726  C  C   . LYS A 1 93  ? 1.903   -2.168  -14.565 1.00 7.07   ? 93  LYS A C   1 
ATOM   727  O  O   . LYS A 1 93  ? 2.017   -0.964  -14.847 1.00 8.08   ? 93  LYS A O   1 
ATOM   728  C  CB  . LYS A 1 93  ? 3.480   -3.333  -13.004 1.00 8.15   ? 93  LYS A CB  1 
ATOM   729  C  CG  . LYS A 1 93  ? 4.636   -2.421  -13.385 1.00 9.31   ? 93  LYS A CG  1 
ATOM   730  C  CD  . LYS A 1 93  ? 5.981   -3.111  -13.141 1.00 11.48  ? 93  LYS A CD  1 
ATOM   731  C  CE  . LYS A 1 93  ? 7.110   -2.355  -13.877 1.00 16.09  ? 93  LYS A CE  1 
ATOM   732  N  NZ  . LYS A 1 93  ? 8.412   -3.070  -13.816 1.00 18.91  ? 93  LYS A NZ  1 
ATOM   733  N  N   . GLY A 1 94  ? 1.580   -3.099  -15.462 1.00 7.34   ? 94  GLY A N   1 
ATOM   734  C  CA  . GLY A 1 94  ? 1.386   -2.737  -16.874 1.00 7.33   ? 94  GLY A CA  1 
ATOM   735  C  C   . GLY A 1 94  ? 0.262   -1.730  -17.041 1.00 7.33   ? 94  GLY A C   1 
ATOM   736  O  O   . GLY A 1 94  ? 0.370   -0.785  -17.842 1.00 8.85   ? 94  GLY A O   1 
ATOM   737  N  N   . ARG A 1 95  ? -0.823  -1.905  -16.281 1.00 7.65   ? 95  ARG A N   1 
ATOM   738  C  CA  . ARG A 1 95  ? -1.915  -0.960  -16.411 1.00 8.52   ? 95  ARG A CA  1 
ATOM   739  C  C   . ARG A 1 95  ? -1.500  0.432   -15.909 1.00 8.09   ? 95  ARG A C   1 
ATOM   740  O  O   . ARG A 1 95  ? -1.905  1.463   -16.498 1.00 8.93   ? 95  ARG A O   1 
ATOM   741  C  CB  . ARG A 1 95  ? -3.159  -1.436  -15.687 1.00 9.22   ? 95  ARG A CB  1 
ATOM   742  C  CG  . ARG A 1 95  ? -4.349  -0.513  -16.028 1.00 9.67   ? 95  ARG A CG  1 
ATOM   743  C  CD  . ARG A 1 95  ? -5.662  -1.077  -15.568 1.00 10.95  ? 95  ARG A CD  1 
ATOM   744  N  NE  . ARG A 1 95  ? -6.121  -2.238  -16.323 1.00 9.43   ? 95  ARG A NE  1 
ATOM   745  C  CZ  . ARG A 1 95  ? -6.791  -2.207  -17.482 1.00 8.03   ? 95  ARG A CZ  1 
ATOM   746  N  NH1 . ARG A 1 95  ? -7.042  -1.052  -18.083 1.00 8.76   ? 95  ARG A NH1 1 
ATOM   747  N  NH2 . ARG A 1 95  ? -7.238  -3.355  -18.002 1.00 8.29   ? 95  ARG A NH2 1 
ATOM   748  N  N   . ALA A 1 96  ? -0.734  0.483   -14.818 1.00 8.03   ? 96  ALA A N   1 
ATOM   749  C  CA  . ALA A 1 96  ? -0.239  1.774   -14.345 1.00 8.50   ? 96  ALA A CA  1 
ATOM   750  C  C   . ALA A 1 96  ? 0.689   2.396   -15.398 1.00 8.44   ? 96  ALA A C   1 
ATOM   751  O  O   . ALA A 1 96  ? 0.673   3.621   -15.611 1.00 8.82   ? 96  ALA A O   1 
ATOM   752  C  CB  . ALA A 1 96  ? 0.485   1.611   -13.043 1.00 7.98   ? 96  ALA A CB  1 
ATOM   753  N  N   . GLU A 1 97  ? 1.489   1.570   -16.079 1.00 8.54   ? 97  GLU A N   1 
ATOM   754  C  CA  . GLU A 1 97  ? 2.354   2.109   -17.144 1.00 8.98   ? 97  GLU A CA  1 
ATOM   755  C  C   . GLU A 1 97  ? 1.517   2.704   -18.265 1.00 9.12   ? 97  GLU A C   1 
ATOM   756  O  O   . GLU A 1 97  ? 1.839   3.782   -18.795 1.00 10.65  ? 97  GLU A O   1 
ATOM   757  C  CB  . GLU A 1 97  ? 3.281   1.027   -17.701 1.00 9.02   ? 97  GLU A CB  1 
ATOM   758  C  CG  . GLU A 1 97  ? 4.347   0.619   -16.710 1.00 9.47   ? 97  GLU A CG  1 
ATOM   759  C  CD  . GLU A 1 97  ? 5.113   -0.634  -17.112 1.00 12.31  ? 97  GLU A CD  1 
ATOM   760  O  OE1 . GLU A 1 97  ? 4.606   -1.424  -17.937 1.00 14.35  ? 97  GLU A OE1 1 
ATOM   761  O  OE2 . GLU A 1 97  ? 6.226   -0.825  -16.587 1.00 13.58  ? 97  GLU A OE2 1 
ATOM   762  N  N   . ASP A 1 98  ? 0.442   2.003   -18.621 1.00 8.52   ? 98  ASP A N   1 
ATOM   763  C  CA  . ASP A 1 98  ? -0.390  2.446   -19.736 1.00 10.36  ? 98  ASP A CA  1 
ATOM   764  C  C   . ASP A 1 98  ? -1.246  3.652   -19.392 1.00 10.80  ? 98  ASP A C   1 
ATOM   765  O  O   . ASP A 1 98  ? -1.421  4.532   -20.252 1.00 12.15  ? 98  ASP A O   1 
ATOM   766  C  CB  . ASP A 1 98  ? -1.270  1.295   -20.230 1.00 10.15  ? 98  ASP A CB  1 
ATOM   767  C  CG  . ASP A 1 98  ? -2.124  1.688   -21.421 1.00 13.55  ? 98  ASP A CG  1 
ATOM   768  O  OD1 . ASP A 1 98  ? -1.543  1.913   -22.492 1.00 17.14  ? 98  ASP A OD1 1 
ATOM   769  O  OD2 . ASP A 1 98  ? -3.360  1.743   -21.258 1.00 18.79  ? 98  ASP A OD2 1 
ATOM   770  N  N   . ASP A 1 99  ? -1.760  3.726   -18.162 1.00 11.28  ? 99  ASP A N   1 
ATOM   771  C  CA  . ASP A 1 99  ? -2.791  4.724   -17.863 1.00 11.60  ? 99  ASP A CA  1 
ATOM   772  C  C   . ASP A 1 99  ? -2.520  5.664   -16.701 1.00 11.82  ? 99  ASP A C   1 
ATOM   773  O  O   . ASP A 1 99  ? -3.327  6.573   -16.466 1.00 13.05  ? 99  ASP A O   1 
ATOM   774  C  CB  . ASP A 1 99  ? -4.149  4.072   -17.668 1.00 13.73  ? 99  ASP A CB  1 
ATOM   775  C  CG  . ASP A 1 99  ? -5.241  4.752   -18.471 1.00 15.25  ? 99  ASP A CG  1 
ATOM   776  O  OD1 . ASP A 1 99  ? -4.979  5.749   -19.207 1.00 17.72  ? 99  ASP A OD1 1 
ATOM   777  O  OD2 . ASP A 1 99  ? -6.368  4.244   -18.381 1.00 17.43  ? 99  ASP A OD2 1 
ATOM   778  N  N   . LEU A 1 100 ? -1.413  5.472   -15.984 1.00 9.61   ? 100 LEU A N   1 
ATOM   779  C  CA  . LEU A 1 100 ? -1.099  6.359   -14.863 1.00 9.48   ? 100 LEU A CA  1 
ATOM   780  C  C   . LEU A 1 100 ? 0.207   7.128   -15.023 1.00 9.33   ? 100 LEU A C   1 
ATOM   781  O  O   . LEU A 1 100 ? 0.363   8.202   -14.439 1.00 8.54   ? 100 LEU A O   1 
ATOM   782  C  CB  . LEU A 1 100 ? -1.051  5.579   -13.543 1.00 9.56   ? 100 LEU A CB  1 
ATOM   783  C  CG  . LEU A 1 100 ? -2.389  5.065   -13.022 1.00 10.38  ? 100 LEU A CG  1 
ATOM   784  C  CD1 . LEU A 1 100 ? -2.169  4.204   -11.791 1.00 11.93  ? 100 LEU A CD1 1 
ATOM   785  C  CD2 . LEU A 1 100 ? -3.340  6.254   -12.729 1.00 12.87  ? 100 LEU A CD2 1 
ATOM   786  N  N   . ARG A 1 101 ? 1.156   6.575   -15.777 1.00 8.97   ? 101 ARG A N   1 
ATOM   787  C  CA  . ARG A 1 101 ? 2.512   7.140   -15.769 1.00 11.27  ? 101 ARG A CA  1 
ATOM   788  C  C   . ARG A 1 101 ? 2.532   8.614   -16.173 1.00 11.73  ? 101 ARG A C   1 
ATOM   789  O  O   . ARG A 1 101 ? 3.084   9.455   -15.460 1.00 12.55  ? 101 ARG A O   1 
ATOM   790  C  CB  . ARG A 1 101 ? 3.462   6.290   -16.625 1.00 11.61  ? 101 ARG A CB  1 
ATOM   791  C  CG  . ARG A 1 101 ? 4.935   6.486   -16.261 1.00 15.50  ? 101 ARG A CG  1 
ATOM   792  C  CD  . ARG A 1 101 ? 5.839   5.976   -17.369 1.00 18.78  ? 101 ARG A CD  1 
ATOM   793  N  NE  . ARG A 1 101 ? 5.725   6.819   -18.549 1.00 23.49  ? 101 ARG A NE  1 
ATOM   794  C  CZ  . ARG A 1 101 ? 6.172   6.506   -19.758 1.00 28.34  ? 101 ARG A CZ  1 
ATOM   795  N  NH1 . ARG A 1 101 ? 6.752   5.323   -19.972 1.00 29.40  ? 101 ARG A NH1 1 
ATOM   796  N  NH2 . ARG A 1 101 ? 6.022   7.378   -20.757 1.00 29.30  ? 101 ARG A NH2 1 
ATOM   797  N  N   . GLN A 1 102 ? 1.902   8.933   -17.292 1.00 11.92  ? 102 GLN A N   1 
ATOM   798  C  CA  . GLN A 1 102 ? 1.937   10.312  -17.796 1.00 12.35  ? 102 GLN A CA  1 
ATOM   799  C  C   . GLN A 1 102 ? 1.069   11.229  -16.943 1.00 11.92  ? 102 GLN A C   1 
ATOM   800  O  O   . GLN A 1 102 ? 1.441   12.366  -16.662 1.00 10.90  ? 102 GLN A O   1 
ATOM   801  C  CB  . GLN A 1 102 ? 1.548   10.362  -19.268 1.00 14.05  ? 102 GLN A CB  1 
ATOM   802  C  CG  . GLN A 1 102 ? 2.602   9.747   -20.205 1.00 16.03  ? 102 GLN A CG  1 
ATOM   803  C  CD  . GLN A 1 102 ? 3.733   10.711  -20.565 1.00 18.21  ? 102 GLN A CD  1 
ATOM   804  O  OE1 . GLN A 1 102 ? 3.981   10.979  -21.740 1.00 21.25  ? 102 GLN A OE1 1 
ATOM   805  N  NE2 . GLN A 1 102 ? 4.432   11.223  -19.551 1.00 18.65  ? 102 GLN A NE2 1 
ATOM   806  N  N   . ARG A 1 103 ? -0.078  10.716  -16.522 1.00 10.63  ? 103 ARG A N   1 
ATOM   807  C  CA  . ARG A 1 103 ? -0.983  11.429  -15.641 1.00 10.77  ? 103 ARG A CA  1 
ATOM   808  C  C   . ARG A 1 103 ? -0.281  11.904  -14.340 1.00 9.88   ? 103 ARG A C   1 
ATOM   809  O  O   . ARG A 1 103 ? -0.513  13.012  -13.841 1.00 9.67   ? 103 ARG A O   1 
ATOM   810  C  CB  . ARG A 1 103 ? -2.133  10.484  -15.317 1.00 12.61  ? 103 ARG A CB  1 
ATOM   811  C  CG  . ARG A 1 103 ? -3.192  11.113  -14.522 1.00 13.44  ? 103 ARG A CG  1 
ATOM   812  C  CD  . ARG A 1 103 ? -4.234  10.072  -14.173 1.00 13.27  ? 103 ARG A CD  1 
ATOM   813  N  NE  . ARG A 1 103 ? -5.409  10.795  -13.727 1.00 14.30  ? 103 ARG A NE  1 
ATOM   814  C  CZ  . ARG A 1 103 ? -6.661  10.361  -13.828 1.00 15.23  ? 103 ARG A CZ  1 
ATOM   815  N  NH1 . ARG A 1 103 ? -6.938  9.168   -14.368 1.00 14.09  ? 103 ARG A NH1 1 
ATOM   816  N  NH2 . ARG A 1 103 ? -7.637  11.140  -13.374 1.00 13.08  ? 103 ARG A NH2 1 
ATOM   817  N  N   . LEU A 1 104 ? 0.604   11.061  -13.829 1.00 9.00   ? 104 LEU A N   1 
ATOM   818  C  CA  . LEU A 1 104 ? 1.307   11.307  -12.580 1.00 8.48   ? 104 LEU A CA  1 
ATOM   819  C  C   . LEU A 1 104 ? 2.690   11.895  -12.796 1.00 9.04   ? 104 LEU A C   1 
ATOM   820  O  O   . LEU A 1 104 ? 3.418   12.093  -11.820 1.00 9.67   ? 104 LEU A O   1 
ATOM   821  C  CB  . LEU A 1 104 ? 1.459   9.987   -11.800 1.00 8.67   ? 104 LEU A CB  1 
ATOM   822  C  CG  . LEU A 1 104 ? 0.145   9.327   -11.362 1.00 8.64   ? 104 LEU A CG  1 
ATOM   823  C  CD1 . LEU A 1 104 ? 0.397   7.910   -10.842 1.00 8.71   ? 104 LEU A CD1 1 
ATOM   824  C  CD2 . LEU A 1 104 ? -0.623  10.158  -10.310 1.00 9.42   ? 104 LEU A CD2 1 
ATOM   825  N  N   . ALA A 1 105 ? 3.056   12.146  -14.059 1.00 8.98   ? 105 ALA A N   1 
ATOM   826  C  CA  . ALA A 1 105 ? 4.395   12.669  -14.401 1.00 9.90   ? 105 ALA A CA  1 
ATOM   827  C  C   . ALA A 1 105 ? 5.517   11.807  -13.804 1.00 10.36  ? 105 ALA A C   1 
ATOM   828  O  O   . ALA A 1 105 ? 6.486   12.323  -13.223 1.00 11.23  ? 105 ALA A O   1 
ATOM   829  C  CB  . ALA A 1 105 ? 4.541   14.139  -13.968 1.00 10.30  ? 105 ALA A CB  1 
ATOM   830  N  N   . LEU A 1 106 ? 5.378   10.496  -13.986 1.00 11.17  ? 106 LEU A N   1 
ATOM   831  C  CA  . LEU A 1 106 ? 6.420   9.546   -13.572 1.00 11.28  ? 106 LEU A CA  1 
ATOM   832  C  C   . LEU A 1 106 ? 7.269   9.121   -14.761 1.00 12.41  ? 106 LEU A C   1 
ATOM   833  O  O   . LEU A 1 106 ? 6.760   9.002   -15.860 1.00 13.37  ? 106 LEU A O   1 
ATOM   834  C  CB  . LEU A 1 106 ? 5.776   8.325   -12.910 1.00 10.52  ? 106 LEU A CB  1 
ATOM   835  C  CG  . LEU A 1 106 ? 5.141   8.629   -11.556 1.00 10.71  ? 106 LEU A CG  1 
ATOM   836  C  CD1 . LEU A 1 106 ? 4.238   7.480   -11.143 1.00 10.76  ? 106 LEU A CD1 1 
ATOM   837  C  CD2 . LEU A 1 106 ? 6.198   8.892   -10.480 1.00 12.05  ? 106 LEU A CD2 1 
ATOM   838  N  N   . GLU A 1 107 ? 8.564   8.909   -14.534 1.00 13.91  ? 107 GLU A N   1 
ATOM   839  C  CA  . GLU A 1 107 ? 9.467   8.420   -15.583 1.00 15.65  ? 107 GLU A CA  1 
ATOM   840  C  C   . GLU A 1 107 ? 9.208   6.939   -15.891 1.00 15.30  ? 107 GLU A C   1 
ATOM   841  O  O   . GLU A 1 107 ? 9.359   6.497   -17.028 1.00 16.41  ? 107 GLU A O   1 
ATOM   842  C  CB  . GLU A 1 107 ? 10.936  8.601   -15.172 1.00 15.66  ? 107 GLU A CB  1 
ATOM   843  C  CG  . GLU A 1 107 ? 11.426  10.046  -15.090 1.00 17.53  ? 107 GLU A CG  1 
ATOM   844  C  CD  . GLU A 1 107 ? 12.940  10.135  -14.921 1.00 18.41  ? 107 GLU A CD  1 
ATOM   845  O  OE1 . GLU A 1 107 ? 13.416  11.060  -14.224 1.00 22.70  ? 107 GLU A OE1 1 
ATOM   846  O  OE2 . GLU A 1 107 ? 13.658  9.278   -15.489 1.00 22.64  ? 107 GLU A OE2 1 
ATOM   847  N  N   . ARG A 1 108 ? 8.832   6.193   -14.855 1.00 14.26  ? 108 ARG A N   1 
ATOM   848  C  CA  . ARG A 1 108 ? 8.569   4.753   -14.907 1.00 13.67  ? 108 ARG A CA  1 
ATOM   849  C  C   . ARG A 1 108 ? 7.667   4.427   -13.720 1.00 12.09  ? 108 ARG A C   1 
ATOM   850  O  O   . ARG A 1 108 ? 7.459   5.267   -12.838 1.00 11.26  ? 108 ARG A O   1 
ATOM   851  C  CB  . ARG A 1 108 ? 9.883   3.975   -14.783 1.00 14.41  ? 108 ARG A CB  1 
ATOM   852  C  CG  . ARG A 1 108 ? 10.578  4.204   -13.457 1.00 17.45  ? 108 ARG A CG  1 
ATOM   853  C  CD  . ARG A 1 108 ? 11.912  3.475   -13.387 1.00 22.54  ? 108 ARG A CD  1 
ATOM   854  N  NE  . ARG A 1 108 ? 11.771  2.182   -12.719 1.00 27.59  ? 108 ARG A NE  1 
ATOM   855  C  CZ  . ARG A 1 108 ? 11.957  1.983   -11.413 1.00 29.21  ? 108 ARG A CZ  1 
ATOM   856  N  NH1 . ARG A 1 108 ? 11.801  0.769   -10.907 1.00 30.96  ? 108 ARG A NH1 1 
ATOM   857  N  NH2 . ARG A 1 108 ? 12.301  2.989   -10.614 1.00 29.73  ? 108 ARG A NH2 1 
ATOM   858  N  N   . ILE A 1 109 ? 7.125   3.208   -13.690 1.00 10.53  ? 109 ILE A N   1 
ATOM   859  C  CA  . ILE A 1 109 ? 6.317   2.772   -12.557 1.00 10.04  ? 109 ILE A CA  1 
ATOM   860  C  C   . ILE A 1 109 ? 7.119   1.840   -11.661 1.00 10.07  ? 109 ILE A C   1 
ATOM   861  O  O   . ILE A 1 109 ? 7.397   0.702   -12.032 1.00 12.66  ? 109 ILE A O   1 
ATOM   862  C  CB  . ILE A 1 109 ? 5.023   2.051   -13.004 1.00 10.20  ? 109 ILE A CB  1 
ATOM   863  C  CG1 . ILE A 1 109 ? 4.168   2.973   -13.892 1.00 9.91   ? 109 ILE A CG1 1 
ATOM   864  C  CG2 . ILE A 1 109 ? 4.250   1.582   -11.780 1.00 10.01  ? 109 ILE A CG2 1 
ATOM   865  C  CD1 . ILE A 1 109 ? 3.563   4.230   -13.167 1.00 11.27  ? 109 ILE A CD1 1 
ATOM   866  N  N   . ALA A 1 110 ? 7.484   2.333   -10.482 1.00 9.48   ? 110 ALA A N   1 
ATOM   867  C  CA  . ALA A 1 110 ? 8.105   1.515   -9.444  1.00 8.77   ? 110 ALA A CA  1 
ATOM   868  C  C   . ALA A 1 110 ? 6.970   1.048   -8.551  1.00 9.76   ? 110 ALA A C   1 
ATOM   869  O  O   . ALA A 1 110 ? 6.109   1.848   -8.160  1.00 11.25  ? 110 ALA A O   1 
ATOM   870  C  CB  . ALA A 1 110 ? 9.112   2.349   -8.653  1.00 8.97   ? 110 ALA A CB  1 
ATOM   871  N  N   . ILE A 1 111 ? 6.950   -0.246  -8.261  1.00 8.92   ? 111 ILE A N   1 
ATOM   872  C  CA  . ILE A 1 111 ? 5.836   -0.814  -7.510  1.00 8.32   ? 111 ILE A CA  1 
ATOM   873  C  C   . ILE A 1 111 ? 6.266   -1.221  -6.090  1.00 8.09   ? 111 ILE A C   1 
ATOM   874  O  O   . ILE A 1 111 ? 7.437   -1.573  -5.875  1.00 8.61   ? 111 ILE A O   1 
ATOM   875  C  CB  . ILE A 1 111 ? 5.164   -2.005  -8.260  1.00 8.44   ? 111 ILE A CB  1 
ATOM   876  C  CG1 . ILE A 1 111 ? 6.212   -3.048  -8.652  1.00 9.12   ? 111 ILE A CG1 1 
ATOM   877  C  CG2 . ILE A 1 111 ? 4.359   -1.487  -9.478  1.00 9.89   ? 111 ILE A CG2 1 
ATOM   878  C  CD1 . ILE A 1 111 ? 5.626   -4.334  -9.158  1.00 9.60   ? 111 ILE A CD1 1 
ATOM   879  N  N   . PRO A 1 112 ? 5.332   -1.184  -5.123  1.00 7.89   ? 112 PRO A N   1 
ATOM   880  C  CA  . PRO A 1 112 ? 3.930   -0.776  -5.290  1.00 7.95   ? 112 PRO A CA  1 
ATOM   881  C  C   . PRO A 1 112 ? 3.794   0.731   -5.401  1.00 7.51   ? 112 PRO A C   1 
ATOM   882  O  O   . PRO A 1 112 ? 4.483   1.474   -4.690  1.00 8.12   ? 112 PRO A O   1 
ATOM   883  C  CB  . PRO A 1 112 ? 3.286   -1.229  -3.980  1.00 8.19   ? 112 PRO A CB  1 
ATOM   884  C  CG  . PRO A 1 112 ? 4.385   -1.193  -2.984  1.00 7.74   ? 112 PRO A CG  1 
ATOM   885  C  CD  . PRO A 1 112 ? 5.615   -1.616  -3.740  1.00 8.70   ? 112 PRO A CD  1 
ATOM   886  N  N   . LEU A 1 113 ? 2.910   1.164   -6.291  1.00 7.75   ? 113 LEU A N   1 
ATOM   887  C  CA  . LEU A 1 113 ? 2.512   2.554   -6.374  1.00 8.17   ? 113 LEU A CA  1 
ATOM   888  C  C   . LEU A 1 113 ? 1.142   2.644   -5.714  1.00 8.46   ? 113 LEU A C   1 
ATOM   889  O  O   . LEU A 1 113 ? 0.201   1.989   -6.166  1.00 9.08   ? 113 LEU A O   1 
ATOM   890  C  CB  . LEU A 1 113 ? 2.438   2.986   -7.847  1.00 8.51   ? 113 LEU A CB  1 
ATOM   891  C  CG  . LEU A 1 113 ? 1.802   4.351   -8.137  1.00 10.05  ? 113 LEU A CG  1 
ATOM   892  C  CD1 . LEU A 1 113 ? 2.636   5.465   -7.502  1.00 9.70   ? 113 LEU A CD1 1 
ATOM   893  C  CD2 . LEU A 1 113 ? 1.651   4.580   -9.654  1.00 11.53  ? 113 LEU A CD2 1 
ATOM   894  N  N   . VAL A 1 114 ? 1.043   3.436   -4.647  1.00 8.06   ? 114 VAL A N   1 
ATOM   895  C  CA  . VAL A 1 114 ? -0.180  3.533   -3.886  1.00 7.93   ? 114 VAL A CA  1 
ATOM   896  C  C   . VAL A 1 114 ? -0.700  4.966   -3.970  1.00 8.26   ? 114 VAL A C   1 
ATOM   897  O  O   . VAL A 1 114 ? -0.067  5.893   -3.466  1.00 8.65   ? 114 VAL A O   1 
ATOM   898  C  CB  . VAL A 1 114 ? 0.038   3.145   -2.405  1.00 8.90   ? 114 VAL A CB  1 
ATOM   899  C  CG1 . VAL A 1 114 ? -1.258  3.246   -1.633  1.00 9.28   ? 114 VAL A CG1 1 
ATOM   900  C  CG2 . VAL A 1 114 ? 0.601   1.709   -2.289  1.00 8.27   ? 114 VAL A CG2 1 
ATOM   901  N  N   . LEU A 1 115 ? -1.856  5.126   -4.605  1.00 7.86   ? 115 LEU A N   1 
ATOM   902  C  CA  . LEU A 1 115 ? -2.495  6.438   -4.698  1.00 7.72   ? 115 LEU A CA  1 
ATOM   903  C  C   . LEU A 1 115 ? -3.575  6.535   -3.632  1.00 7.63   ? 115 LEU A C   1 
ATOM   904  O  O   . LEU A 1 115 ? -4.469  5.690   -3.576  1.00 7.94   ? 115 LEU A O   1 
ATOM   905  C  CB  . LEU A 1 115 ? -3.086  6.627   -6.099  1.00 7.85   ? 115 LEU A CB  1 
ATOM   906  C  CG  . LEU A 1 115 ? -2.096  6.455   -7.264  1.00 8.90   ? 115 LEU A CG  1 
ATOM   907  C  CD1 . LEU A 1 115 ? -2.851  6.702   -8.572  1.00 9.69   ? 115 LEU A CD1 1 
ATOM   908  C  CD2 . LEU A 1 115 ? -0.914  7.415   -7.146  1.00 10.37  ? 115 LEU A CD2 1 
ATOM   909  N  N   . VAL A 1 116 ? -3.475  7.547   -2.771  1.00 7.83   ? 116 VAL A N   1 
ATOM   910  C  CA  . VAL A 1 116 ? -4.423  7.732   -1.681  1.00 8.76   ? 116 VAL A CA  1 
ATOM   911  C  C   . VAL A 1 116 ? -5.501  8.685   -2.155  1.00 9.21   ? 116 VAL A C   1 
ATOM   912  O  O   . VAL A 1 116 ? -5.209  9.844   -2.492  1.00 9.32   ? 116 VAL A O   1 
ATOM   913  C  CB  . VAL A 1 116 ? -3.727  8.292   -0.419  1.00 9.08   ? 116 VAL A CB  1 
ATOM   914  C  CG1 . VAL A 1 116 ? -4.725  8.451   0.720   1.00 10.89  ? 116 VAL A CG1 1 
ATOM   915  C  CG2 . VAL A 1 116 ? -2.569  7.379   -0.020  1.00 11.01  ? 116 VAL A CG2 1 
ATOM   916  N  N   . LEU A 1 117 ? -6.731  8.189   -2.208  1.00 8.81   ? 117 LEU A N   1 
ATOM   917  C  CA  . LEU A 1 117 ? -7.865  8.944   -2.742  1.00 9.67   ? 117 LEU A CA  1 
ATOM   918  C  C   . LEU A 1 117 ? -8.914  9.137   -1.653  1.00 9.95   ? 117 LEU A C   1 
ATOM   919  O  O   . LEU A 1 117 ? -9.080  8.274   -0.785  1.00 9.70   ? 117 LEU A O   1 
ATOM   920  C  CB  . LEU A 1 117 ? -8.492  8.211   -3.928  1.00 9.91   ? 117 LEU A CB  1 
ATOM   921  C  CG  . LEU A 1 117 ? -7.612  7.853   -5.127  1.00 12.41  ? 117 LEU A CG  1 
ATOM   922  C  CD1 . LEU A 1 117 ? -8.250  6.732   -5.922  1.00 14.55  ? 117 LEU A CD1 1 
ATOM   923  C  CD2 . LEU A 1 117 ? -7.460  9.044   -6.034  1.00 15.17  ? 117 LEU A CD2 1 
ATOM   924  N  N   . ASP A 1 118 ? -9.617  10.266  -1.691  1.00 10.48  ? 118 ASP A N   1 
ATOM   925  C  CA  . ASP A 1 118 ? -10.723 10.472  -0.765  1.00 11.63  ? 118 ASP A CA  1 
ATOM   926  C  C   . ASP A 1 118 ? -12.024 9.876   -1.321  1.00 13.02  ? 118 ASP A C   1 
ATOM   927  O  O   . ASP A 1 118 ? -12.006 9.202   -2.358  1.00 13.12  ? 118 ASP A O   1 
ATOM   928  C  CB  . ASP A 1 118 ? -10.853 11.954  -0.379  1.00 11.13  ? 118 ASP A CB  1 
ATOM   929  C  CG  . ASP A 1 118 ? -11.384 12.835  -1.506  1.00 11.38  ? 118 ASP A CG  1 
ATOM   930  O  OD1 . ASP A 1 118 ? -11.804 12.312  -2.558  1.00 11.37  ? 118 ASP A OD1 1 
ATOM   931  O  OD2 . ASP A 1 118 ? -11.387 14.073  -1.309  1.00 12.76  ? 118 ASP A OD2 1 
ATOM   932  N  N   . GLU A 1 119 ? -13.147 10.099  -0.641  1.00 15.11  ? 119 GLU A N   1 
ATOM   933  C  CA  . GLU A 1 119 ? -14.399 9.500   -1.090  1.00 17.98  ? 119 GLU A CA  1 
ATOM   934  C  C   . GLU A 1 119 ? -14.890 10.045  -2.443  1.00 17.93  ? 119 GLU A C   1 
ATOM   935  O  O   . GLU A 1 119 ? -15.633 9.360   -3.142  1.00 19.43  ? 119 GLU A O   1 
ATOM   936  C  CB  . GLU A 1 119 ? -15.491 9.575   -0.016  1.00 17.75  ? 119 GLU A CB  1 
ATOM   937  C  CG  . GLU A 1 119 ? -16.463 8.387   -0.103  1.00 20.15  ? 119 GLU A CG  1 
ATOM   938  C  CD  . GLU A 1 119 ? -17.558 8.408   0.955   1.00 20.55  ? 119 GLU A CD  1 
ATOM   939  O  OE1 . GLU A 1 119 ? -17.591 9.344   1.784   1.00 24.06  ? 119 GLU A OE1 1 
ATOM   940  O  OE2 . GLU A 1 119 ? -18.391 7.474   0.952   1.00 25.25  ? 119 GLU A OE2 1 
ATOM   941  N  N   . GLU A 1 120 ? -14.445 11.243  -2.822  1.00 18.30  ? 120 GLU A N   1 
ATOM   942  C  CA  . GLU A 1 120 ? -14.770 11.824  -4.137  1.00 18.04  ? 120 GLU A CA  1 
ATOM   943  C  C   . GLU A 1 120 ? -13.730 11.472  -5.213  1.00 17.10  ? 120 GLU A C   1 
ATOM   944  O  O   . GLU A 1 120 ? -13.748 12.044  -6.315  1.00 16.93  ? 120 GLU A O   1 
ATOM   945  C  CB  . GLU A 1 120 ? -14.913 13.350  -4.046  1.00 18.80  ? 120 GLU A CB  1 
ATOM   946  C  CG  . GLU A 1 120 ? -15.607 13.862  -2.792  1.00 22.57  ? 120 GLU A CG  1 
ATOM   947  C  CD  . GLU A 1 120 ? -17.084 13.525  -2.742  1.00 26.71  ? 120 GLU A CD  1 
ATOM   948  O  OE1 . GLU A 1 120 ? -17.861 14.391  -2.285  1.00 29.02  ? 120 GLU A OE1 1 
ATOM   949  O  OE2 . GLU A 1 120 ? -17.470 12.402  -3.151  1.00 29.25  ? 120 GLU A OE2 1 
ATOM   950  N  N   . PHE A 1 121 ? -12.822 10.553  -4.885  1.00 15.44  ? 121 PHE A N   1 
ATOM   951  C  CA  . PHE A 1 121 ? -11.710 10.180  -5.773  1.00 14.97  ? 121 PHE A CA  1 
ATOM   952  C  C   . PHE A 1 121 ? -10.756 11.334  -6.090  1.00 14.09  ? 121 PHE A C   1 
ATOM   953  O  O   . PHE A 1 121 ? -10.129 11.341  -7.145  1.00 13.96  ? 121 PHE A O   1 
ATOM   954  C  CB  . PHE A 1 121 ? -12.208 9.520   -7.067  1.00 15.57  ? 121 PHE A CB  1 
ATOM   955  C  CG  . PHE A 1 121 ? -12.841 8.194   -6.846  1.00 16.72  ? 121 PHE A CG  1 
ATOM   956  C  CD1 . PHE A 1 121 ? -12.060 7.052   -6.732  1.00 17.47  ? 121 PHE A CD1 1 
ATOM   957  C  CD2 . PHE A 1 121 ? -14.225 8.086   -6.723  1.00 18.99  ? 121 PHE A CD2 1 
ATOM   958  C  CE1 . PHE A 1 121 ? -12.643 5.818   -6.519  1.00 18.09  ? 121 PHE A CE1 1 
ATOM   959  C  CE2 . PHE A 1 121 ? -14.821 6.852   -6.510  1.00 20.01  ? 121 PHE A CE2 1 
ATOM   960  C  CZ  . PHE A 1 121 ? -14.031 5.717   -6.409  1.00 17.72  ? 121 PHE A CZ  1 
ATOM   961  N  N   . ASN A 1 122 ? -10.655 12.307  -5.183  1.00 12.74  ? 122 ASN A N   1 
ATOM   962  C  CA  . ASN A 1 122 ? -9.592  13.304  -5.262  1.00 11.98  ? 122 ASN A CA  1 
ATOM   963  C  C   . ASN A 1 122 ? -8.304  12.645  -4.813  1.00 11.22  ? 122 ASN A C   1 
ATOM   964  O  O   . ASN A 1 122 ? -8.296  11.915  -3.821  1.00 11.09  ? 122 ASN A O   1 
ATOM   965  C  CB  . ASN A 1 122 ? -9.850  14.517  -4.355  1.00 12.03  ? 122 ASN A CB  1 
ATOM   966  C  CG  . ASN A 1 122 ? -11.142 15.230  -4.672  1.00 13.96  ? 122 ASN A CG  1 
ATOM   967  O  OD1 . ASN A 1 122 ? -11.959 15.448  -3.781  1.00 16.99  ? 122 ASN A OD1 1 
ATOM   968  N  ND2 . ASN A 1 122 ? -11.325 15.622  -5.923  1.00 15.30  ? 122 ASN A ND2 1 
ATOM   969  N  N   . LEU A 1 123 ? -7.228  12.893  -5.554  1.00 9.74   ? 123 LEU A N   1 
ATOM   970  C  CA  . LEU A 1 123 ? -5.913  12.362  -5.229  1.00 9.40   ? 123 LEU A CA  1 
ATOM   971  C  C   . LEU A 1 123 ? -5.250  13.188  -4.130  1.00 9.17   ? 123 LEU A C   1 
ATOM   972  O  O   . LEU A 1 123 ? -4.966  14.386  -4.312  1.00 9.14   ? 123 LEU A O   1 
ATOM   973  C  CB  . LEU A 1 123 ? -5.038  12.350  -6.483  1.00 9.20   ? 123 LEU A CB  1 
ATOM   974  C  CG  . LEU A 1 123 ? -3.597  11.864  -6.341  1.00 10.44  ? 123 LEU A CG  1 
ATOM   975  C  CD1 . LEU A 1 123 ? -3.560  10.419  -5.890  1.00 10.70  ? 123 LEU A CD1 1 
ATOM   976  C  CD2 . LEU A 1 123 ? -2.866  12.023  -7.670  1.00 10.76  ? 123 LEU A CD2 1 
ATOM   977  N  N   . LEU A 1 124 ? -5.002  12.554  -2.991  1.00 8.57   ? 124 LEU A N   1 
ATOM   978  C  CA  . LEU A 1 124 ? -4.449  13.245  -1.831  1.00 8.48   ? 124 LEU A CA  1 
ATOM   979  C  C   . LEU A 1 124 ? -2.936  13.127  -1.734  1.00 8.64   ? 124 LEU A C   1 
ATOM   980  O  O   . LEU A 1 124 ? -2.277  13.997  -1.148  1.00 9.23   ? 124 LEU A O   1 
ATOM   981  C  CB  . LEU A 1 124 ? -5.088  12.704  -0.543  1.00 8.79   ? 124 LEU A CB  1 
ATOM   982  C  CG  . LEU A 1 124 ? -6.622  12.669  -0.475  1.00 10.14  ? 124 LEU A CG  1 
ATOM   983  C  CD1 . LEU A 1 124 ? -7.085  12.125  0.873   1.00 12.19  ? 124 LEU A CD1 1 
ATOM   984  C  CD2 . LEU A 1 124 ? -7.234  14.034  -0.728  1.00 11.55  ? 124 LEU A CD2 1 
ATOM   985  N  N   . GLY A 1 125 ? -2.387  12.034  -2.273  1.00 8.19   ? 125 GLY A N   1 
ATOM   986  C  CA  . GLY A 1 125 ? -0.954  11.819  -2.232  1.00 8.79   ? 125 GLY A CA  1 
ATOM   987  C  C   . GLY A 1 125 ? -0.605  10.413  -2.654  1.00 8.95   ? 125 GLY A C   1 
ATOM   988  O  O   . GLY A 1 125 ? -1.485  9.651   -3.068  1.00 8.63   ? 125 GLY A O   1 
ATOM   989  N  N   . ARG A 1 126 ? 0.683   10.093  -2.549  1.00 9.58   ? 126 ARG A N   1 
ATOM   990  C  CA  . ARG A 1 126 ? 1.217   8.827   -3.033  1.00 10.09  ? 126 ARG A CA  1 
ATOM   991  C  C   . ARG A 1 126 ? 2.212   8.224   -2.068  1.00 10.00  ? 126 ARG A C   1 
ATOM   992  O  O   . ARG A 1 126 ? 3.005   8.945   -1.429  1.00 9.21   ? 126 ARG A O   1 
ATOM   993  C  CB  . ARG A 1 126 ? 1.998   9.029   -4.335  1.00 11.59  ? 126 ARG A CB  1 
ATOM   994  C  CG  . ARG A 1 126 ? 1.386   9.899   -5.360  1.00 13.98  ? 126 ARG A CG  1 
ATOM   995  C  CD  . ARG A 1 126 ? 2.479   10.316  -6.315  1.00 13.97  ? 126 ARG A CD  1 
ATOM   996  N  NE  . ARG A 1 126 ? 1.961   11.242  -7.304  1.00 14.51  ? 126 ARG A NE  1 
ATOM   997  C  CZ  . ARG A 1 126 ? 2.588   11.544  -8.435  1.00 15.30  ? 126 ARG A CZ  1 
ATOM   998  N  NH1 . ARG A 1 126 ? 3.756   10.987  -8.720  1.00 15.59  ? 126 ARG A NH1 1 
ATOM   999  N  NH2 . ARG A 1 126 ? 2.032   12.393  -9.278  1.00 15.78  ? 126 ARG A NH2 1 
ATOM   1000 N  N   . PHE A 1 127 ? 2.204   6.892   -2.043  1.00 8.91   ? 127 PHE A N   1 
ATOM   1001 C  CA  . PHE A 1 127 ? 3.267   6.082   -1.434  1.00 8.94   ? 127 PHE A CA  1 
ATOM   1002 C  C   . PHE A 1 127 ? 3.939   5.353   -2.601  1.00 9.19   ? 127 PHE A C   1 
ATOM   1003 O  O   . PHE A 1 127 ? 3.247   4.777   -3.446  1.00 9.33   ? 127 PHE A O   1 
ATOM   1004 C  CB  . PHE A 1 127 ? 2.660   5.110   -0.423  1.00 9.20   ? 127 PHE A CB  1 
ATOM   1005 C  CG  . PHE A 1 127 ? 3.630   4.097   0.146   1.00 8.87   ? 127 PHE A CG  1 
ATOM   1006 C  CD1 . PHE A 1 127 ? 4.150   4.249   1.439   1.00 8.32   ? 127 PHE A CD1 1 
ATOM   1007 C  CD2 . PHE A 1 127 ? 4.001   2.976   -0.596  1.00 9.68   ? 127 PHE A CD2 1 
ATOM   1008 C  CE1 . PHE A 1 127 ? 5.026   3.292   1.968   1.00 8.70   ? 127 PHE A CE1 1 
ATOM   1009 C  CE2 . PHE A 1 127 ? 4.863   2.011   -0.071  1.00 8.31   ? 127 PHE A CE2 1 
ATOM   1010 C  CZ  . PHE A 1 127 ? 5.385   2.172   1.210   1.00 9.18   ? 127 PHE A CZ  1 
ATOM   1011 N  N   . VAL A 1 128 ? 5.266   5.388   -2.680  1.00 9.06   ? 128 VAL A N   1 
ATOM   1012 C  CA  . VAL A 1 128 ? 5.946   4.838   -3.850  1.00 9.13   ? 128 VAL A CA  1 
ATOM   1013 C  C   . VAL A 1 128 ? 7.061   3.885   -3.434  1.00 8.82   ? 128 VAL A C   1 
ATOM   1014 O  O   . VAL A 1 128 ? 8.091   4.322   -2.881  1.00 8.59   ? 128 VAL A O   1 
ATOM   1015 C  CB  . VAL A 1 128 ? 6.544   5.938   -4.781  1.00 9.29   ? 128 VAL A CB  1 
ATOM   1016 C  CG1 . VAL A 1 128 ? 7.097   5.293   -6.051  1.00 10.73  ? 128 VAL A CG1 1 
ATOM   1017 C  CG2 . VAL A 1 128 ? 5.510   7.021   -5.120  1.00 9.64   ? 128 VAL A CG2 1 
ATOM   1018 N  N   . GLU A 1 129 ? 6.824   2.595   -3.694  1.00 8.76   ? 129 GLU A N   1 
ATOM   1019 C  CA  . GLU A 1 129 ? 7.802   1.519   -3.517  1.00 9.07   ? 129 GLU A CA  1 
ATOM   1020 C  C   . GLU A 1 129 ? 8.130   1.117   -2.072  1.00 8.38   ? 129 GLU A C   1 
ATOM   1021 O  O   . GLU A 1 129 ? 7.942   -0.048  -1.702  1.00 8.32   ? 129 GLU A O   1 
ATOM   1022 C  CB  . GLU A 1 129 ? 9.087   1.784   -4.317  1.00 9.04   ? 129 GLU A CB  1 
ATOM   1023 C  CG  . GLU A 1 129 ? 9.900   0.520   -4.591  1.00 10.50  ? 129 GLU A CG  1 
ATOM   1024 C  CD  . GLU A 1 129 ? 11.046  0.731   -5.572  1.00 11.33  ? 129 GLU A CD  1 
ATOM   1025 O  OE1 . GLU A 1 129 ? 11.731  1.764   -5.478  1.00 14.72  ? 129 GLU A OE1 1 
ATOM   1026 O  OE2 . GLU A 1 129 ? 11.261  -0.142  -6.436  1.00 13.91  ? 129 GLU A OE2 1 
ATOM   1027 N  N   . ARG A 1 130 ? 8.633   2.067   -1.277  1.00 8.29   ? 130 ARG A N   1 
ATOM   1028 C  CA  . ARG A 1 130 ? 9.095   1.781   0.073   1.00 8.59   ? 130 ARG A CA  1 
ATOM   1029 C  C   . ARG A 1 130 ? 8.751   2.945   0.994   1.00 8.01   ? 130 ARG A C   1 
ATOM   1030 O  O   . ARG A 1 130 ? 8.623   4.071   0.512   1.00 7.90   ? 130 ARG A O   1 
ATOM   1031 C  CB  . ARG A 1 130 ? 10.611  1.560   0.074   1.00 9.66   ? 130 ARG A CB  1 
ATOM   1032 C  CG  . ARG A 1 130 ? 10.980  0.312   -0.664  1.00 12.05  ? 130 ARG A CG  1 
ATOM   1033 C  CD  . ARG A 1 130 ? 12.476  0.149   -0.813  1.00 13.56  ? 130 ARG A CD  1 
ATOM   1034 N  NE  . ARG A 1 130 ? 12.703  -0.941  -1.751  1.00 14.95  ? 130 ARG A NE  1 
ATOM   1035 C  CZ  . ARG A 1 130 ? 13.631  -0.968  -2.702  1.00 17.16  ? 130 ARG A CZ  1 
ATOM   1036 N  NH1 . ARG A 1 130 ? 14.484  0.045   -2.856  1.00 16.94  ? 130 ARG A NH1 1 
ATOM   1037 N  NH2 . ARG A 1 130 ? 13.699  -2.022  -3.508  1.00 18.05  ? 130 ARG A NH2 1 
ATOM   1038 N  N   . PRO A 1 131 ? 8.592   2.676   2.311   1.00 7.33   ? 131 PRO A N   1 
ATOM   1039 C  CA  . PRO A 1 131 ? 8.330   3.779   3.243   1.00 6.63   ? 131 PRO A CA  1 
ATOM   1040 C  C   . PRO A 1 131 ? 9.459   4.800   3.285   1.00 6.46   ? 131 PRO A C   1 
ATOM   1041 O  O   . PRO A 1 131 ? 10.617  4.472   3.016   1.00 7.39   ? 131 PRO A O   1 
ATOM   1042 C  CB  . PRO A 1 131 ? 8.158   3.090   4.608   1.00 6.93   ? 131 PRO A CB  1 
ATOM   1043 C  CG  . PRO A 1 131 ? 7.893   1.638   4.286   1.00 7.30   ? 131 PRO A CG  1 
ATOM   1044 C  CD  . PRO A 1 131 ? 8.590   1.359   2.985   1.00 7.92   ? 131 PRO A CD  1 
ATOM   1045 N  N   . GLN A 1 132 ? 9.108   6.027   3.653   1.00 5.34   ? 132 GLN A N   1 
ATOM   1046 C  CA  . GLN A 1 132 ? 10.078  7.124   3.726   1.00 5.04   ? 132 GLN A CA  1 
ATOM   1047 C  C   . GLN A 1 132 ? 11.274  6.783   4.624   1.00 5.13   ? 132 GLN A C   1 
ATOM   1048 O  O   . GLN A 1 132 ? 12.414  7.179   4.338   1.00 6.13   ? 132 GLN A O   1 
ATOM   1049 C  CB  . GLN A 1 132 ? 9.399   8.421   4.200   1.00 4.91   ? 132 GLN A CB  1 
ATOM   1050 C  CG  . GLN A 1 132 ? 10.280  9.681   4.024   1.00 5.74   ? 132 GLN A CG  1 
ATOM   1051 C  CD  . GLN A 1 132 ? 10.652  9.886   2.565   1.00 9.03   ? 132 GLN A CD  1 
ATOM   1052 O  OE1 . GLN A 1 132 ? 9.777   9.993   1.698   1.00 9.61   ? 132 GLN A OE1 1 
ATOM   1053 N  NE2 . GLN A 1 132 ? 11.951  9.940   2.289   1.00 9.40   ? 132 GLN A NE2 1 
ATOM   1054 N  N   . ALA A 1 133 ? 11.025  6.067   5.722   1.00 4.97   ? 133 ALA A N   1 
ATOM   1055 C  CA  . ALA A 1 133 ? 12.113  5.740   6.663   1.00 5.54   ? 133 ALA A CA  1 
ATOM   1056 C  C   . ALA A 1 133 ? 13.117  4.787   6.017   1.00 6.34   ? 133 ALA A C   1 
ATOM   1057 O  O   . ALA A 1 133 ? 14.306  4.812   6.341   1.00 5.98   ? 133 ALA A O   1 
ATOM   1058 C  CB  . ALA A 1 133 ? 11.571  5.142   7.973   1.00 6.18   ? 133 ALA A CB  1 
ATOM   1059 N  N   . VAL A 1 134 ? 12.625  3.971   5.080   1.00 7.02   ? 134 VAL A N   1 
ATOM   1060 C  CA  . VAL A 1 134 ? 13.482  3.046   4.328   1.00 8.37   ? 134 VAL A CA  1 
ATOM   1061 C  C   . VAL A 1 134 ? 14.262  3.794   3.245   1.00 8.27   ? 134 VAL A C   1 
ATOM   1062 O  O   . VAL A 1 134 ? 15.467  3.609   3.109   1.00 8.44   ? 134 VAL A O   1 
ATOM   1063 C  CB  . VAL A 1 134 ? 12.693  1.858   3.756   1.00 8.99   ? 134 VAL A CB  1 
ATOM   1064 C  CG1 . VAL A 1 134 ? 13.625  0.943   2.975   1.00 9.88   ? 134 VAL A CG1 1 
ATOM   1065 C  CG2 . VAL A 1 134 ? 12.048  1.093   4.898   1.00 9.26   ? 134 VAL A CG2 1 
ATOM   1066 N  N   . LEU A 1 135 ? 13.571  4.649   2.491   1.00 8.63   ? 135 LEU A N   1 
ATOM   1067 C  CA  . LEU A 1 135 ? 14.246  5.550   1.557   1.00 9.93   ? 135 LEU A CA  1 
ATOM   1068 C  C   . LEU A 1 135 ? 15.347  6.319   2.270   1.00 10.08  ? 135 LEU A C   1 
ATOM   1069 O  O   . LEU A 1 135 ? 16.483  6.395   1.779   1.00 11.30  ? 135 LEU A O   1 
ATOM   1070 C  CB  . LEU A 1 135 ? 13.259  6.523   0.897   1.00 9.85   ? 135 LEU A CB  1 
ATOM   1071 C  CG  . LEU A 1 135 ? 12.100  5.860   0.147   1.00 11.00  ? 135 LEU A CG  1 
ATOM   1072 C  CD1 . LEU A 1 135 ? 11.196  6.908   -0.493  1.00 12.28  ? 135 LEU A CD1 1 
ATOM   1073 C  CD2 . LEU A 1 135 ? 12.605  4.857   -0.896  1.00 14.53  ? 135 LEU A CD2 1 
ATOM   1074 N  N   . ASP A 1 136 ? 15.016  6.879   3.437   1.00 9.82   ? 136 ASP A N   1 
ATOM   1075 C  CA  . ASP A 1 136 ? 15.976  7.656   4.232   1.00 9.36   ? 136 ASP A CA  1 
ATOM   1076 C  C   . ASP A 1 136 ? 17.174  6.826   4.706   1.00 9.51   ? 136 ASP A C   1 
ATOM   1077 O  O   . ASP A 1 136 ? 18.311  7.304   4.686   1.00 9.64   ? 136 ASP A O   1 
ATOM   1078 C  CB  . ASP A 1 136 ? 15.292  8.288   5.453   1.00 8.54   ? 136 ASP A CB  1 
ATOM   1079 C  CG  . ASP A 1 136 ? 14.360  9.433   5.093   1.00 8.45   ? 136 ASP A CG  1 
ATOM   1080 O  OD1 . ASP A 1 136 ? 14.208  9.747   3.890   1.00 7.35   ? 136 ASP A OD1 1 
ATOM   1081 O  OD2 . ASP A 1 136 ? 13.812  10.054  6.041   1.00 6.89   ? 136 ASP A OD2 1 
ATOM   1082 N  N   . GLY A 1 137 ? 16.908  5.596   5.141   1.00 10.37  ? 137 GLY A N   1 
ATOM   1083 C  CA  . GLY A 1 137 ? 17.951  4.749   5.716   1.00 12.01  ? 137 GLY A CA  1 
ATOM   1084 C  C   . GLY A 1 137 ? 18.961  4.279   4.692   1.00 13.46  ? 137 GLY A C   1 
ATOM   1085 O  O   . GLY A 1 137 ? 20.103  3.961   5.032   1.00 13.81  ? 137 GLY A O   1 
ATOM   1086 N  N   . GLY A 1 138 ? 18.522  4.210   3.434   1.00 15.08  ? 138 GLY A N   1 
ATOM   1087 C  CA  . GLY A 1 138 ? 19.377  3.774   2.336   1.00 16.72  ? 138 GLY A CA  1 
ATOM   1088 C  C   . GLY A 1 138 ? 19.734  2.293   2.384   1.00 17.64  ? 138 GLY A C   1 
ATOM   1089 O  O   . GLY A 1 138 ? 19.056  1.508   3.054   1.00 17.37  ? 138 GLY A O   1 
ATOM   1090 N  N   . PRO A 1 139 ? 20.818  1.911   1.680   1.00 18.50  ? 139 PRO A N   1 
ATOM   1091 C  CA  . PRO A 1 139 ? 21.256  0.519   1.514   1.00 19.00  ? 139 PRO A CA  1 
ATOM   1092 C  C   . PRO A 1 139 ? 21.315  -0.289  2.816   1.00 19.28  ? 139 PRO A C   1 
ATOM   1093 O  O   . PRO A 1 139 ? 20.860  -1.433  2.846   1.00 19.47  ? 139 PRO A O   1 
ATOM   1094 C  CB  . PRO A 1 139 ? 22.651  0.671   0.906   1.00 18.96  ? 139 PRO A CB  1 
ATOM   1095 C  CG  . PRO A 1 139 ? 22.561  1.937   0.126   1.00 19.72  ? 139 PRO A CG  1 
ATOM   1096 C  CD  . PRO A 1 139 ? 21.699  2.849   0.955   1.00 18.36  ? 139 PRO A CD  1 
ATOM   1097 N  N   . GLN A 1 140 ? 21.840  0.311   3.882   1.00 19.49  ? 140 GLN A N   1 
ATOM   1098 C  CA  . GLN A 1 140 ? 21.988  -0.390  5.162   1.00 19.71  ? 140 GLN A CA  1 
ATOM   1099 C  C   . GLN A 1 140 ? 20.669  -0.683  5.877   1.00 19.38  ? 140 GLN A C   1 
ATOM   1100 O  O   . GLN A 1 140 ? 20.640  -1.489  6.804   1.00 19.66  ? 140 GLN A O   1 
ATOM   1101 C  CB  . GLN A 1 140 ? 22.905  0.388   6.100   1.00 20.03  ? 140 GLN A CB  1 
ATOM   1102 C  CG  . GLN A 1 140 ? 24.310  0.595   5.575   1.00 22.00  ? 140 GLN A CG  1 
ATOM   1103 C  CD  . GLN A 1 140 ? 25.296  0.857   6.687   1.00 24.18  ? 140 GLN A CD  1 
ATOM   1104 O  OE1 . GLN A 1 140 ? 25.680  2.002   6.937   1.00 25.66  ? 140 GLN A OE1 1 
ATOM   1105 N  NE2 . GLN A 1 140 ? 25.705  -0.204  7.375   1.00 25.24  ? 140 GLN A NE2 1 
ATOM   1106 N  N   . ALA A 1 141 ? 19.594  -0.014  5.463   1.00 18.53  ? 141 ALA A N   1 
ATOM   1107 C  CA  . ALA A 1 141 ? 18.277  -0.219  6.065   1.00 18.03  ? 141 ALA A CA  1 
ATOM   1108 C  C   . ALA A 1 141 ? 17.481  -1.266  5.297   1.00 17.87  ? 141 ALA A C   1 
ATOM   1109 O  O   . ALA A 1 141 ? 16.479  -1.781  5.808   1.00 16.54  ? 141 ALA A O   1 
ATOM   1110 C  CB  . ALA A 1 141 ? 17.506  1.092   6.121   1.00 18.21  ? 141 ALA A CB  1 
ATOM   1111 N  N   . LEU A 1 142 ? 17.930  -1.569  4.074   1.00 18.17  ? 142 LEU A N   1 
ATOM   1112 C  CA  . LEU A 1 142 ? 17.232  -2.518  3.196   1.00 18.79  ? 142 LEU A CA  1 
ATOM   1113 C  C   . LEU A 1 142 ? 17.077  -3.883  3.826   1.00 18.01  ? 142 LEU A C   1 
ATOM   1114 O  O   . LEU A 1 142 ? 16.004  -4.472  3.761   1.00 18.34  ? 142 LEU A O   1 
ATOM   1115 C  CB  . LEU A 1 142 ? 17.921  -2.649  1.832   1.00 19.11  ? 142 LEU A CB  1 
ATOM   1116 C  CG  . LEU A 1 142 ? 17.504  -1.690  0.712   1.00 20.14  ? 142 LEU A CG  1 
ATOM   1117 C  CD1 . LEU A 1 142 ? 18.262  -1.998  -0.579  1.00 19.39  ? 142 LEU A CD1 1 
ATOM   1118 C  CD2 . LEU A 1 142 ? 15.998  -1.730  0.479   1.00 19.34  ? 142 LEU A CD2 1 
ATOM   1119 N  N   . ALA A 1 143 ? 18.152  -4.374  4.446   1.00 17.52  ? 143 ALA A N   1 
ATOM   1120 C  CA  . ALA A 1 143 ? 18.134  -5.659  5.117   1.00 16.69  ? 143 ALA A CA  1 
ATOM   1121 C  C   . ALA A 1 143 ? 16.975  -5.762  6.102   1.00 15.64  ? 143 ALA A C   1 
ATOM   1122 O  O   . ALA A 1 143 ? 16.175  -6.686  6.016   1.00 15.67  ? 143 ALA A O   1 
ATOM   1123 C  CB  . ALA A 1 143 ? 19.478  -5.935  5.812   1.00 17.38  ? 143 ALA A CB  1 
ATOM   1124 N  N   . ALA A 1 144 ? 16.882  -4.795  7.018   1.00 13.93  ? 144 ALA A N   1 
ATOM   1125 C  CA  . ALA A 1 144 ? 15.820  -4.772  8.028   1.00 13.03  ? 144 ALA A CA  1 
ATOM   1126 C  C   . ALA A 1 144 ? 14.445  -4.604  7.387   1.00 12.36  ? 144 ALA A C   1 
ATOM   1127 O  O   . ALA A 1 144 ? 13.468  -5.232  7.799   1.00 12.45  ? 144 ALA A O   1 
ATOM   1128 C  CB  . ALA A 1 144 ? 16.063  -3.656  9.015   1.00 12.11  ? 144 ALA A CB  1 
ATOM   1129 N  N   . TYR A 1 145 ? 14.378  -3.749  6.375   1.00 11.90  ? 145 TYR A N   1 
ATOM   1130 C  CA  . TYR A 1 145 ? 13.159  -3.596  5.592   1.00 11.54  ? 145 TYR A CA  1 
ATOM   1131 C  C   . TYR A 1 145 ? 12.694  -4.906  4.921   1.00 12.24  ? 145 TYR A C   1 
ATOM   1132 O  O   . TYR A 1 145 ? 11.526  -5.287  5.057   1.00 11.72  ? 145 TYR A O   1 
ATOM   1133 C  CB  . TYR A 1 145 ? 13.339  -2.482  4.565   1.00 10.56  ? 145 TYR A CB  1 
ATOM   1134 C  CG  . TYR A 1 145 ? 12.331  -2.511  3.449   1.00 9.55   ? 145 TYR A CG  1 
ATOM   1135 C  CD1 . TYR A 1 145 ? 11.006  -2.139  3.674   1.00 9.10   ? 145 TYR A CD1 1 
ATOM   1136 C  CD2 . TYR A 1 145 ? 12.707  -2.907  2.170   1.00 7.70   ? 145 TYR A CD2 1 
ATOM   1137 C  CE1 . TYR A 1 145 ? 10.073  -2.164  2.638   1.00 8.02   ? 145 TYR A CE1 1 
ATOM   1138 C  CE2 . TYR A 1 145 ? 11.780  -2.935  1.128   1.00 8.70   ? 145 TYR A CE2 1 
ATOM   1139 C  CZ  . TYR A 1 145 ? 10.468  -2.563  1.377   1.00 9.68   ? 145 TYR A CZ  1 
ATOM   1140 O  OH  . TYR A 1 145 ? 9.543   -2.575  0.351   1.00 9.79   ? 145 TYR A OH  1 
ATOM   1141 N  N   . LYS A 1 146 ? 13.606  -5.582  4.208   1.00 13.38  ? 146 LYS A N   1 
ATOM   1142 C  CA  . LYS A 1 146 ? 13.276  -6.833  3.487   1.00 15.22  ? 146 LYS A CA  1 
ATOM   1143 C  C   . LYS A 1 146 ? 12.891  -7.933  4.475   1.00 15.03  ? 146 LYS A C   1 
ATOM   1144 O  O   . LYS A 1 146 ? 12.196  -8.897  4.124   1.00 16.00  ? 146 LYS A O   1 
ATOM   1145 C  CB  . LYS A 1 146 ? 14.441  -7.302  2.610   1.00 15.25  ? 146 LYS A CB  1 
ATOM   1146 C  CG  . LYS A 1 146 ? 14.664  -6.506  1.330   1.00 17.29  ? 146 LYS A CG  1 
ATOM   1147 C  CD  . LYS A 1 146 ? 15.953  -6.950  0.628   1.00 17.98  ? 146 LYS A CD  1 
ATOM   1148 C  CE  . LYS A 1 146 ? 16.340  -6.022  -0.519  1.00 22.55  ? 146 LYS A CE  1 
ATOM   1149 N  NZ  . LYS A 1 146 ? 17.722  -6.346  -0.988  1.00 24.56  ? 146 LYS A NZ  1 
ATOM   1150 N  N   . ALA A 1 147 ? 13.346  -7.775  5.715   1.00 15.47  ? 147 ALA A N   1 
ATOM   1151 C  CA  . ALA A 1 147 ? 12.968  -8.642  6.819   1.00 15.67  ? 147 ALA A CA  1 
ATOM   1152 C  C   . ALA A 1 147 ? 11.662  -8.241  7.522   1.00 15.37  ? 147 ALA A C   1 
ATOM   1153 O  O   . ALA A 1 147 ? 11.239  -8.904  8.468   1.00 15.98  ? 147 ALA A O   1 
ATOM   1154 C  CB  . ALA A 1 147 ? 14.114  -8.738  7.828   1.00 15.80  ? 147 ALA A CB  1 
ATOM   1155 N  N   . GLY A 1 148 ? 11.031  -7.146  7.092   1.00 14.61  ? 148 GLY A N   1 
ATOM   1156 C  CA  . GLY A 1 148 ? 9.771   -6.722  7.707   1.00 13.55  ? 148 GLY A CA  1 
ATOM   1157 C  C   . GLY A 1 148 ? 9.826   -5.753  8.885   1.00 13.13  ? 148 GLY A C   1 
ATOM   1158 O  O   . GLY A 1 148 ? 8.817   -5.519  9.559   1.00 12.51  ? 148 GLY A O   1 
ATOM   1159 N  N   . ASP A 1 149 ? 10.976  -5.142  9.126   1.00 12.45  ? 149 ASP A N   1 
ATOM   1160 C  CA  . ASP A 1 149 ? 11.091  -4.278  10.297  1.00 12.72  ? 149 ASP A CA  1 
ATOM   1161 C  C   . ASP A 1 149 ? 10.428  -2.896  10.139  1.00 12.23  ? 149 ASP A C   1 
ATOM   1162 O  O   . ASP A 1 149 ? 10.354  -2.134  11.103  1.00 12.64  ? 149 ASP A O   1 
ATOM   1163 C  CB  . ASP A 1 149 ? 12.553  -4.155  10.747  1.00 13.09  ? 149 ASP A CB  1 
ATOM   1164 C  CG  . ASP A 1 149 ? 13.137  -5.484  11.231  1.00 15.02  ? 149 ASP A CG  1 
ATOM   1165 O  OD1 . ASP A 1 149 ? 12.368  -6.423  11.524  1.00 16.69  ? 149 ASP A OD1 1 
ATOM   1166 O  OD2 . ASP A 1 149 ? 14.377  -5.579  11.327  1.00 19.44  ? 149 ASP A OD2 1 
ATOM   1167 N  N   . TYR A 1 150 ? 9.932   -2.594  8.937   1.00 11.44  ? 150 TYR A N   1 
ATOM   1168 C  CA  . TYR A 1 150 ? 9.303   -1.297  8.660   1.00 10.94  ? 150 TYR A CA  1 
ATOM   1169 C  C   . TYR A 1 150 ? 7.857   -1.431  8.163   1.00 10.53  ? 150 TYR A C   1 
ATOM   1170 O  O   . TYR A 1 150 ? 7.350   -0.538  7.475   1.00 9.64   ? 150 TYR A O   1 
ATOM   1171 C  CB  . TYR A 1 150 ? 10.121  -0.512  7.632   1.00 10.76  ? 150 TYR A CB  1 
ATOM   1172 C  CG  . TYR A 1 150 ? 11.468  -0.032  8.109   1.00 11.65  ? 150 TYR A CG  1 
ATOM   1173 C  CD1 . TYR A 1 150 ? 12.591  -0.848  8.021   1.00 12.39  ? 150 TYR A CD1 1 
ATOM   1174 C  CD2 . TYR A 1 150 ? 11.626  1.261   8.610   1.00 10.01  ? 150 TYR A CD2 1 
ATOM   1175 C  CE1 . TYR A 1 150 ? 13.833  -0.410  8.427   1.00 12.05  ? 150 TYR A CE1 1 
ATOM   1176 C  CE2 . TYR A 1 150 ? 12.875  1.720   9.030   1.00 10.73  ? 150 TYR A CE2 1 
ATOM   1177 C  CZ  . TYR A 1 150 ? 13.973  0.876   8.944   1.00 11.49  ? 150 TYR A CZ  1 
ATOM   1178 O  OH  . TYR A 1 150 ? 15.205  1.327   9.356   1.00 12.87  ? 150 TYR A OH  1 
ATOM   1179 N  N   . LEU A 1 151 ? 7.185   -2.527  8.524   1.00 10.19  ? 151 LEU A N   1 
ATOM   1180 C  CA  . LEU A 1 151 ? 5.782   -2.700  8.142   1.00 10.72  ? 151 LEU A CA  1 
ATOM   1181 C  C   . LEU A 1 151 ? 4.885   -1.603  8.689   1.00 10.47  ? 151 LEU A C   1 
ATOM   1182 O  O   . LEU A 1 151 ? 4.049   -1.068  7.959   1.00 10.48  ? 151 LEU A O   1 
ATOM   1183 C  CB  . LEU A 1 151 ? 5.238   -4.062  8.581   1.00 11.48  ? 151 LEU A CB  1 
ATOM   1184 C  CG  . LEU A 1 151 ? 5.622   -5.277  7.748   1.00 13.15  ? 151 LEU A CG  1 
ATOM   1185 C  CD1 . LEU A 1 151 ? 4.827   -5.407  6.487   1.00 11.59  ? 151 LEU A CD1 1 
ATOM   1186 C  CD2 . LEU A 1 151 ? 7.070   -5.286  7.418   1.00 15.76  ? 151 LEU A CD2 1 
ATOM   1187 N  N   . GLU A 1 152 ? 5.058   -1.253  9.962   1.00 9.85   ? 152 GLU A N   1 
ATOM   1188 C  CA  . GLU A 1 152 ? 4.234   -0.210  10.558  1.00 10.52  ? 152 GLU A CA  1 
ATOM   1189 C  C   . GLU A 1 152 ? 4.411   1.132   9.818   1.00 10.37  ? 152 GLU A C   1 
ATOM   1190 O  O   . GLU A 1 152 ? 3.468   1.927   9.725   1.00 11.10  ? 152 GLU A O   1 
ATOM   1191 C  CB  . GLU A 1 152 ? 4.575   -0.034  12.033  1.00 10.88  ? 152 GLU A CB  1 
ATOM   1192 C  CG  . GLU A 1 152 ? 5.962   0.520   12.267  1.00 14.19  ? 152 GLU A CG  1 
ATOM   1193 C  CD  . GLU A 1 152 ? 6.376   0.472   13.720  1.00 18.36  ? 152 GLU A CD  1 
ATOM   1194 O  OE1 . GLU A 1 152 ? 6.177   -0.581  14.368  1.00 19.93  ? 152 GLU A OE1 1 
ATOM   1195 O  OE2 . GLU A 1 152 ? 6.913   1.489   14.205  1.00 20.58  ? 152 GLU A OE2 1 
ATOM   1196 N  N   . HIS A 1 153 ? 5.615   1.358   9.292   1.00 10.19  ? 153 HIS A N   1 
ATOM   1197 C  CA  . HIS A 1 153 ? 5.939   2.624   8.610   1.00 9.73   ? 153 HIS A CA  1 
ATOM   1198 C  C   . HIS A 1 153 ? 5.161   2.819   7.310   1.00 9.44   ? 153 HIS A C   1 
ATOM   1199 O  O   . HIS A 1 153 ? 4.859   3.971   6.938   1.00 9.17   ? 153 HIS A O   1 
ATOM   1200 C  CB  . HIS A 1 153 ? 7.441   2.731   8.324   1.00 9.97   ? 153 HIS A CB  1 
ATOM   1201 C  CG  . HIS A 1 153 ? 8.301   2.624   9.543   1.00 10.41  ? 153 HIS A CG  1 
ATOM   1202 N  ND1 . HIS A 1 153 ? 8.461   1.443   10.237  1.00 10.95  ? 153 HIS A ND1 1 
ATOM   1203 C  CD2 . HIS A 1 153 ? 9.065   3.543   10.181  1.00 10.88  ? 153 HIS A CD2 1 
ATOM   1204 C  CE1 . HIS A 1 153 ? 9.278   1.642   11.256  1.00 10.76  ? 153 HIS A CE1 1 
ATOM   1205 N  NE2 . HIS A 1 153 ? 9.664   2.907   11.243  1.00 11.37  ? 153 HIS A NE2 1 
ATOM   1206 N  N   . ALA A 1 154 ? 4.840   1.722   6.618   1.00 8.55   ? 154 ALA A N   1 
ATOM   1207 C  CA  . ALA A 1 154 ? 4.028   1.829   5.410   1.00 8.10   ? 154 ALA A CA  1 
ATOM   1208 C  C   . ALA A 1 154 ? 2.654   2.385   5.793   1.00 8.19   ? 154 ALA A C   1 
ATOM   1209 O  O   . ALA A 1 154 ? 2.116   3.268   5.111   1.00 8.43   ? 154 ALA A O   1 
ATOM   1210 C  CB  . ALA A 1 154 ? 3.894   0.456   4.725   1.00 7.96   ? 154 ALA A CB  1 
ATOM   1211 N  N   . ILE A 1 155 ? 2.109   1.884   6.900   1.00 8.08   ? 155 ILE A N   1 
ATOM   1212 C  CA  . ILE A 1 155 ? 0.827   2.351   7.416   1.00 8.06   ? 155 ILE A CA  1 
ATOM   1213 C  C   . ILE A 1 155 ? 0.915   3.816   7.831   1.00 7.76   ? 155 ILE A C   1 
ATOM   1214 O  O   . ILE A 1 155 ? 0.046   4.621   7.471   1.00 8.34   ? 155 ILE A O   1 
ATOM   1215 C  CB  . ILE A 1 155 ? 0.335   1.488   8.599   1.00 7.93   ? 155 ILE A CB  1 
ATOM   1216 C  CG1 . ILE A 1 155 ? 0.137   0.023   8.150   1.00 7.76   ? 155 ILE A CG1 1 
ATOM   1217 C  CG2 . ILE A 1 155 ? -0.957  2.055   9.176   1.00 8.77   ? 155 ILE A CG2 1 
ATOM   1218 C  CD1 . ILE A 1 155 ? -0.101  -0.956  9.318   1.00 8.37   ? 155 ILE A CD1 1 
ATOM   1219 N  N   . GLY A 1 156 ? 1.964   4.155   8.588   1.00 7.38   ? 156 GLY A N   1 
ATOM   1220 C  CA  . GLY A 1 156 ? 2.185   5.538   9.053   1.00 7.40   ? 156 GLY A CA  1 
ATOM   1221 C  C   . GLY A 1 156 ? 2.292   6.525   7.903   1.00 7.68   ? 156 GLY A C   1 
ATOM   1222 O  O   . GLY A 1 156 ? 1.722   7.617   7.966   1.00 7.90   ? 156 GLY A O   1 
ATOM   1223 N  N   . ASP A 1 157 ? 3.010   6.144   6.846   1.00 7.11   ? 157 ASP A N   1 
ATOM   1224 C  CA  . ASP A 1 157 ? 3.162   7.041   5.698   1.00 6.93   ? 157 ASP A CA  1 
ATOM   1225 C  C   . ASP A 1 157 ? 1.801   7.338   5.057   1.00 6.85   ? 157 ASP A C   1 
ATOM   1226 O  O   . ASP A 1 157 ? 1.500   8.485   4.700   1.00 6.85   ? 157 ASP A O   1 
ATOM   1227 C  CB  . ASP A 1 157 ? 4.083   6.450   4.626   1.00 7.26   ? 157 ASP A CB  1 
ATOM   1228 C  CG  . ASP A 1 157 ? 5.563   6.491   4.997   1.00 7.78   ? 157 ASP A CG  1 
ATOM   1229 O  OD1 . ASP A 1 157 ? 5.929   6.843   6.155   1.00 8.42   ? 157 ASP A OD1 1 
ATOM   1230 O  OD2 . ASP A 1 157 ? 6.359   6.150   4.090   1.00 8.09   ? 157 ASP A OD2 1 
ATOM   1231 N  N   . VAL A 1 158 ? 0.987   6.297   4.868   1.00 7.31   ? 158 VAL A N   1 
ATOM   1232 C  CA  . VAL A 1 158 ? -0.332  6.486   4.250   1.00 8.45   ? 158 VAL A CA  1 
ATOM   1233 C  C   . VAL A 1 158 ? -1.237  7.303   5.172   1.00 9.01   ? 158 VAL A C   1 
ATOM   1234 O  O   . VAL A 1 158 ? -1.954  8.195   4.707   1.00 8.97   ? 158 VAL A O   1 
ATOM   1235 C  CB  . VAL A 1 158 ? -0.970  5.135   3.868   1.00 8.84   ? 158 VAL A CB  1 
ATOM   1236 C  CG1 . VAL A 1 158 ? -2.448  5.297   3.544   1.00 8.87   ? 158 VAL A CG1 1 
ATOM   1237 C  CG2 . VAL A 1 158 ? -0.210  4.546   2.677   1.00 9.14   ? 158 VAL A CG2 1 
ATOM   1238 N  N   . LEU A 1 159 ? -1.186  7.028   6.476   1.00 9.20   ? 159 LEU A N   1 
ATOM   1239 C  CA  . LEU A 1 159 ? -1.983  7.817   7.418   1.00 9.74   ? 159 LEU A CA  1 
ATOM   1240 C  C   . LEU A 1 159 ? -1.591  9.290   7.392   1.00 10.23  ? 159 LEU A C   1 
ATOM   1241 O  O   . LEU A 1 159 ? -2.467  10.153  7.497   1.00 11.34  ? 159 LEU A O   1 
ATOM   1242 C  CB  . LEU A 1 159 ? -1.911  7.273   8.855   1.00 10.28  ? 159 LEU A CB  1 
ATOM   1243 C  CG  . LEU A 1 159 ? -2.590  5.916   9.080   1.00 11.63  ? 159 LEU A CG  1 
ATOM   1244 C  CD1 . LEU A 1 159 ? -2.671  5.566   10.555  1.00 11.94  ? 159 LEU A CD1 1 
ATOM   1245 C  CD2 . LEU A 1 159 ? -3.977  5.804   8.416   1.00 15.92  ? 159 LEU A CD2 1 
ATOM   1246 N  N   . ALA A 1 160 ? -0.298  9.587   7.245   1.00 10.26  ? 160 ALA A N   1 
ATOM   1247 C  CA  . ALA A 1 160 ? 0.153   10.992  7.182   1.00 10.52  ? 160 ALA A CA  1 
ATOM   1248 C  C   . ALA A 1 160 ? -0.486  11.731  6.009   1.00 10.74  ? 160 ALA A C   1 
ATOM   1249 O  O   . ALA A 1 160 ? -0.847  12.906  6.123   1.00 10.50  ? 160 ALA A O   1 
ATOM   1250 C  CB  . ALA A 1 160 ? 1.678   11.094  7.100   1.00 10.02  ? 160 ALA A CB  1 
ATOM   1251 N  N   . ILE A 1 161 ? -0.623  11.044  4.878   1.00 10.91  ? 161 ILE A N   1 
ATOM   1252 C  CA  . ILE A 1 161 ? -1.302  11.641  3.726   1.00 12.19  ? 161 ILE A CA  1 
ATOM   1253 C  C   . ILE A 1 161 ? -2.748  11.975  4.068   1.00 13.28  ? 161 ILE A C   1 
ATOM   1254 O  O   . ILE A 1 161 ? -3.194  13.108  3.831   1.00 13.85  ? 161 ILE A O   1 
ATOM   1255 C  CB  . ILE A 1 161 ? -1.240  10.728  2.484   1.00 12.03  ? 161 ILE A CB  1 
ATOM   1256 C  CG1 . ILE A 1 161 ? 0.193   10.654  1.965   1.00 13.21  ? 161 ILE A CG1 1 
ATOM   1257 C  CG2 . ILE A 1 161 ? -2.204  11.227  1.389   1.00 12.00  ? 161 ILE A CG2 1 
ATOM   1258 C  CD1 . ILE A 1 161 ? 0.463   9.427   1.108   1.00 12.12  ? 161 ILE A CD1 1 
ATOM   1259 N  N   . ILE A 1 162 ? -3.472  11.005  4.624   1.00 14.82  ? 162 ILE A N   1 
ATOM   1260 C  CA  . ILE A 1 162 ? -4.862  11.207  5.051   1.00 16.18  ? 162 ILE A CA  1 
ATOM   1261 C  C   . ILE A 1 162 ? -4.978  12.345  6.078   1.00 17.27  ? 162 ILE A C   1 
ATOM   1262 O  O   . ILE A 1 162 ? -5.863  13.199  5.965   1.00 17.62  ? 162 ILE A O   1 
ATOM   1263 C  CB  . ILE A 1 162 ? -5.478  9.903   5.603   1.00 15.90  ? 162 ILE A CB  1 
ATOM   1264 C  CG1 . ILE A 1 162 ? -5.558  8.837   4.497   1.00 15.48  ? 162 ILE A CG1 1 
ATOM   1265 C  CG2 . ILE A 1 162 ? -6.858  10.166  6.202   1.00 17.26  ? 162 ILE A CG2 1 
ATOM   1266 C  CD1 . ILE A 1 162 ? -5.875  7.440   4.997   1.00 15.80  ? 162 ILE A CD1 1 
ATOM   1267 N  N   . GLU A 1 163 ? -4.067  12.368  7.050   1.00 18.04  ? 163 GLU A N   1 
ATOM   1268 C  CA  . GLU A 1 163 ? -4.053  13.386  8.114   1.00 19.34  ? 163 GLU A CA  1 
ATOM   1269 C  C   . GLU A 1 163 ? -3.698  14.785  7.616   1.00 20.40  ? 163 GLU A C   1 
ATOM   1270 O  O   . GLU A 1 163 ? -4.227  15.791  8.119   1.00 20.57  ? 163 GLU A O   1 
ATOM   1271 C  CB  . GLU A 1 163 ? -3.072  12.969  9.208   1.00 19.04  ? 163 GLU A CB  1 
ATOM   1272 C  CG  . GLU A 1 163 ? -3.535  11.773  10.005  1.00 18.72  ? 163 GLU A CG  1 
ATOM   1273 C  CD  . GLU A 1 163 ? -2.397  10.999  10.664  1.00 17.82  ? 163 GLU A CD  1 
ATOM   1274 O  OE1 . GLU A 1 163 ? -1.208  11.276  10.396  1.00 18.25  ? 163 GLU A OE1 1 
ATOM   1275 O  OE2 . GLU A 1 163 ? -2.699  10.093  11.455  1.00 19.44  ? 163 GLU A OE2 1 
ATOM   1276 N  N   . GLY A 1 164 ? -2.785  14.850  6.647   1.00 21.59  ? 164 GLY A N   1 
ATOM   1277 C  CA  . GLY A 1 164 ? -2.336  16.121  6.082   1.00 23.70  ? 164 GLY A CA  1 
ATOM   1278 C  C   . GLY A 1 164 ? -3.412  16.810  5.263   1.00 25.06  ? 164 GLY A C   1 
ATOM   1279 O  O   . GLY A 1 164 ? -3.387  18.034  5.093   1.00 25.40  ? 164 GLY A O   1 
ATOM   1280 N  N   . ALA A 1 165 ? -4.367  16.025  4.768   1.00 26.29  ? 165 ALA A N   1 
ATOM   1281 C  CA  . ALA A 1 165 ? -5.470  16.544  3.967   1.00 27.71  ? 165 ALA A CA  1 
ATOM   1282 C  C   . ALA A 1 165 ? -6.618  17.075  4.839   1.00 28.72  ? 165 ALA A C   1 
ATOM   1283 O  O   . ALA A 1 165 ? -7.785  16.705  4.654   1.00 29.38  ? 165 ALA A O   1 
ATOM   1284 C  CB  . ALA A 1 165 ? -5.960  15.483  2.980   1.00 27.51  ? 165 ALA A CB  1 
ATOM   1285 N  N   . ALA A 1 166 ? -6.262  17.936  5.792   1.00 29.66  ? 166 ALA A N   1 
ATOM   1286 C  CA  . ALA A 1 166 ? -7.210  18.694  6.625   1.00 30.29  ? 166 ALA A CA  1 
ATOM   1287 C  C   . ALA A 1 166 ? -8.258  17.834  7.337   1.00 30.66  ? 166 ALA A C   1 
ATOM   1288 O  O   . ALA A 1 166 ? -9.158  18.359  8.002   1.00 31.15  ? 166 ALA A O   1 
ATOM   1289 C  CB  . ALA A 1 166 ? -7.882  19.809  5.802   1.00 30.40  ? 166 ALA A CB  1 
HETATM 1290 MG MG  . MG  B 2 .   ? -13.278 -10.684 -3.355  1.00 6.28   ? 301 MG  A MG  1 
HETATM 1291 O  O   . HOH C 3 .   ? 1.785   -6.054  -15.398 0.50 3.90   ? 302 HOH A O   1 
HETATM 1292 O  O   . HOH C 3 .   ? -5.056  -4.191  -14.032 1.00 3.90   ? 303 HOH A O   1 
HETATM 1293 O  O   . HOH C 3 .   ? -11.344 -8.789  -6.503  1.00 6.58   ? 304 HOH A O   1 
HETATM 1294 O  O   . HOH C 3 .   ? -2.114  -11.109 -8.353  1.00 9.22   ? 305 HOH A O   1 
HETATM 1295 O  O   . HOH C 3 .   ? 4.765   -4.181  -16.710 0.50 11.03  ? 306 HOH A O   1 
HETATM 1296 O  O   . HOH C 3 .   ? -8.612  -5.166  -0.676  1.00 7.68   ? 307 HOH A O   1 
HETATM 1297 O  O   . HOH C 3 .   ? -9.473  -8.648  0.596   1.00 8.79   ? 308 HOH A O   1 
HETATM 1298 O  O   . HOH C 3 .   ? 0.209   -13.321 -9.900  1.00 7.74   ? 309 HOH A O   1 
HETATM 1299 O  O   . HOH C 3 .   ? 7.658   -1.856  5.043   1.00 10.58  ? 310 HOH A O   1 
HETATM 1300 O  O   . HOH C 3 .   ? -13.393 -10.540 -1.192  1.00 6.40   ? 311 HOH A O   1 
HETATM 1301 O  O   . HOH C 3 .   ? 1.050   15.325  -13.804 1.00 8.35   ? 312 HOH A O   1 
HETATM 1302 O  O   . HOH C 3 .   ? -10.285 10.531  -12.381 1.00 10.65  ? 313 HOH A O   1 
HETATM 1303 O  O   . HOH C 3 .   ? -14.419 0.287   -14.356 1.00 11.36  ? 314 HOH A O   1 
HETATM 1304 O  O   . HOH C 3 .   ? -2.285  -18.963 -7.076  1.00 7.38   ? 315 HOH A O   1 
HETATM 1305 O  O   . HOH C 3 .   ? 7.699   1.226   -15.725 1.00 14.48  ? 316 HOH A O   1 
HETATM 1306 O  O   . HOH C 3 .   ? 7.046   6.229   -0.563  1.00 9.01   ? 317 HOH A O   1 
HETATM 1307 O  O   . HOH C 3 .   ? -4.294  -6.889  -10.077 1.00 8.43   ? 318 HOH A O   1 
HETATM 1308 O  O   . HOH C 3 .   ? 9.325   -1.787  -9.142  1.00 11.22  ? 319 HOH A O   1 
HETATM 1309 O  O   . HOH C 3 .   ? 9.463   -3.785  6.362   1.00 12.10  ? 320 HOH A O   1 
HETATM 1310 O  O   . HOH C 3 .   ? 7.900   -1.988  -18.386 0.50 9.85   ? 321 HOH A O   1 
HETATM 1311 O  O   . HOH C 3 .   ? -7.083  -15.141 -6.718  1.00 8.51   ? 322 HOH A O   1 
HETATM 1312 O  O   . HOH C 3 .   ? 3.002   -22.111 -6.981  1.00 14.99  ? 323 HOH A O   1 
HETATM 1313 O  O   . HOH C 3 .   ? 6.163   7.435   1.685   1.00 11.71  ? 324 HOH A O   1 
HETATM 1314 O  O   . HOH C 3 .   ? 8.463   -14.878 -7.276  1.00 12.89  ? 325 HOH A O   1 
HETATM 1315 O  O   . HOH C 3 .   ? -1.626  -7.048  -10.141 1.00 10.51  ? 326 HOH A O   1 
HETATM 1316 O  O   . HOH C 3 .   ? 12.482  8.687   7.996   1.00 8.99   ? 327 HOH A O   1 
HETATM 1317 O  O   . HOH C 3 .   ? -12.713 9.149   -10.609 1.00 12.21  ? 328 HOH A O   1 
HETATM 1318 O  O   . HOH C 3 .   ? -14.463 -12.357 -3.330  1.00 5.18   ? 329 HOH A O   1 
HETATM 1319 O  O   . HOH C 3 .   ? -14.975 -9.437  -3.326  1.00 6.81   ? 330 HOH A O   1 
HETATM 1320 O  O   . HOH C 3 .   ? -9.728  -14.738 -7.297  0.50 11.47  ? 331 HOH A O   1 
HETATM 1321 O  O   . HOH C 3 .   ? 0.173   -9.970  -9.237  1.00 9.05   ? 332 HOH A O   1 
HETATM 1322 O  O   . HOH C 3 .   ? 1.870   14.930  -11.214 1.00 9.73   ? 333 HOH A O   1 
HETATM 1323 O  O   . HOH C 3 .   ? 7.991   8.414   -2.029  1.00 14.04  ? 334 HOH A O   1 
HETATM 1324 O  O   . HOH C 3 .   ? -7.181  -5.268  -12.570 1.00 11.19  ? 335 HOH A O   1 
HETATM 1325 O  O   . HOH C 3 .   ? 0.807   6.721   -19.046 1.00 15.32  ? 336 HOH A O   1 
HETATM 1326 O  O   . HOH C 3 .   ? 8.437   5.816   6.846   1.00 10.13  ? 337 HOH A O   1 
HETATM 1327 O  O   . HOH C 3 .   ? 5.908   6.593   9.006   1.00 12.94  ? 338 HOH A O   1 
HETATM 1328 O  O   . HOH C 3 .   ? 8.058   -13.152 4.543   1.00 15.02  ? 339 HOH A O   1 
HETATM 1329 O  O   . HOH C 3 .   ? 10.335  5.562   -4.052  1.00 16.14  ? 340 HOH A O   1 
HETATM 1330 O  O   . HOH C 3 .   ? -0.270  13.955  -9.596  1.00 12.62  ? 341 HOH A O   1 
HETATM 1331 O  O   . HOH C 3 .   ? 10.104  -2.555  -6.640  1.00 13.27  ? 342 HOH A O   1 
HETATM 1332 O  O   . HOH C 3 .   ? -5.905  1.582   -18.313 1.00 17.84  ? 343 HOH A O   1 
HETATM 1333 O  O   . HOH C 3 .   ? 3.347   10.029  3.366   1.00 12.94  ? 344 HOH A O   1 
HETATM 1334 O  O   . HOH C 3 .   ? 3.581   8.203   1.256   1.00 13.00  ? 345 HOH A O   1 
HETATM 1335 O  O   . HOH C 3 .   ? 5.903   4.487   -9.289  1.00 16.52  ? 346 HOH A O   1 
HETATM 1336 O  O   . HOH C 3 .   ? 2.080   12.360  -1.235  1.00 14.71  ? 347 HOH A O   1 
HETATM 1337 O  O   . HOH C 3 .   ? -2.278  -8.341  5.715   1.00 15.18  ? 348 HOH A O   1 
HETATM 1338 O  O   . HOH C 3 .   ? -6.364  -15.056 -0.593  1.00 16.16  ? 349 HOH A O   1 
HETATM 1339 O  O   . HOH C 3 .   ? 1.756   -10.965 -11.452 1.00 10.32  ? 350 HOH A O   1 
HETATM 1340 O  O   . HOH C 3 .   ? 0.185   13.075  -5.691  1.00 16.30  ? 351 HOH A O   1 
HETATM 1341 O  O   . HOH C 3 .   ? 6.585   9.399   6.670   1.00 15.66  ? 352 HOH A O   1 
HETATM 1342 O  O   . HOH C 3 .   ? -6.053  -7.750  -12.119 1.00 10.37  ? 353 HOH A O   1 
HETATM 1343 O  O   . HOH C 3 .   ? 3.004   -1.531  -20.002 1.00 18.99  ? 354 HOH A O   1 
HETATM 1344 O  O   . HOH C 3 .   ? -13.097 11.039  2.111   1.00 16.45  ? 355 HOH A O   1 
HETATM 1345 O  O   . HOH C 3 .   ? 10.247  -5.235  -7.304  1.00 16.43  ? 356 HOH A O   1 
HETATM 1346 O  O   . HOH C 3 .   ? 6.838   9.850   2.183   1.00 18.07  ? 357 HOH A O   1 
HETATM 1347 O  O   . HOH C 3 .   ? -1.475  -8.988  -12.443 1.00 18.03  ? 358 HOH A O   1 
HETATM 1348 O  O   . HOH C 3 .   ? -5.749  7.261   -15.887 1.00 14.54  ? 359 HOH A O   1 
HETATM 1349 O  O   . HOH C 3 .   ? 5.029   4.921   11.198  1.00 19.92  ? 360 HOH A O   1 
HETATM 1350 O  O   . HOH C 3 .   ? -1.043  8.215   -17.764 1.00 19.59  ? 361 HOH A O   1 
HETATM 1351 O  O   . HOH C 3 .   ? -4.454  -9.335  -9.011  1.00 15.62  ? 362 HOH A O   1 
HETATM 1352 O  O   . HOH C 3 .   ? 8.756   6.521   -8.648  1.00 26.63  ? 363 HOH A O   1 
HETATM 1353 O  O   . HOH C 3 .   ? -1.085  -15.563 1.978   1.00 20.17  ? 364 HOH A O   1 
HETATM 1354 O  O   . HOH C 3 .   ? -15.740 7.658   -13.473 1.00 20.24  ? 365 HOH A O   1 
HETATM 1355 O  O   . HOH C 3 .   ? -3.562  1.193   -24.304 1.00 20.04  ? 366 HOH A O   1 
HETATM 1356 O  O   . HOH C 3 .   ? 9.654   10.214  -0.970  1.00 16.91  ? 367 HOH A O   1 
HETATM 1357 O  O   . HOH C 3 .   ? -16.496 1.587   -13.287 1.00 18.17  ? 368 HOH A O   1 
HETATM 1358 O  O   . HOH C 3 .   ? -16.415 -3.979  -11.813 1.00 17.61  ? 369 HOH A O   1 
HETATM 1359 O  O   . HOH C 3 .   ? 3.337   14.300  -17.606 1.00 21.42  ? 370 HOH A O   1 
HETATM 1360 O  O   . HOH C 3 .   ? 8.133   -18.118 0.573   1.00 19.06  ? 371 HOH A O   1 
HETATM 1361 O  O   . HOH C 3 .   ? 4.148   4.422   -19.873 1.00 26.23  ? 372 HOH A O   1 
HETATM 1362 O  O   . HOH C 3 .   ? -11.179 11.163  8.135   1.00 21.40  ? 373 HOH A O   1 
HETATM 1363 O  O   . HOH C 3 .   ? -8.253  -8.440  3.089   1.00 19.00  ? 374 HOH A O   1 
HETATM 1364 O  O   . HOH C 3 .   ? -0.994  -15.019 7.822   1.00 24.12  ? 375 HOH A O   1 
HETATM 1365 O  O   . HOH C 3 .   ? -10.802 -10.122 -8.726  1.00 15.78  ? 376 HOH A O   1 
HETATM 1366 O  O   . HOH C 3 .   ? 5.666   -21.569 -5.662  1.00 18.94  ? 377 HOH A O   1 
HETATM 1367 O  O   . HOH C 3 .   ? 18.223  -7.194  2.411   0.50 24.98  ? 378 HOH A O   1 
HETATM 1368 O  O   . HOH C 3 .   ? -7.752  3.578   -20.548 1.00 18.19  ? 379 HOH A O   1 
HETATM 1369 O  O   . HOH C 3 .   ? 9.276   -3.420  -11.447 1.00 18.42  ? 380 HOH A O   1 
HETATM 1370 O  O   . HOH C 3 .   ? 9.881   5.443   13.561  1.00 25.34  ? 381 HOH A O   1 
HETATM 1371 O  O   . HOH C 3 .   ? 18.873  7.592   1.511   1.00 21.96  ? 382 HOH A O   1 
HETATM 1372 O  O   . HOH C 3 .   ? -12.691 -2.684  -6.704  1.00 21.29  ? 383 HOH A O   1 
HETATM 1373 O  O   . HOH C 3 .   ? 0.901   1.757   -23.010 1.00 26.61  ? 384 HOH A O   1 
HETATM 1374 O  O   . HOH C 3 .   ? 5.477   9.920   -2.049  1.00 14.54  ? 385 HOH A O   1 
HETATM 1375 O  O   . HOH C 3 .   ? 5.780   10.637  4.488   1.00 21.18  ? 386 HOH A O   1 
HETATM 1376 O  O   . HOH C 3 .   ? 7.268   -11.557 15.893  1.00 29.92  ? 387 HOH A O   1 
HETATM 1377 O  O   . HOH C 3 .   ? 8.841   -12.969 7.375   1.00 25.00  ? 388 HOH A O   1 
HETATM 1378 O  O   . HOH C 3 .   ? 2.506   6.808   14.627  1.00 29.68  ? 389 HOH A O   1 
HETATM 1379 O  O   . HOH C 3 .   ? -2.653  15.564  -4.987  1.00 25.04  ? 390 HOH A O   1 
HETATM 1380 O  O   . HOH C 3 .   ? -11.171 -3.856  -3.375  1.00 22.01  ? 391 HOH A O   1 
HETATM 1381 O  O   . HOH C 3 .   ? -14.836 2.904   -8.005  1.00 26.12  ? 392 HOH A O   1 
HETATM 1382 O  O   . HOH C 3 .   ? -13.354 3.269   1.213   1.00 23.46  ? 393 HOH A O   1 
HETATM 1383 O  O   . HOH C 3 .   ? 20.660  3.201   7.745   1.00 26.69  ? 394 HOH A O   1 
HETATM 1384 O  O   . HOH C 3 .   ? -3.421  -21.612 -1.736  1.00 26.21  ? 395 HOH A O   1 
HETATM 1385 O  O   . HOH C 3 .   ? 5.854   11.535  -17.235 1.00 22.21  ? 396 HOH A O   1 
HETATM 1386 O  O   . HOH C 3 .   ? 10.491  -12.901 2.692   1.00 23.36  ? 397 HOH A O   1 
HETATM 1387 O  O   . HOH C 3 .   ? 0.366   14.454  -0.399  1.00 22.75  ? 398 HOH A O   1 
HETATM 1388 O  O   . HOH C 3 .   ? 12.504  -11.366 3.901   1.00 25.26  ? 399 HOH A O   1 
HETATM 1389 O  O   . HOH C 3 .   ? 3.398   11.805  1.289   1.00 21.94  ? 400 HOH A O   1 
HETATM 1390 O  O   . HOH C 3 .   ? -10.569 4.261   -20.529 1.00 19.96  ? 401 HOH A O   1 
HETATM 1391 O  O   . HOH C 3 .   ? -16.263 -2.112  -13.990 1.00 31.23  ? 402 HOH A O   1 
HETATM 1392 O  O   . HOH C 3 .   ? 4.522   -19.752 5.568   1.00 32.56  ? 403 HOH A O   1 
HETATM 1393 O  O   . HOH C 3 .   ? 5.896   12.805  -10.529 1.00 23.28  ? 404 HOH A O   1 
HETATM 1394 O  O   . HOH C 3 .   ? 10.631  5.303   -6.998  1.00 33.95  ? 405 HOH A O   1 
HETATM 1395 O  O   . HOH C 3 .   ? 2.604   10.727  -23.998 1.00 32.40  ? 406 HOH A O   1 
HETATM 1396 O  O   . HOH C 3 .   ? -12.631 -6.418  -6.718  1.00 17.90  ? 407 HOH A O   1 
HETATM 1397 O  O   . HOH C 3 .   ? 8.586   12.181  -16.605 1.00 27.41  ? 408 HOH A O   1 
HETATM 1398 O  O   . HOH C 3 .   ? 5.737   11.064  -4.455  1.00 22.76  ? 409 HOH A O   1 
HETATM 1399 O  O   . HOH C 3 .   ? 11.933  -9.546  1.007   1.00 31.04  ? 410 HOH A O   1 
HETATM 1400 O  O   . HOH C 3 .   ? -1.821  -11.496 -11.185 1.00 26.77  ? 411 HOH A O   1 
HETATM 1401 O  O   . HOH C 3 .   ? 5.808   11.703  0.288   1.00 22.21  ? 412 HOH A O   1 
HETATM 1402 O  O   . HOH C 3 .   ? -2.074  -21.302 -5.810  1.00 20.05  ? 413 HOH A O   1 
HETATM 1403 O  O   . HOH C 3 .   ? 7.234   2.733   -18.019 1.00 28.81  ? 414 HOH A O   1 
HETATM 1404 O  O   . HOH C 3 .   ? -4.512  -19.682 -0.381  1.00 28.06  ? 415 HOH A O   1 
HETATM 1405 O  O   . HOH C 3 .   ? 15.400  9.679   1.373   1.00 25.21  ? 416 HOH A O   1 
HETATM 1406 O  O   . HOH C 3 .   ? 15.721  3.945   8.493   1.00 30.43  ? 417 HOH A O   1 
HETATM 1407 O  O   . HOH C 3 .   ? -1.537  15.128  2.381   1.00 29.72  ? 418 HOH A O   1 
HETATM 1408 O  O   . HOH C 3 .   ? 19.098  -3.199  7.695   1.00 38.36  ? 419 HOH A O   1 
HETATM 1409 O  O   . HOH C 3 .   ? 12.377  3.499   -3.802  1.00 30.49  ? 420 HOH A O   1 
HETATM 1410 O  O   . HOH C 3 .   ? -13.109 7.464   -18.525 1.00 30.62  ? 421 HOH A O   1 
HETATM 1411 O  O   . HOH C 3 .   ? -10.750 -6.138  0.569   1.00 22.45  ? 422 HOH A O   1 
HETATM 1412 O  O   . HOH C 3 .   ? -11.165 11.407  -14.976 1.00 25.44  ? 423 HOH A O   1 
HETATM 1413 O  O   . HOH C 3 .   ? -5.454  2.596   -24.572 1.00 22.45  ? 424 HOH A O   1 
HETATM 1414 O  O   . HOH C 3 .   ? 10.711  -11.543 8.425   1.00 36.46  ? 425 HOH A O   1 
HETATM 1415 O  O   . HOH C 3 .   ? 17.314  -8.961  5.271   1.00 34.03  ? 426 HOH A O   1 
HETATM 1416 O  O   . HOH C 3 .   ? 10.245  0.326   -15.339 1.00 28.29  ? 427 HOH A O   1 
HETATM 1417 O  O   . HOH C 3 .   ? -11.493 -4.418  5.701   1.00 27.01  ? 428 HOH A O   1 
HETATM 1418 O  O   . HOH C 3 .   ? -4.776  -12.703 9.205   1.00 24.97  ? 429 HOH A O   1 
HETATM 1419 O  O   . HOH C 3 .   ? 5.925   10.237  -6.982  1.00 26.42  ? 430 HOH A O   1 
HETATM 1420 O  O   . HOH C 3 .   ? 8.824   -13.612 -3.966  1.00 28.99  ? 431 HOH A O   1 
HETATM 1421 O  O   . HOH C 3 .   ? -3.315  7.821   -19.795 1.00 32.06  ? 432 HOH A O   1 
HETATM 1422 O  O   . HOH C 3 .   ? 6.278   -10.454 19.030  1.00 31.16  ? 433 HOH A O   1 
HETATM 1423 O  O   . HOH C 3 .   ? 2.811   0.872   -21.557 1.00 28.56  ? 434 HOH A O   1 
HETATM 1424 O  O   . HOH C 3 .   ? -20.013 0.767   -10.923 1.00 16.89  ? 435 HOH A O   1 
HETATM 1425 O  O   . HOH C 3 .   ? 12.245  -12.414 6.358   0.50 35.07  ? 436 HOH A O   1 
HETATM 1426 O  O   . HOH C 3 .   ? -3.480  2.916   20.999  1.00 67.84  ? 437 HOH A O   1 
HETATM 1427 O  O   . HOH C 3 .   ? -12.196 -4.663  -0.734  1.00 41.96  ? 438 HOH A O   1 
HETATM 1428 O  O   . HOH C 3 .   ? -15.081 -0.588  1.318   1.00 42.66  ? 439 HOH A O   1 
HETATM 1429 O  O   . HOH C 3 .   ? 2.777   -21.054 0.698   1.00 29.28  ? 440 HOH A O   1 
HETATM 1430 O  O   . HOH C 3 .   ? 22.558  3.071   4.253   1.00 35.00  ? 441 HOH A O   1 
HETATM 1431 O  O   . HOH C 3 .   ? -14.530 17.240  -3.796  1.00 41.24  ? 442 HOH A O   1 
HETATM 1432 O  O   . HOH C 3 .   ? 15.493  2.136   -0.693  1.00 37.38  ? 443 HOH A O   1 
HETATM 1433 O  O   . HOH C 3 .   ? 8.985   -16.558 -4.934  1.00 28.74  ? 444 HOH A O   1 
HETATM 1434 O  O   . HOH C 3 .   ? -13.977 1.941   -0.923  1.00 33.46  ? 445 HOH A O   1 
HETATM 1435 O  O   . HOH C 3 .   ? -2.689  -14.353 9.842   1.00 60.22  ? 446 HOH A O   1 
HETATM 1436 O  O   . HOH C 3 .   ? 16.938  5.309   -0.685  1.00 40.71  ? 447 HOH A O   1 
HETATM 1437 O  O   . HOH C 3 .   ? -15.388 -0.333  -3.314  1.00 46.76  ? 448 HOH A O   1 
HETATM 1438 O  O   . HOH C 3 .   ? 9.989   -2.228  -15.991 1.00 36.03  ? 449 HOH A O   1 
HETATM 1439 O  O   . HOH C 3 .   ? -12.846 3.742   -19.059 1.00 33.73  ? 450 HOH A O   1 
HETATM 1440 O  O   . HOH C 3 .   ? 15.325  -10.264 0.926   1.00 36.17  ? 451 HOH A O   1 
HETATM 1441 O  O   . HOH C 3 .   ? -0.668  9.296   17.641  1.00 30.45  ? 452 HOH A O   1 
HETATM 1442 O  O   . HOH C 3 .   ? -14.690 1.872   3.250   1.00 37.48  ? 453 HOH A O   1 
HETATM 1443 O  O   . HOH C 3 .   ? -5.723  1.994   -20.905 1.00 31.50  ? 454 HOH A O   1 
HETATM 1444 O  O   . HOH C 3 .   ? -13.350 -6.961  -4.522  1.00 26.92  ? 455 HOH A O   1 
HETATM 1445 O  O   . HOH C 3 .   ? -1.773  -14.214 12.796  1.00 37.02  ? 456 HOH A O   1 
HETATM 1446 O  O   . HOH C 3 .   ? -14.082 2.167   11.208  1.00 33.77  ? 457 HOH A O   1 
HETATM 1447 O  O   . HOH C 3 .   ? -7.066  5.915   -22.328 1.00 48.83  ? 458 HOH A O   1 
HETATM 1448 O  O   . HOH C 3 .   ? 9.590   8.199   -4.123  1.00 31.93  ? 459 HOH A O   1 
HETATM 1449 O  O   . HOH C 3 .   ? -15.023 -3.650  -7.300  1.00 37.08  ? 460 HOH A O   1 
HETATM 1450 O  O   . HOH C 3 .   ? -15.351 9.719   -10.103 1.00 27.99  ? 461 HOH A O   1 
HETATM 1451 O  O   . HOH C 3 .   ? 13.316  10.784  -0.203  1.00 38.45  ? 462 HOH A O   1 
HETATM 1452 O  O   . HOH C 3 .   ? -11.913 13.243  3.353   1.00 33.52  ? 463 HOH A O   1 
HETATM 1453 O  O   . HOH C 3 .   ? -9.982  16.440  -0.621  1.00 33.29  ? 464 HOH A O   1 
HETATM 1454 O  O   . HOH C 3 .   ? -8.632  7.422   -24.180 1.00 43.78  ? 465 HOH A O   1 
HETATM 1455 O  O   . HOH C 3 .   ? -3.703  11.176  -19.095 1.00 35.73  ? 466 HOH A O   1 
HETATM 1456 O  O   . HOH C 3 .   ? 6.876   3.979   13.123  1.00 34.95  ? 467 HOH A O   1 
HETATM 1457 O  O   . HOH C 3 .   ? -9.952  15.332  10.677  1.00 63.83  ? 468 HOH A O   1 
HETATM 1458 O  O   . HOH C 3 .   ? -11.560 10.112  -17.366 1.00 33.71  ? 469 HOH A O   1 
HETATM 1459 O  O   . HOH C 3 .   ? -8.848  -9.607  10.090  1.00 35.89  ? 470 HOH A O   1 
HETATM 1460 O  O   . HOH C 3 .   ? 10.837  -17.593 -1.785  1.00 66.18  ? 471 HOH A O   1 
HETATM 1461 O  O   . HOH C 3 .   ? -15.723 11.849  2.401   1.00 39.61  ? 472 HOH A O   1 
HETATM 1462 O  O   . HOH C 3 .   ? 17.401  -0.419  9.851   1.00 33.36  ? 473 HOH A O   1 
HETATM 1463 O  O   . HOH C 3 .   ? 3.152   -25.530 -3.704  1.00 31.48  ? 474 HOH A O   1 
HETATM 1464 O  O   . HOH C 3 .   ? -14.535 -3.127  -4.127  0.50 45.78  ? 475 HOH A O   1 
HETATM 1465 O  O   . HOH C 3 .   ? -17.390 4.040   -16.770 1.00 34.69  ? 476 HOH A O   1 
HETATM 1466 O  O   . HOH C 3 .   ? 16.677  1.551   1.847   1.00 41.27  ? 477 HOH A O   1 
HETATM 1467 O  O   . HOH C 3 .   ? 9.665   -12.907 -6.208  1.00 27.33  ? 478 HOH A O   1 
HETATM 1468 O  O   . HOH C 3 .   ? -7.419  12.789  -21.596 1.00 45.74  ? 479 HOH A O   1 
HETATM 1469 O  O   . HOH C 3 .   ? 10.622  -5.382  13.494  1.00 40.59  ? 480 HOH A O   1 
HETATM 1470 O  O   . HOH C 3 .   ? 2.738   13.027  -3.787  1.00 59.25  ? 481 HOH A O   1 
HETATM 1471 O  O   . HOH C 3 .   ? 10.272  -15.448 2.582   1.00 42.40  ? 482 HOH A O   1 
HETATM 1472 O  O   . HOH C 3 .   ? 1.546   -24.215 -5.432  1.00 30.71  ? 483 HOH A O   1 
HETATM 1473 O  O   . HOH C 3 .   ? 19.109  3.786   -1.068  1.00 46.51  ? 484 HOH A O   1 
HETATM 1474 O  O   . HOH C 3 .   ? -10.524 -6.303  3.460   1.00 34.99  ? 485 HOH A O   1 
HETATM 1475 O  O   . HOH C 3 .   ? 13.538  -9.090  -1.080  1.00 48.55  ? 486 HOH A O   1 
HETATM 1476 O  O   . HOH C 3 .   ? 8.263   8.880   -7.391  1.00 30.60  ? 487 HOH A O   1 
HETATM 1477 O  O   . HOH C 3 .   ? -18.665 -0.411  -8.691  1.00 60.56  ? 488 HOH A O   1 
HETATM 1478 O  O   . HOH C 3 .   ? -15.752 2.268   -3.828  1.00 51.48  ? 489 HOH A O   1 
HETATM 1479 O  O   . HOH C 3 .   ? -5.106  9.895   12.105  1.00 32.83  ? 490 HOH A O   1 
HETATM 1480 O  O   . HOH C 3 .   ? 19.758  1.236   9.257   1.00 43.17  ? 491 HOH A O   1 
HETATM 1481 O  O   . HOH C 3 .   ? -9.809  -12.759 -9.079  1.00 26.54  ? 492 HOH A O   1 
HETATM 1482 O  O   . HOH C 3 .   ? 0.285   -9.506  19.065  1.00 46.51  ? 493 HOH A O   1 
HETATM 1483 O  O   . HOH C 3 .   ? 7.208   11.083  -20.007 1.00 39.65  ? 494 HOH A O   1 
HETATM 1484 O  O   . HOH C 3 .   ? 10.231  -0.423  -18.545 0.50 27.73  ? 495 HOH A O   1 
HETATM 1485 O  O   . HOH C 3 .   ? 9.153   12.507  -13.994 1.00 37.69  ? 496 HOH A O   1 
HETATM 1486 O  O   . HOH C 3 .   ? 13.061  0.511   -8.274  1.00 39.74  ? 497 HOH A O   1 
HETATM 1487 O  O   . HOH C 3 .   ? 11.296  -4.485  -12.113 1.00 34.76  ? 498 HOH A O   1 
HETATM 1488 O  O   . HOH C 3 .   ? -0.166  -18.990 2.618   1.00 25.08  ? 499 HOH A O   1 
HETATM 1489 O  O   . HOH C 3 .   ? 2.061   -20.296 3.436   1.00 44.54  ? 500 HOH A O   1 
HETATM 1490 O  O   . HOH C 3 .   ? 2.708   -2.409  20.346  1.00 49.56  ? 501 HOH A O   1 
HETATM 1491 O  O   . HOH C 3 .   ? 10.142  -0.054  -12.792 1.00 45.27  ? 502 HOH A O   1 
HETATM 1492 O  O   . HOH C 3 .   ? -10.950 11.550  -9.948  1.00 26.86  ? 503 HOH A O   1 
HETATM 1493 O  O   . HOH C 3 .   ? -15.348 -1.242  -6.194  1.00 42.49  ? 504 HOH A O   1 
HETATM 1494 O  O   . HOH C 3 .   ? -12.879 10.338  15.000  1.00 60.67  ? 505 HOH A O   1 
HETATM 1495 O  O   . HOH C 3 .   ? -9.098  1.259   13.606  1.00 31.05  ? 506 HOH A O   1 
HETATM 1496 O  O   . HOH C 3 .   ? 1.003   11.026  16.257  1.00 32.04  ? 507 HOH A O   1 
HETATM 1497 O  O   . HOH C 3 .   ? 12.692  -0.432  12.411  1.00 60.60  ? 508 HOH A O   1 
HETATM 1498 O  O   . HOH C 3 .   ? -1.360  -21.994 -3.443  1.00 37.42  ? 509 HOH A O   1 
HETATM 1499 O  O   . HOH C 3 .   ? -1.654  12.119  14.011  1.00 53.82  ? 510 HOH A O   1 
HETATM 1500 O  O   . HOH C 3 .   ? 3.415   4.750   20.429  1.00 41.38  ? 511 HOH A O   1 
HETATM 1501 O  O   . HOH C 3 .   ? -0.430  11.110  -21.716 1.00 34.11  ? 512 HOH A O   1 
HETATM 1502 O  O   . HOH C 3 .   ? -9.422  13.908  -19.815 1.00 33.60  ? 513 HOH A O   1 
HETATM 1503 O  O   . HOH C 3 .   ? 6.067   -5.833  13.229  1.00 67.55  ? 514 HOH A O   1 
HETATM 1504 O  O   . HOH C 3 .   ? -8.183  13.762  4.888   1.00 33.76  ? 515 HOH A O   1 
HETATM 1505 O  O   . HOH C 3 .   ? 22.589  -4.725  6.365   1.00 57.15  ? 516 HOH A O   1 
HETATM 1506 O  O   . HOH C 3 .   ? 6.229   1.459   -20.366 1.00 50.31  ? 517 HOH A O   1 
HETATM 1507 O  O   . HOH C 3 .   ? -11.184 1.727   15.125  1.00 56.22  ? 518 HOH A O   1 
HETATM 1508 O  O   . HOH C 3 .   ? 20.903  -3.700  4.003   1.00 41.89  ? 519 HOH A O   1 
HETATM 1509 O  O   . HOH C 3 .   ? 1.935   6.303   -21.416 1.00 63.82  ? 520 HOH A O   1 
HETATM 1510 O  O   . HOH C 3 .   ? 7.117   -2.497  11.776  1.00 23.72  ? 521 HOH A O   1 
HETATM 1511 O  O   . HOH C 3 .   ? -13.991 -1.706  3.893   1.00 35.58  ? 522 HOH A O   1 
HETATM 1512 O  O   . HOH C 3 .   ? 12.806  -5.417  -3.965  1.00 43.69  ? 523 HOH A O   1 
HETATM 1513 O  O   . HOH C 3 .   ? 2.820   3.789   -22.566 1.00 35.96  ? 524 HOH A O   1 
HETATM 1514 O  O   . HOH C 3 .   ? -5.048  -10.741 4.636   1.00 22.28  ? 525 HOH A O   1 
HETATM 1515 O  O   . HOH C 3 .   ? -6.355  -11.574 6.883   1.00 34.10  ? 526 HOH A O   1 
HETATM 1516 O  O   . HOH C 3 .   ? -17.779 6.116   -12.762 1.00 33.74  ? 527 HOH A O   1 
HETATM 1517 O  O   . HOH C 3 .   ? -0.169  -20.553 0.077   1.00 32.83  ? 528 HOH A O   1 
HETATM 1518 O  O   . HOH C 3 .   ? 14.637  1.772   -6.263  1.00 60.38  ? 529 HOH A O   1 
HETATM 1519 O  O   . HOH C 3 .   ? -10.750 18.243  5.027   1.00 60.89  ? 530 HOH A O   1 
HETATM 1520 O  O   . HOH C 3 .   ? -18.191 6.359   5.980   1.00 58.93  ? 531 HOH A O   1 
HETATM 1521 O  O   . HOH C 3 .   ? 13.006  3.730   12.296  1.00 49.72  ? 532 HOH A O   1 
HETATM 1522 O  O   . HOH C 3 .   ? 14.605  5.139   10.701  1.00 37.19  ? 533 HOH A O   1 
HETATM 1523 O  O   . HOH C 3 .   ? -12.257 -4.042  8.224   1.00 86.00  ? 534 HOH A O   1 
HETATM 1524 O  O   . HOH C 3 .   ? -8.767  11.807  8.665   1.00 52.12  ? 535 HOH A O   1 
HETATM 1525 O  O   . HOH C 3 .   ? 13.071  -3.547  -8.466  1.00 20.47  ? 536 HOH A O   1 
HETATM 1526 O  O   . HOH C 3 .   ? -11.143 -1.909  4.821   1.00 49.49  ? 537 HOH A O   1 
HETATM 1527 O  O   . HOH C 3 .   ? -4.692  3.778   -22.543 1.00 35.59  ? 538 HOH A O   1 
HETATM 1528 O  O   . HOH C 3 .   ? -16.544 9.349   3.936   1.00 35.48  ? 539 HOH A O   1 
HETATM 1529 O  O   . HOH C 3 .   ? 9.297   -15.515 -2.354  1.00 49.93  ? 540 HOH A O   1 
HETATM 1530 O  O   . HOH C 3 .   ? 23.001  2.270   8.719   1.00 62.14  ? 541 HOH A O   1 
HETATM 1531 O  O   . HOH C 3 .   ? -11.596 -11.874 -3.163  1.00 5.28   ? 542 HOH A O   1 
HETATM 1532 O  O   . HOH C 3 .   ? -11.306 -2.962  2.564   1.00 27.21  ? 543 HOH A O   1 
HETATM 1533 O  O   . HOH C 3 .   ? 9.698   -12.943 -1.508  1.00 38.74  ? 544 HOH A O   1 
HETATM 1534 O  O   . HOH C 3 .   ? 8.693   -1.392  -11.309 1.00 30.63  ? 545 HOH A O   1 
HETATM 1535 O  O   . HOH C 3 .   ? -5.052  -10.571 -12.051 0.50 46.01  ? 546 HOH A O   1 
HETATM 1536 O  O   . HOH C 3 .   ? 9.417   6.468   -11.296 1.00 35.65  ? 547 HOH A O   1 
HETATM 1537 O  O   . HOH C 3 .   ? -16.025 8.805   -16.049 1.00 42.33  ? 548 HOH A O   1 
HETATM 1538 O  O   . HOH C 3 .   ? -7.585  4.230   -24.352 1.00 69.43  ? 549 HOH A O   1 
HETATM 1539 O  O   . HOH C 3 .   ? 9.765   9.019   -11.992 1.00 36.52  ? 550 HOH A O   1 
HETATM 1540 O  O   . HOH C 3 .   ? -1.400  -7.266  16.011  1.00 93.30  ? 551 HOH A O   1 
HETATM 1541 O  O   . HOH C 3 .   ? 7.687   5.078   -10.026 1.00 27.35  ? 552 HOH A O   1 
HETATM 1542 O  O   . HOH C 3 .   ? 13.026  -5.604  -1.231  1.00 47.61  ? 553 HOH A O   1 
HETATM 1543 O  O   . HOH C 3 .   ? -13.145 -10.586 -5.291  1.00 8.66   ? 554 HOH A O   1 
HETATM 1544 O  O   . HOH C 3 .   ? 5.220   -7.463  9.650   1.00 99.61  ? 555 HOH A O   1 
HETATM 1545 O  O   . HOH C 3 .   ? -9.070  14.913  7.910   1.00 59.11  ? 556 HOH A O   1 
HETATM 1546 O  O   . HOH C 3 .   ? -16.057 -3.756  -9.387  1.00 43.60  ? 557 HOH A O   1 
HETATM 1547 O  O   . HOH C 3 .   ? -0.541  -8.065  9.432   1.00 333.34 ? 558 HOH A O   1 
# 
